data_6VCP
# 
_entry.id   6VCP 
# 
_audit_conform.dict_name       mmcif_pdbx.dic 
_audit_conform.dict_version    5.380 
_audit_conform.dict_location   http://mmcif.pdb.org/dictionaries/ascii/mmcif_pdbx.dic 
# 
loop_
_database_2.database_id 
_database_2.database_code 
_database_2.pdbx_database_accession 
_database_2.pdbx_DOI 
PDB   6VCP         pdb_00006vcp 10.2210/pdb6vcp/pdb 
WWPDB D_1000245157 ?            ?                   
# 
loop_
_pdbx_database_related.db_name 
_pdbx_database_related.details 
_pdbx_database_related.db_id 
_pdbx_database_related.content_type 
PDB '6VCN contains the same protein in complex with ppcpG'           6VCN unspecified 
PDB '6VCO contains the same protein in complex with ppcpA'           6VCO unspecified 
PDB '6VCK contains the same protein in complex with DapF and GDP'    6VCK unspecified 
PDB '6VCL contains the same protein in complex with DapF and pppGpp' 6VCL unspecified 
PDB '6VCM contains the same protein in complex with DapF and GTP'    6VCM unspecified 
# 
_pdbx_database_status.status_code                     REL 
_pdbx_database_status.status_code_sf                  REL 
_pdbx_database_status.status_code_mr                  ? 
_pdbx_database_status.entry_id                        6VCP 
_pdbx_database_status.recvd_initial_deposition_date   2019-12-21 
_pdbx_database_status.SG_entry                        N 
_pdbx_database_status.deposit_site                    RCSB 
_pdbx_database_status.process_site                    RCSB 
_pdbx_database_status.status_code_cs                  ? 
_pdbx_database_status.status_code_nmr_data            ? 
_pdbx_database_status.methods_development_category    ? 
_pdbx_database_status.pdb_format_compatible           Y 
# 
loop_
_audit_author.name 
_audit_author.pdbx_ordinal 
_audit_author.identifier_ORCID 
'Gao, A.'      1 ? 
'Vasilyev, N.' 2 ? 
'Kaushik, A.'  3 ? 
'Duan, W.'     4 ? 
'Serganov, A.' 5 ? 
# 
_citation.abstract                  ? 
_citation.abstract_id_CAS           ? 
_citation.book_id_ISBN              ? 
_citation.book_publisher            ? 
_citation.book_publisher_city       ? 
_citation.book_title                ? 
_citation.coordinate_linkage        ? 
_citation.country                   UK 
_citation.database_id_Medline       ? 
_citation.details                   ? 
_citation.id                        primary 
_citation.journal_abbrev            'Nucleic Acids Res.' 
_citation.journal_id_ASTM           NARHAD 
_citation.journal_id_CSD            0389 
_citation.journal_id_ISSN           1362-4962 
_citation.journal_full              ? 
_citation.journal_issue             ? 
_citation.journal_volume            48 
_citation.language                  ? 
_citation.page_first                3776 
_citation.page_last                 3788 
_citation.title                     'Principles of RNA and nucleotide discrimination by the RNA processing enzyme RppH.' 
_citation.year                      2020 
_citation.database_id_CSD           ? 
_citation.pdbx_database_id_DOI      10.1093/nar/gkaa024 
_citation.pdbx_database_id_PubMed   31960065 
_citation.unpublished_flag          ? 
# 
loop_
_citation_author.citation_id 
_citation_author.name 
_citation_author.ordinal 
_citation_author.identifier_ORCID 
primary 'Gao, A.'      1 ? 
primary 'Vasilyev, N.' 2 ? 
primary 'Kaushik, A.'  3 ? 
primary 'Duan, W.'     4 ? 
primary 'Serganov, A.' 5 ? 
# 
_cell.angle_alpha                  90.000 
_cell.angle_alpha_esd              ? 
_cell.angle_beta                   101.007 
_cell.angle_beta_esd               ? 
_cell.angle_gamma                  90.000 
_cell.angle_gamma_esd              ? 
_cell.entry_id                     6VCP 
_cell.details                      ? 
_cell.formula_units_Z              ? 
_cell.length_a                     78.783 
_cell.length_a_esd                 ? 
_cell.length_b                     38.739 
_cell.length_b_esd                 ? 
_cell.length_c                     58.757 
_cell.length_c_esd                 ? 
_cell.volume                       176025.989 
_cell.volume_esd                   ? 
_cell.Z_PDB                        4 
_cell.reciprocal_angle_alpha       ? 
_cell.reciprocal_angle_beta        ? 
_cell.reciprocal_angle_gamma       ? 
_cell.reciprocal_angle_alpha_esd   ? 
_cell.reciprocal_angle_beta_esd    ? 
_cell.reciprocal_angle_gamma_esd   ? 
_cell.reciprocal_length_a          ? 
_cell.reciprocal_length_b          ? 
_cell.reciprocal_length_c          ? 
_cell.reciprocal_length_a_esd      ? 
_cell.reciprocal_length_b_esd      ? 
_cell.reciprocal_length_c_esd      ? 
_cell.pdbx_unique_axis             ? 
# 
_symmetry.entry_id                         6VCP 
_symmetry.cell_setting                     ? 
_symmetry.Int_Tables_number                5 
_symmetry.space_group_name_Hall            'C 2y' 
_symmetry.space_group_name_H-M             'C 1 2 1' 
_symmetry.pdbx_full_space_group_name_H-M   ? 
# 
loop_
_entity.id 
_entity.type 
_entity.src_method 
_entity.pdbx_description 
_entity.formula_weight 
_entity.pdbx_number_of_molecules 
_entity.pdbx_ec 
_entity.pdbx_mutation 
_entity.pdbx_fragment 
_entity.details 
1 polymer     man 'RNA pyrophosphohydrolase' 18965.773 1   3.6.1.- 'Q159A, E160A' ? ? 
2 non-polymer syn 
;URIDINE 5'-TRIPHOSPHATE
;
484.141   2   ?       ?              ? ? 
3 water       nat water                      18.015    151 ?       ?              ? ? 
# 
_entity_name_com.entity_id   1 
_entity_name_com.name        '(Di)nucleoside polyphosphate hydrolase,Ap5A pyrophosphatase' 
# 
_entity_poly.entity_id                      1 
_entity_poly.type                           'polypeptide(L)' 
_entity_poly.nstd_linkage                   no 
_entity_poly.nstd_monomer                   no 
_entity_poly.pdbx_seq_one_letter_code       
;SMIDDDGYRPNVGIVICNRQGQVMWARRFGQHSWQFPQGGINPGESAEQAMYRELFEEVGLSRKDVRILASTRNWLRYKL
PKRLVRWDTKPVCIGQKQKWFLLQLVSGDAEINMQTSSTPEFDGWRWVSYWYPVRQVVSFKRDVYRRVMKEFASVVMSLA
A
;
_entity_poly.pdbx_seq_one_letter_code_can   
;SMIDDDGYRPNVGIVICNRQGQVMWARRFGQHSWQFPQGGINPGESAEQAMYRELFEEVGLSRKDVRILASTRNWLRYKL
PKRLVRWDTKPVCIGQKQKWFLLQLVSGDAEINMQTSSTPEFDGWRWVSYWYPVRQVVSFKRDVYRRVMKEFASVVMSLA
A
;
_entity_poly.pdbx_strand_id                 A 
_entity_poly.pdbx_target_identifier         ? 
# 
loop_
_entity_poly_seq.entity_id 
_entity_poly_seq.num 
_entity_poly_seq.mon_id 
_entity_poly_seq.hetero 
1 1   SER n 
1 2   MET n 
1 3   ILE n 
1 4   ASP n 
1 5   ASP n 
1 6   ASP n 
1 7   GLY n 
1 8   TYR n 
1 9   ARG n 
1 10  PRO n 
1 11  ASN n 
1 12  VAL n 
1 13  GLY n 
1 14  ILE n 
1 15  VAL n 
1 16  ILE n 
1 17  CYS n 
1 18  ASN n 
1 19  ARG n 
1 20  GLN n 
1 21  GLY n 
1 22  GLN n 
1 23  VAL n 
1 24  MET n 
1 25  TRP n 
1 26  ALA n 
1 27  ARG n 
1 28  ARG n 
1 29  PHE n 
1 30  GLY n 
1 31  GLN n 
1 32  HIS n 
1 33  SER n 
1 34  TRP n 
1 35  GLN n 
1 36  PHE n 
1 37  PRO n 
1 38  GLN n 
1 39  GLY n 
1 40  GLY n 
1 41  ILE n 
1 42  ASN n 
1 43  PRO n 
1 44  GLY n 
1 45  GLU n 
1 46  SER n 
1 47  ALA n 
1 48  GLU n 
1 49  GLN n 
1 50  ALA n 
1 51  MET n 
1 52  TYR n 
1 53  ARG n 
1 54  GLU n 
1 55  LEU n 
1 56  PHE n 
1 57  GLU n 
1 58  GLU n 
1 59  VAL n 
1 60  GLY n 
1 61  LEU n 
1 62  SER n 
1 63  ARG n 
1 64  LYS n 
1 65  ASP n 
1 66  VAL n 
1 67  ARG n 
1 68  ILE n 
1 69  LEU n 
1 70  ALA n 
1 71  SER n 
1 72  THR n 
1 73  ARG n 
1 74  ASN n 
1 75  TRP n 
1 76  LEU n 
1 77  ARG n 
1 78  TYR n 
1 79  LYS n 
1 80  LEU n 
1 81  PRO n 
1 82  LYS n 
1 83  ARG n 
1 84  LEU n 
1 85  VAL n 
1 86  ARG n 
1 87  TRP n 
1 88  ASP n 
1 89  THR n 
1 90  LYS n 
1 91  PRO n 
1 92  VAL n 
1 93  CYS n 
1 94  ILE n 
1 95  GLY n 
1 96  GLN n 
1 97  LYS n 
1 98  GLN n 
1 99  LYS n 
1 100 TRP n 
1 101 PHE n 
1 102 LEU n 
1 103 LEU n 
1 104 GLN n 
1 105 LEU n 
1 106 VAL n 
1 107 SER n 
1 108 GLY n 
1 109 ASP n 
1 110 ALA n 
1 111 GLU n 
1 112 ILE n 
1 113 ASN n 
1 114 MET n 
1 115 GLN n 
1 116 THR n 
1 117 SER n 
1 118 SER n 
1 119 THR n 
1 120 PRO n 
1 121 GLU n 
1 122 PHE n 
1 123 ASP n 
1 124 GLY n 
1 125 TRP n 
1 126 ARG n 
1 127 TRP n 
1 128 VAL n 
1 129 SER n 
1 130 TYR n 
1 131 TRP n 
1 132 TYR n 
1 133 PRO n 
1 134 VAL n 
1 135 ARG n 
1 136 GLN n 
1 137 VAL n 
1 138 VAL n 
1 139 SER n 
1 140 PHE n 
1 141 LYS n 
1 142 ARG n 
1 143 ASP n 
1 144 VAL n 
1 145 TYR n 
1 146 ARG n 
1 147 ARG n 
1 148 VAL n 
1 149 MET n 
1 150 LYS n 
1 151 GLU n 
1 152 PHE n 
1 153 ALA n 
1 154 SER n 
1 155 VAL n 
1 156 VAL n 
1 157 MET n 
1 158 SER n 
1 159 LEU n 
1 160 ALA n 
1 161 ALA n 
# 
_entity_src_gen.entity_id                          1 
_entity_src_gen.pdbx_src_id                        1 
_entity_src_gen.pdbx_alt_source_flag               sample 
_entity_src_gen.pdbx_seq_type                      'Biological sequence' 
_entity_src_gen.pdbx_beg_seq_num                   1 
_entity_src_gen.pdbx_end_seq_num                   161 
_entity_src_gen.gene_src_common_name               ? 
_entity_src_gen.gene_src_genus                     ? 
_entity_src_gen.pdbx_gene_src_gene                 'rppH, nudH, ygdP, b2830, JW2798' 
_entity_src_gen.gene_src_species                   ? 
_entity_src_gen.gene_src_strain                    ? 
_entity_src_gen.gene_src_tissue                    ? 
_entity_src_gen.gene_src_tissue_fraction           ? 
_entity_src_gen.gene_src_details                   ? 
_entity_src_gen.pdbx_gene_src_fragment             ? 
_entity_src_gen.pdbx_gene_src_scientific_name      'Escherichia coli S88' 
_entity_src_gen.pdbx_gene_src_ncbi_taxonomy_id     585035 
_entity_src_gen.pdbx_gene_src_variant              ? 
_entity_src_gen.pdbx_gene_src_cell_line            ? 
_entity_src_gen.pdbx_gene_src_atcc                 ? 
_entity_src_gen.pdbx_gene_src_organ                ? 
_entity_src_gen.pdbx_gene_src_organelle            ? 
_entity_src_gen.pdbx_gene_src_cell                 ? 
_entity_src_gen.pdbx_gene_src_cellular_location    ? 
_entity_src_gen.host_org_common_name               ? 
_entity_src_gen.pdbx_host_org_scientific_name      'Escherichia coli BL21(DE3)' 
_entity_src_gen.pdbx_host_org_ncbi_taxonomy_id     469008 
_entity_src_gen.host_org_genus                     ? 
_entity_src_gen.pdbx_host_org_gene                 ? 
_entity_src_gen.pdbx_host_org_organ                ? 
_entity_src_gen.host_org_species                   ? 
_entity_src_gen.pdbx_host_org_tissue               ? 
_entity_src_gen.pdbx_host_org_tissue_fraction      ? 
_entity_src_gen.pdbx_host_org_strain               ? 
_entity_src_gen.pdbx_host_org_variant              ? 
_entity_src_gen.pdbx_host_org_cell_line            ? 
_entity_src_gen.pdbx_host_org_atcc                 ? 
_entity_src_gen.pdbx_host_org_culture_collection   ? 
_entity_src_gen.pdbx_host_org_cell                 ? 
_entity_src_gen.pdbx_host_org_organelle            ? 
_entity_src_gen.pdbx_host_org_cellular_location    ? 
_entity_src_gen.pdbx_host_org_vector_type          ? 
_entity_src_gen.pdbx_host_org_vector               ? 
_entity_src_gen.host_org_details                   ? 
_entity_src_gen.expression_system_id               ? 
_entity_src_gen.plasmid_name                       ? 
_entity_src_gen.plasmid_details                    ? 
_entity_src_gen.pdbx_description                   ? 
# 
_struct_ref.id                         1 
_struct_ref.db_name                    UNP 
_struct_ref.db_code                    RPPH_ECOLI 
_struct_ref.pdbx_db_accession          P0A776 
_struct_ref.pdbx_db_isoform            ? 
_struct_ref.entity_id                  1 
_struct_ref.pdbx_seq_one_letter_code   
;MIDDDGYRPNVGIVICNRQGQVMWARRFGQHSWQFPQGGINPGESAEQAMYRELFEEVGLSRKDVRILASTRNWLRYKLP
KRLVRWDTKPVCIGQKQKWFLLQLVSGDAEINMQTSSTPEFDGWRWVSYWYPVRQVVSFKRDVYRRVMKEFASVVMSLQE

;
_struct_ref.pdbx_align_begin           1 
# 
_struct_ref_seq.align_id                      1 
_struct_ref_seq.ref_id                        1 
_struct_ref_seq.pdbx_PDB_id_code              6VCP 
_struct_ref_seq.pdbx_strand_id                A 
_struct_ref_seq.seq_align_beg                 2 
_struct_ref_seq.pdbx_seq_align_beg_ins_code   ? 
_struct_ref_seq.seq_align_end                 161 
_struct_ref_seq.pdbx_seq_align_end_ins_code   ? 
_struct_ref_seq.pdbx_db_accession             P0A776 
_struct_ref_seq.db_align_beg                  1 
_struct_ref_seq.pdbx_db_align_beg_ins_code    ? 
_struct_ref_seq.db_align_end                  160 
_struct_ref_seq.pdbx_db_align_end_ins_code    ? 
_struct_ref_seq.pdbx_auth_seq_align_beg       1 
_struct_ref_seq.pdbx_auth_seq_align_end       160 
# 
loop_
_struct_ref_seq_dif.align_id 
_struct_ref_seq_dif.pdbx_pdb_id_code 
_struct_ref_seq_dif.mon_id 
_struct_ref_seq_dif.pdbx_pdb_strand_id 
_struct_ref_seq_dif.seq_num 
_struct_ref_seq_dif.pdbx_pdb_ins_code 
_struct_ref_seq_dif.pdbx_seq_db_name 
_struct_ref_seq_dif.pdbx_seq_db_accession_code 
_struct_ref_seq_dif.db_mon_id 
_struct_ref_seq_dif.pdbx_seq_db_seq_num 
_struct_ref_seq_dif.details 
_struct_ref_seq_dif.pdbx_auth_seq_num 
_struct_ref_seq_dif.pdbx_ordinal 
1 6VCP SER A 1   ? UNP P0A776 ?   ?   'expression tag'      0   1 
1 6VCP ALA A 160 ? UNP P0A776 GLN 159 'engineered mutation' 159 2 
1 6VCP ALA A 161 ? UNP P0A776 GLU 160 'engineered mutation' 160 3 
# 
loop_
_chem_comp.id 
_chem_comp.type 
_chem_comp.mon_nstd_flag 
_chem_comp.name 
_chem_comp.pdbx_synonyms 
_chem_comp.formula 
_chem_comp.formula_weight 
ALA 'L-peptide linking' y ALANINE                   ? 'C3 H7 N O2'       89.093  
ARG 'L-peptide linking' y ARGININE                  ? 'C6 H15 N4 O2 1'   175.209 
ASN 'L-peptide linking' y ASPARAGINE                ? 'C4 H8 N2 O3'      132.118 
ASP 'L-peptide linking' y 'ASPARTIC ACID'           ? 'C4 H7 N O4'       133.103 
CYS 'L-peptide linking' y CYSTEINE                  ? 'C3 H7 N O2 S'     121.158 
GLN 'L-peptide linking' y GLUTAMINE                 ? 'C5 H10 N2 O3'     146.144 
GLU 'L-peptide linking' y 'GLUTAMIC ACID'           ? 'C5 H9 N O4'       147.129 
GLY 'peptide linking'   y GLYCINE                   ? 'C2 H5 N O2'       75.067  
HIS 'L-peptide linking' y HISTIDINE                 ? 'C6 H10 N3 O2 1'   156.162 
HOH non-polymer         . WATER                     ? 'H2 O'             18.015  
ILE 'L-peptide linking' y ISOLEUCINE                ? 'C6 H13 N O2'      131.173 
LEU 'L-peptide linking' y LEUCINE                   ? 'C6 H13 N O2'      131.173 
LYS 'L-peptide linking' y LYSINE                    ? 'C6 H15 N2 O2 1'   147.195 
MET 'L-peptide linking' y METHIONINE                ? 'C5 H11 N O2 S'    149.211 
PHE 'L-peptide linking' y PHENYLALANINE             ? 'C9 H11 N O2'      165.189 
PRO 'L-peptide linking' y PROLINE                   ? 'C5 H9 N O2'       115.130 
SER 'L-peptide linking' y SERINE                    ? 'C3 H7 N O3'       105.093 
THR 'L-peptide linking' y THREONINE                 ? 'C4 H9 N O3'       119.119 
TRP 'L-peptide linking' y TRYPTOPHAN                ? 'C11 H12 N2 O2'    204.225 
TYR 'L-peptide linking' y TYROSINE                  ? 'C9 H11 N O3'      181.189 
UTP non-polymer         . 
;URIDINE 5'-TRIPHOSPHATE
;
? 'C9 H15 N2 O15 P3' 484.141 
VAL 'L-peptide linking' y VALINE                    ? 'C5 H11 N O2'      117.146 
# 
_exptl.absorpt_coefficient_mu     ? 
_exptl.absorpt_correction_T_max   ? 
_exptl.absorpt_correction_T_min   ? 
_exptl.absorpt_correction_type    ? 
_exptl.absorpt_process_details    ? 
_exptl.entry_id                   6VCP 
_exptl.crystals_number            1 
_exptl.details                    ? 
_exptl.method                     'X-RAY DIFFRACTION' 
_exptl.method_details             ? 
# 
_exptl_crystal.colour                      ? 
_exptl_crystal.density_diffrn              ? 
_exptl_crystal.density_Matthews            2.36 
_exptl_crystal.density_method              ? 
_exptl_crystal.density_percent_sol         47.96 
_exptl_crystal.description                 ? 
_exptl_crystal.F_000                       ? 
_exptl_crystal.id                          1 
_exptl_crystal.preparation                 ? 
_exptl_crystal.size_max                    ? 
_exptl_crystal.size_mid                    ? 
_exptl_crystal.size_min                    ? 
_exptl_crystal.size_rad                    ? 
_exptl_crystal.colour_lustre               ? 
_exptl_crystal.colour_modifier             ? 
_exptl_crystal.colour_primary              ? 
_exptl_crystal.density_meas                ? 
_exptl_crystal.density_meas_esd            ? 
_exptl_crystal.density_meas_gt             ? 
_exptl_crystal.density_meas_lt             ? 
_exptl_crystal.density_meas_temp           ? 
_exptl_crystal.density_meas_temp_esd       ? 
_exptl_crystal.density_meas_temp_gt        ? 
_exptl_crystal.density_meas_temp_lt        ? 
_exptl_crystal.pdbx_crystal_image_url      ? 
_exptl_crystal.pdbx_crystal_image_format   ? 
_exptl_crystal.pdbx_mosaicity              ? 
_exptl_crystal.pdbx_mosaicity_esd          ? 
# 
_exptl_crystal_grow.apparatus       ? 
_exptl_crystal_grow.atmosphere      ? 
_exptl_crystal_grow.crystal_id      1 
_exptl_crystal_grow.details         ? 
_exptl_crystal_grow.method          'VAPOR DIFFUSION, HANGING DROP' 
_exptl_crystal_grow.method_ref      ? 
_exptl_crystal_grow.pH              ? 
_exptl_crystal_grow.pressure        ? 
_exptl_crystal_grow.pressure_esd    ? 
_exptl_crystal_grow.seeding         ? 
_exptl_crystal_grow.seeding_ref     ? 
_exptl_crystal_grow.temp            293.15 
_exptl_crystal_grow.temp_details    ? 
_exptl_crystal_grow.temp_esd        ? 
_exptl_crystal_grow.time            ? 
_exptl_crystal_grow.pdbx_details    '0.4 M (NH4)2SO4, 10% (v/v) PEG3350, 10% (v/v) glycerol' 
_exptl_crystal_grow.pdbx_pH_range   ? 
# 
_diffrn.ambient_environment              ? 
_diffrn.ambient_temp                     100 
_diffrn.ambient_temp_details             ? 
_diffrn.ambient_temp_esd                 ? 
_diffrn.crystal_id                       1 
_diffrn.crystal_support                  ? 
_diffrn.crystal_treatment                ? 
_diffrn.details                          ? 
_diffrn.id                               1 
_diffrn.ambient_pressure                 ? 
_diffrn.ambient_pressure_esd             ? 
_diffrn.ambient_pressure_gt              ? 
_diffrn.ambient_pressure_lt              ? 
_diffrn.ambient_temp_gt                  ? 
_diffrn.ambient_temp_lt                  ? 
_diffrn.pdbx_serial_crystal_experiment   N 
# 
_diffrn_detector.details                      ? 
_diffrn_detector.detector                     'IMAGE PLATE' 
_diffrn_detector.diffrn_id                    1 
_diffrn_detector.type                         'RIGAKU RAXIS IV++' 
_diffrn_detector.area_resol_mean              ? 
_diffrn_detector.dtime                        ? 
_diffrn_detector.pdbx_frames_total            ? 
_diffrn_detector.pdbx_collection_time_total   ? 
_diffrn_detector.pdbx_collection_date         2013-09-19 
_diffrn_detector.pdbx_frequency               ? 
# 
_diffrn_radiation.collimation                      ? 
_diffrn_radiation.diffrn_id                        1 
_diffrn_radiation.filter_edge                      ? 
_diffrn_radiation.inhomogeneity                    ? 
_diffrn_radiation.monochromator                    ? 
_diffrn_radiation.polarisn_norm                    ? 
_diffrn_radiation.polarisn_ratio                   ? 
_diffrn_radiation.probe                            ? 
_diffrn_radiation.type                             ? 
_diffrn_radiation.xray_symbol                      ? 
_diffrn_radiation.wavelength_id                    1 
_diffrn_radiation.pdbx_monochromatic_or_laue_m_l   M 
_diffrn_radiation.pdbx_wavelength_list             ? 
_diffrn_radiation.pdbx_wavelength                  ? 
_diffrn_radiation.pdbx_diffrn_protocol             'SINGLE WAVELENGTH' 
_diffrn_radiation.pdbx_analyzer                    ? 
_diffrn_radiation.pdbx_scattering_type             x-ray 
# 
_diffrn_radiation_wavelength.id           1 
_diffrn_radiation_wavelength.wavelength   1.5418 
_diffrn_radiation_wavelength.wt           1.0 
# 
_diffrn_source.current                     ? 
_diffrn_source.details                     ? 
_diffrn_source.diffrn_id                   1 
_diffrn_source.power                       ? 
_diffrn_source.size                        ? 
_diffrn_source.source                      'ROTATING ANODE' 
_diffrn_source.target                      ? 
_diffrn_source.type                        'RIGAKU MICROMAX-007' 
_diffrn_source.voltage                     ? 
_diffrn_source.take-off_angle              ? 
_diffrn_source.pdbx_wavelength_list        1.5418 
_diffrn_source.pdbx_wavelength             ? 
_diffrn_source.pdbx_synchrotron_beamline   ? 
_diffrn_source.pdbx_synchrotron_site       ? 
# 
_reflns.B_iso_Wilson_estimate            19.41 
_reflns.entry_id                         6VCP 
_reflns.data_reduction_details           ? 
_reflns.data_reduction_method            ? 
_reflns.d_resolution_high                1.7 
_reflns.d_resolution_low                 19.37 
_reflns.details                          ? 
_reflns.limit_h_max                      ? 
_reflns.limit_h_min                      ? 
_reflns.limit_k_max                      ? 
_reflns.limit_k_min                      ? 
_reflns.limit_l_max                      ? 
_reflns.limit_l_min                      ? 
_reflns.number_all                       ? 
_reflns.number_obs                       19245 
_reflns.observed_criterion               ? 
_reflns.observed_criterion_F_max         ? 
_reflns.observed_criterion_F_min         ? 
_reflns.observed_criterion_I_max         ? 
_reflns.observed_criterion_I_min         ? 
_reflns.observed_criterion_sigma_F       ? 
_reflns.observed_criterion_sigma_I       ? 
_reflns.percent_possible_obs             99.2 
_reflns.R_free_details                   ? 
_reflns.Rmerge_F_all                     ? 
_reflns.Rmerge_F_obs                     ? 
_reflns.Friedel_coverage                 ? 
_reflns.number_gt                        ? 
_reflns.threshold_expression             ? 
_reflns.pdbx_redundancy                  3.9 
_reflns.pdbx_Rmerge_I_obs                ? 
_reflns.pdbx_Rmerge_I_all                ? 
_reflns.pdbx_Rsym_value                  ? 
_reflns.pdbx_netI_over_av_sigmaI         ? 
_reflns.pdbx_netI_over_sigmaI            15.6 
_reflns.pdbx_res_netI_over_av_sigmaI_2   ? 
_reflns.pdbx_res_netI_over_sigmaI_2      ? 
_reflns.pdbx_chi_squared                 ? 
_reflns.pdbx_scaling_rejects             ? 
_reflns.pdbx_d_res_high_opt              ? 
_reflns.pdbx_d_res_low_opt               ? 
_reflns.pdbx_d_res_opt_method            ? 
_reflns.phase_calculation_details        ? 
_reflns.pdbx_Rrim_I_all                  ? 
_reflns.pdbx_Rpim_I_all                  ? 
_reflns.pdbx_d_opt                       ? 
_reflns.pdbx_number_measured_all         ? 
_reflns.pdbx_diffrn_id                   1 
_reflns.pdbx_ordinal                     1 
_reflns.pdbx_CC_half                     0.99 
_reflns.pdbx_CC_star                     ? 
_reflns.pdbx_R_split                     ? 
# 
_reflns_shell.d_res_high                  1.70 
_reflns_shell.d_res_low                   1.76 
_reflns_shell.meanI_over_sigI_all         ? 
_reflns_shell.meanI_over_sigI_obs         ? 
_reflns_shell.number_measured_all         ? 
_reflns_shell.number_measured_obs         ? 
_reflns_shell.number_possible             ? 
_reflns_shell.number_unique_all           ? 
_reflns_shell.number_unique_obs           1896 
_reflns_shell.percent_possible_all        ? 
_reflns_shell.percent_possible_obs        ? 
_reflns_shell.Rmerge_F_all                ? 
_reflns_shell.Rmerge_F_obs                ? 
_reflns_shell.Rmerge_I_all                ? 
_reflns_shell.Rmerge_I_obs                ? 
_reflns_shell.meanI_over_sigI_gt          ? 
_reflns_shell.meanI_over_uI_all           ? 
_reflns_shell.meanI_over_uI_gt            ? 
_reflns_shell.number_measured_gt          ? 
_reflns_shell.number_unique_gt            ? 
_reflns_shell.percent_possible_gt         ? 
_reflns_shell.Rmerge_F_gt                 ? 
_reflns_shell.Rmerge_I_gt                 ? 
_reflns_shell.pdbx_redundancy             ? 
_reflns_shell.pdbx_Rsym_value             ? 
_reflns_shell.pdbx_chi_squared            ? 
_reflns_shell.pdbx_netI_over_sigmaI_all   ? 
_reflns_shell.pdbx_netI_over_sigmaI_obs   ? 
_reflns_shell.pdbx_Rrim_I_all             ? 
_reflns_shell.pdbx_Rpim_I_all             ? 
_reflns_shell.pdbx_rejects                ? 
_reflns_shell.pdbx_ordinal                1 
_reflns_shell.pdbx_diffrn_id              1 
_reflns_shell.pdbx_CC_half                0.77 
_reflns_shell.pdbx_CC_star                ? 
_reflns_shell.pdbx_R_split                ? 
# 
_refine.aniso_B[1][1]                            ? 
_refine.aniso_B[1][2]                            ? 
_refine.aniso_B[1][3]                            ? 
_refine.aniso_B[2][2]                            ? 
_refine.aniso_B[2][3]                            ? 
_refine.aniso_B[3][3]                            ? 
_refine.B_iso_max                                ? 
_refine.B_iso_mean                               25.47 
_refine.B_iso_min                                ? 
_refine.correlation_coeff_Fo_to_Fc               ? 
_refine.correlation_coeff_Fo_to_Fc_free          ? 
_refine.details                                  ? 
_refine.diff_density_max                         ? 
_refine.diff_density_max_esd                     ? 
_refine.diff_density_min                         ? 
_refine.diff_density_min_esd                     ? 
_refine.diff_density_rms                         ? 
_refine.diff_density_rms_esd                     ? 
_refine.entry_id                                 6VCP 
_refine.pdbx_refine_id                           'X-RAY DIFFRACTION' 
_refine.ls_abs_structure_details                 ? 
_refine.ls_abs_structure_Flack                   ? 
_refine.ls_abs_structure_Flack_esd               ? 
_refine.ls_abs_structure_Rogers                  ? 
_refine.ls_abs_structure_Rogers_esd              ? 
_refine.ls_d_res_high                            1.70 
_refine.ls_d_res_low                             19.37 
_refine.ls_extinction_coef                       ? 
_refine.ls_extinction_coef_esd                   ? 
_refine.ls_extinction_expression                 ? 
_refine.ls_extinction_method                     ? 
_refine.ls_goodness_of_fit_all                   ? 
_refine.ls_goodness_of_fit_all_esd               ? 
_refine.ls_goodness_of_fit_obs                   ? 
_refine.ls_goodness_of_fit_obs_esd               ? 
_refine.ls_hydrogen_treatment                    ? 
_refine.ls_matrix_type                           ? 
_refine.ls_number_constraints                    ? 
_refine.ls_number_parameters                     ? 
_refine.ls_number_reflns_all                     ? 
_refine.ls_number_reflns_obs                     19236 
_refine.ls_number_reflns_R_free                  961 
_refine.ls_number_reflns_R_work                  ? 
_refine.ls_number_restraints                     ? 
_refine.ls_percent_reflns_obs                    99.30 
_refine.ls_percent_reflns_R_free                 5.00 
_refine.ls_R_factor_all                          ? 
_refine.ls_R_factor_obs                          0.1831 
_refine.ls_R_factor_R_free                       0.2083 
_refine.ls_R_factor_R_free_error                 ? 
_refine.ls_R_factor_R_free_error_details         ? 
_refine.ls_R_factor_R_work                       0.1817 
_refine.ls_R_Fsqd_factor_obs                     ? 
_refine.ls_R_I_factor_obs                        ? 
_refine.ls_redundancy_reflns_all                 ? 
_refine.ls_redundancy_reflns_obs                 ? 
_refine.ls_restrained_S_all                      ? 
_refine.ls_restrained_S_obs                      ? 
_refine.ls_shift_over_esd_max                    ? 
_refine.ls_shift_over_esd_mean                   ? 
_refine.ls_structure_factor_coef                 ? 
_refine.ls_weighting_details                     ? 
_refine.ls_weighting_scheme                      ? 
_refine.ls_wR_factor_all                         ? 
_refine.ls_wR_factor_obs                         ? 
_refine.ls_wR_factor_R_free                      ? 
_refine.ls_wR_factor_R_work                      ? 
_refine.occupancy_max                            ? 
_refine.occupancy_min                            ? 
_refine.solvent_model_details                    ? 
_refine.solvent_model_param_bsol                 ? 
_refine.solvent_model_param_ksol                 ? 
_refine.pdbx_R_complete                          ? 
_refine.ls_R_factor_gt                           ? 
_refine.ls_goodness_of_fit_gt                    ? 
_refine.ls_goodness_of_fit_ref                   ? 
_refine.ls_shift_over_su_max                     ? 
_refine.ls_shift_over_su_max_lt                  ? 
_refine.ls_shift_over_su_mean                    ? 
_refine.ls_shift_over_su_mean_lt                 ? 
_refine.pdbx_ls_sigma_I                          ? 
_refine.pdbx_ls_sigma_F                          1.36 
_refine.pdbx_ls_sigma_Fsqd                       ? 
_refine.pdbx_data_cutoff_high_absF               ? 
_refine.pdbx_data_cutoff_high_rms_absF           ? 
_refine.pdbx_data_cutoff_low_absF                ? 
_refine.pdbx_isotropic_thermal_model             ? 
_refine.pdbx_ls_cross_valid_method               'FREE R-VALUE' 
_refine.pdbx_method_to_determine_struct          'MOLECULAR REPLACEMENT' 
_refine.pdbx_starting_model                      4S2Y 
_refine.pdbx_stereochemistry_target_values       ? 
_refine.pdbx_R_Free_selection_details            ? 
_refine.pdbx_stereochem_target_val_spec_case     ? 
_refine.pdbx_overall_ESU_R                       ? 
_refine.pdbx_overall_ESU_R_Free                  ? 
_refine.pdbx_solvent_vdw_probe_radii             1.1100 
_refine.pdbx_solvent_ion_probe_radii             ? 
_refine.pdbx_solvent_shrinkage_radii             0.9000 
_refine.pdbx_real_space_R                        ? 
_refine.pdbx_density_correlation                 ? 
_refine.pdbx_pd_number_of_powder_patterns        ? 
_refine.pdbx_pd_number_of_points                 ? 
_refine.pdbx_pd_meas_number_of_points            ? 
_refine.pdbx_pd_proc_ls_prof_R_factor            ? 
_refine.pdbx_pd_proc_ls_prof_wR_factor           ? 
_refine.pdbx_pd_Marquardt_correlation_coeff      ? 
_refine.pdbx_pd_Fsqrd_R_factor                   ? 
_refine.pdbx_pd_ls_matrix_band_width             ? 
_refine.pdbx_overall_phase_error                 23.6711 
_refine.pdbx_overall_SU_R_free_Cruickshank_DPI   ? 
_refine.pdbx_overall_SU_R_free_Blow_DPI          ? 
_refine.pdbx_overall_SU_R_Blow_DPI               ? 
_refine.pdbx_TLS_residual_ADP_flag               ? 
_refine.pdbx_diffrn_id                           1 
_refine.overall_SU_B                             ? 
_refine.overall_SU_ML                            0.1638 
_refine.overall_SU_R_Cruickshank_DPI             ? 
_refine.overall_SU_R_free                        ? 
_refine.overall_FOM_free_R_set                   ? 
_refine.overall_FOM_work_R_set                   ? 
_refine.pdbx_average_fsc_overall                 ? 
_refine.pdbx_average_fsc_work                    ? 
_refine.pdbx_average_fsc_free                    ? 
# 
_refine_hist.pdbx_refine_id                   'X-RAY DIFFRACTION' 
_refine_hist.cycle_id                         LAST 
_refine_hist.details                          ? 
_refine_hist.d_res_high                       1.70 
_refine_hist.d_res_low                        19.37 
_refine_hist.number_atoms_solvent             151 
_refine_hist.number_atoms_total               1495 
_refine_hist.number_reflns_all                ? 
_refine_hist.number_reflns_obs                ? 
_refine_hist.number_reflns_R_free             ? 
_refine_hist.number_reflns_R_work             ? 
_refine_hist.R_factor_all                     ? 
_refine_hist.R_factor_obs                     ? 
_refine_hist.R_factor_R_free                  ? 
_refine_hist.R_factor_R_work                  ? 
_refine_hist.pdbx_number_residues_total       ? 
_refine_hist.pdbx_B_iso_mean_ligand           ? 
_refine_hist.pdbx_B_iso_mean_solvent          ? 
_refine_hist.pdbx_number_atoms_protein        1286 
_refine_hist.pdbx_number_atoms_nucleic_acid   0 
_refine_hist.pdbx_number_atoms_ligand         58 
_refine_hist.pdbx_number_atoms_lipid          ? 
_refine_hist.pdbx_number_atoms_carb           ? 
_refine_hist.pdbx_pseudo_atom_details         ? 
# 
loop_
_refine_ls_restr.pdbx_refine_id 
_refine_ls_restr.criterion 
_refine_ls_restr.dev_ideal 
_refine_ls_restr.dev_ideal_target 
_refine_ls_restr.number 
_refine_ls_restr.rejects 
_refine_ls_restr.type 
_refine_ls_restr.weight 
_refine_ls_restr.pdbx_restraint_function 
'X-RAY DIFFRACTION' ? 0.0112  ? 1381 ? f_bond_d           ? ? 
'X-RAY DIFFRACTION' ? 1.2092  ? 1882 ? f_angle_d          ? ? 
'X-RAY DIFFRACTION' ? 0.0637  ? 191  ? f_chiral_restr     ? ? 
'X-RAY DIFFRACTION' ? 0.0065  ? 229  ? f_plane_restr      ? ? 
'X-RAY DIFFRACTION' ? 18.4930 ? 486  ? f_dihedral_angle_d ? ? 
# 
loop_
_refine_ls_shell.pdbx_refine_id 
_refine_ls_shell.d_res_high 
_refine_ls_shell.d_res_low 
_refine_ls_shell.number_reflns_all 
_refine_ls_shell.number_reflns_obs 
_refine_ls_shell.number_reflns_R_free 
_refine_ls_shell.number_reflns_R_work 
_refine_ls_shell.percent_reflns_obs 
_refine_ls_shell.percent_reflns_R_free 
_refine_ls_shell.R_factor_all 
_refine_ls_shell.R_factor_obs 
_refine_ls_shell.R_factor_R_free 
_refine_ls_shell.R_factor_R_free_error 
_refine_ls_shell.R_factor_R_work 
_refine_ls_shell.redundancy_reflns_all 
_refine_ls_shell.redundancy_reflns_obs 
_refine_ls_shell.wR_factor_all 
_refine_ls_shell.wR_factor_obs 
_refine_ls_shell.wR_factor_R_free 
_refine_ls_shell.wR_factor_R_work 
_refine_ls_shell.pdbx_R_complete 
_refine_ls_shell.pdbx_total_number_of_bins_used 
_refine_ls_shell.pdbx_phase_error 
_refine_ls_shell.pdbx_fsc_work 
_refine_ls_shell.pdbx_fsc_free 
'X-RAY DIFFRACTION' 1.70 1.79  . . 132 2538 97.30 . . . 0.2867 . 0.2585 . . . . . . . . . . . 
'X-RAY DIFFRACTION' 1.79 1.90  . . 138 2621 99.82 . . . 0.2393 . 0.2116 . . . . . . . . . . . 
'X-RAY DIFFRACTION' 1.90 2.05  . . 135 2568 99.59 . . . 0.2260 . 0.1890 . . . . . . . . . . . 
'X-RAY DIFFRACTION' 2.05 2.25  . . 138 2610 99.60 . . . 0.2427 . 0.1774 . . . . . . . . . . . 
'X-RAY DIFFRACTION' 2.25 2.58  . . 138 2629 99.64 . . . 0.2261 . 0.1836 . . . . . . . . . . . 
'X-RAY DIFFRACTION' 2.58 3.25  . . 138 2626 99.68 . . . 0.2157 . 0.1853 . . . . . . . . . . . 
'X-RAY DIFFRACTION' 3.25 19.37 . . 142 2683 99.47 . . . 0.1739 . 0.1639 . . . . . . . . . . . 
# 
_struct.entry_id                     6VCP 
_struct.title                        'Crystal structure of E.coli RppH in complex with UTP' 
_struct.pdbx_model_details           ? 
_struct.pdbx_formula_weight          ? 
_struct.pdbx_formula_weight_method   ? 
_struct.pdbx_model_type_details      ? 
_struct.pdbx_CASP_flag               N 
# 
_struct_keywords.entry_id        6VCP 
_struct_keywords.text            'RNA degradation, RNA BINDING PROTEIN' 
_struct_keywords.pdbx_keywords   'RNA BINDING PROTEIN' 
# 
loop_
_struct_asym.id 
_struct_asym.pdbx_blank_PDB_chainid_flag 
_struct_asym.pdbx_modified 
_struct_asym.entity_id 
_struct_asym.details 
A N N 1 ? 
B N N 2 ? 
C N N 2 ? 
D N N 3 ? 
# 
loop_
_struct_conf.conf_type_id 
_struct_conf.id 
_struct_conf.pdbx_PDB_helix_id 
_struct_conf.beg_label_comp_id 
_struct_conf.beg_label_asym_id 
_struct_conf.beg_label_seq_id 
_struct_conf.pdbx_beg_PDB_ins_code 
_struct_conf.end_label_comp_id 
_struct_conf.end_label_asym_id 
_struct_conf.end_label_seq_id 
_struct_conf.pdbx_end_PDB_ins_code 
_struct_conf.beg_auth_comp_id 
_struct_conf.beg_auth_asym_id 
_struct_conf.beg_auth_seq_id 
_struct_conf.end_auth_comp_id 
_struct_conf.end_auth_asym_id 
_struct_conf.end_auth_seq_id 
_struct_conf.pdbx_PDB_helix_class 
_struct_conf.details 
_struct_conf.pdbx_PDB_helix_length 
HELX_P HELX_P1 AA1 SER A 46  ? GLY A 60  ? SER A 45  GLY A 59  1 ? 15 
HELX_P HELX_P2 AA2 SER A 62  ? LYS A 64  ? SER A 61  LYS A 63  5 ? 3  
HELX_P HELX_P3 AA3 PRO A 81  ? VAL A 85  ? PRO A 80  VAL A 84  5 ? 5  
HELX_P HELX_P4 AA4 GLY A 108 ? ILE A 112 ? GLY A 107 ILE A 111 5 ? 5  
HELX_P HELX_P5 AA5 TRP A 131 ? VAL A 137 ? TRP A 130 VAL A 136 1 ? 7  
HELX_P HELX_P6 AA6 VAL A 138 ? PHE A 140 ? VAL A 137 PHE A 139 5 ? 3  
HELX_P HELX_P7 AA7 LYS A 141 ? ALA A 161 ? LYS A 140 ALA A 160 1 ? 21 
# 
_struct_conf_type.id          HELX_P 
_struct_conf_type.criteria    ? 
_struct_conf_type.reference   ? 
# 
loop_
_struct_sheet.id 
_struct_sheet.type 
_struct_sheet.number_strands 
_struct_sheet.details 
AA1 ? 4 ? 
AA2 ? 4 ? 
AA3 ? 3 ? 
# 
loop_
_struct_sheet_order.sheet_id 
_struct_sheet_order.range_id_1 
_struct_sheet_order.range_id_2 
_struct_sheet_order.offset 
_struct_sheet_order.sense 
AA1 1 2 ? anti-parallel 
AA1 2 3 ? parallel      
AA1 3 4 ? anti-parallel 
AA2 1 2 ? anti-parallel 
AA2 2 3 ? parallel      
AA2 3 4 ? anti-parallel 
AA3 1 2 ? anti-parallel 
AA3 2 3 ? anti-parallel 
# 
loop_
_struct_sheet_range.sheet_id 
_struct_sheet_range.id 
_struct_sheet_range.beg_label_comp_id 
_struct_sheet_range.beg_label_asym_id 
_struct_sheet_range.beg_label_seq_id 
_struct_sheet_range.pdbx_beg_PDB_ins_code 
_struct_sheet_range.end_label_comp_id 
_struct_sheet_range.end_label_asym_id 
_struct_sheet_range.end_label_seq_id 
_struct_sheet_range.pdbx_end_PDB_ins_code 
_struct_sheet_range.beg_auth_comp_id 
_struct_sheet_range.beg_auth_asym_id 
_struct_sheet_range.beg_auth_seq_id 
_struct_sheet_range.end_auth_comp_id 
_struct_sheet_range.end_auth_asym_id 
_struct_sheet_range.end_auth_seq_id 
AA1 1 GLN A 38  ? GLY A 40  ? GLN A 37  GLY A 39  
AA1 2 TYR A 8   ? CYS A 17  ? TYR A 7   CYS A 16  
AA1 3 GLY A 95  ? LEU A 105 ? GLY A 94  LEU A 104 
AA1 4 VAL A 66  ? SER A 71  ? VAL A 65  SER A 70  
AA2 1 GLN A 38  ? GLY A 40  ? GLN A 37  GLY A 39  
AA2 2 TYR A 8   ? CYS A 17  ? TYR A 7   CYS A 16  
AA2 3 GLY A 95  ? LEU A 105 ? GLY A 94  LEU A 104 
AA2 4 LEU A 76  ? LYS A 79  ? LEU A 75  LYS A 78  
AA3 1 TRP A 34  ? GLN A 35  ? TRP A 33  GLN A 34  
AA3 2 GLN A 22  ? ARG A 28  ? GLN A 21  ARG A 27  
AA3 3 PHE A 122 ? SER A 129 ? PHE A 121 SER A 128 
# 
loop_
_pdbx_struct_sheet_hbond.sheet_id 
_pdbx_struct_sheet_hbond.range_id_1 
_pdbx_struct_sheet_hbond.range_id_2 
_pdbx_struct_sheet_hbond.range_1_label_atom_id 
_pdbx_struct_sheet_hbond.range_1_label_comp_id 
_pdbx_struct_sheet_hbond.range_1_label_asym_id 
_pdbx_struct_sheet_hbond.range_1_label_seq_id 
_pdbx_struct_sheet_hbond.range_1_PDB_ins_code 
_pdbx_struct_sheet_hbond.range_1_auth_atom_id 
_pdbx_struct_sheet_hbond.range_1_auth_comp_id 
_pdbx_struct_sheet_hbond.range_1_auth_asym_id 
_pdbx_struct_sheet_hbond.range_1_auth_seq_id 
_pdbx_struct_sheet_hbond.range_2_label_atom_id 
_pdbx_struct_sheet_hbond.range_2_label_comp_id 
_pdbx_struct_sheet_hbond.range_2_label_asym_id 
_pdbx_struct_sheet_hbond.range_2_label_seq_id 
_pdbx_struct_sheet_hbond.range_2_PDB_ins_code 
_pdbx_struct_sheet_hbond.range_2_auth_atom_id 
_pdbx_struct_sheet_hbond.range_2_auth_comp_id 
_pdbx_struct_sheet_hbond.range_2_auth_asym_id 
_pdbx_struct_sheet_hbond.range_2_auth_seq_id 
AA1 1 2 O GLY A 39  ? O GLY A 38  N VAL A 12  ? N VAL A 11  
AA1 2 3 N CYS A 17  ? N CYS A 16  O LEU A 103 ? O LEU A 102 
AA1 3 4 O LEU A 102 ? O LEU A 101 N ALA A 70  ? N ALA A 69  
AA2 1 2 O GLY A 39  ? O GLY A 38  N VAL A 12  ? N VAL A 11  
AA2 2 3 N CYS A 17  ? N CYS A 16  O LEU A 103 ? O LEU A 102 
AA2 3 4 O GLN A 98  ? O GLN A 97  N LEU A 76  ? N LEU A 75  
AA3 1 2 O GLN A 35  ? O GLN A 34  N ALA A 26  ? N ALA A 25  
AA3 2 3 N TRP A 25  ? N TRP A 24  O ARG A 126 ? O ARG A 125 
# 
loop_
_struct_site.id 
_struct_site.pdbx_evidence_code 
_struct_site.pdbx_auth_asym_id 
_struct_site.pdbx_auth_comp_id 
_struct_site.pdbx_auth_seq_id 
_struct_site.pdbx_auth_ins_code 
_struct_site.pdbx_num_residues 
_struct_site.details 
AC1 Software A UTP 201 ? 17 'binding site for residue UTP A 201' 
AC2 Software A UTP 202 ? 17 'binding site for residue UTP A 202' 
# 
loop_
_struct_site_gen.id 
_struct_site_gen.site_id 
_struct_site_gen.pdbx_num_res 
_struct_site_gen.label_comp_id 
_struct_site_gen.label_asym_id 
_struct_site_gen.label_seq_id 
_struct_site_gen.pdbx_auth_ins_code 
_struct_site_gen.auth_comp_id 
_struct_site_gen.auth_asym_id 
_struct_site_gen.auth_seq_id 
_struct_site_gen.label_atom_id 
_struct_site_gen.label_alt_id 
_struct_site_gen.symmetry 
_struct_site_gen.details 
1  AC1 17 ARG A 9   ? ARG A 8   . ? 1_555 ? 
2  AC1 17 ARG A 28  ? ARG A 27  . ? 1_555 ? 
3  AC1 17 SER A 33  ? SER A 32  . ? 1_555 ? 
4  AC1 17 GLN A 38  ? GLN A 37  . ? 1_555 ? 
5  AC1 17 TYR A 78  ? TYR A 77  . ? 1_555 ? 
6  AC1 17 LEU A 80  ? LEU A 79  . ? 1_555 ? 
7  AC1 17 LEU A 84  ? LEU A 83  . ? 1_555 ? 
8  AC1 17 GLN A 96  ? GLN A 95  . ? 1_555 ? 
9  AC1 17 VAL A 138 ? VAL A 137 . ? 1_555 ? 
10 AC1 17 PHE A 140 ? PHE A 139 . ? 1_555 ? 
11 AC1 17 LYS A 141 ? LYS A 140 . ? 1_555 ? 
12 AC1 17 HOH D .   ? HOH A 311 . ? 1_555 ? 
13 AC1 17 HOH D .   ? HOH A 335 . ? 1_555 ? 
14 AC1 17 HOH D .   ? HOH A 354 . ? 1_555 ? 
15 AC1 17 HOH D .   ? HOH A 368 . ? 1_555 ? 
16 AC1 17 HOH D .   ? HOH A 370 . ? 1_555 ? 
17 AC1 17 HOH D .   ? HOH A 384 . ? 1_555 ? 
18 AC2 17 HIS A 32  ? HIS A 31  . ? 1_555 ? 
19 AC2 17 TRP A 34  ? TRP A 33  . ? 1_555 ? 
20 AC2 17 GLY A 44  ? GLY A 43  . ? 1_545 ? 
21 AC2 17 GLU A 45  ? GLU A 44  . ? 1_545 ? 
22 AC2 17 SER A 46  ? SER A 45  . ? 1_545 ? 
23 AC2 17 ALA A 47  ? ALA A 46  . ? 1_545 ? 
24 AC2 17 GLN A 49  ? GLN A 48  . ? 1_545 ? 
25 AC2 17 THR A 116 ? THR A 115 . ? 4_545 ? 
26 AC2 17 ARG A 126 ? ARG A 125 . ? 1_555 ? 
27 AC2 17 TYR A 132 ? TYR A 131 . ? 1_555 ? 
28 AC2 17 GLN A 136 ? GLN A 135 . ? 1_555 ? 
29 AC2 17 HOH D .   ? HOH A 318 . ? 1_555 ? 
30 AC2 17 HOH D .   ? HOH A 325 . ? 1_555 ? 
31 AC2 17 HOH D .   ? HOH A 333 . ? 1_555 ? 
32 AC2 17 HOH D .   ? HOH A 347 . ? 4_545 ? 
33 AC2 17 HOH D .   ? HOH A 351 . ? 1_555 ? 
34 AC2 17 HOH D .   ? HOH A 395 . ? 1_555 ? 
# 
_atom_sites.entry_id                    6VCP 
_atom_sites.Cartn_transf_matrix[1][1]   ? 
_atom_sites.Cartn_transf_matrix[1][2]   ? 
_atom_sites.Cartn_transf_matrix[1][3]   ? 
_atom_sites.Cartn_transf_matrix[2][1]   ? 
_atom_sites.Cartn_transf_matrix[2][2]   ? 
_atom_sites.Cartn_transf_matrix[2][3]   ? 
_atom_sites.Cartn_transf_matrix[3][1]   ? 
_atom_sites.Cartn_transf_matrix[3][2]   ? 
_atom_sites.Cartn_transf_matrix[3][3]   ? 
_atom_sites.Cartn_transf_vector[1]      ? 
_atom_sites.Cartn_transf_vector[2]      ? 
_atom_sites.Cartn_transf_vector[3]      ? 
_atom_sites.fract_transf_matrix[1][1]   0.00790629 
_atom_sites.fract_transf_matrix[1][2]   -0.00064756 
_atom_sites.fract_transf_matrix[1][3]   -0.01021173 
_atom_sites.fract_transf_matrix[2][1]   -0.02023754 
_atom_sites.fract_transf_matrix[2][2]   0.00250797 
_atom_sites.fract_transf_matrix[2][3]   -0.01582766 
_atom_sites.fract_transf_matrix[3][1]   0.00385247 
_atom_sites.fract_transf_matrix[3][2]   0.01675127 
_atom_sites.fract_transf_matrix[3][3]   -0.00227153 
_atom_sites.fract_transf_vector[1]      0.224506 
_atom_sites.fract_transf_vector[2]      0.003494 
_atom_sites.fract_transf_vector[3]      0.208712 
_atom_sites.solution_primary            ? 
_atom_sites.solution_secondary          ? 
_atom_sites.solution_hydrogens          ? 
_atom_sites.special_details             ? 
# 
loop_
_atom_type.symbol 
_atom_type.scat_dispersion_real 
_atom_type.scat_dispersion_imag 
_atom_type.scat_Cromer_Mann_a1 
_atom_type.scat_Cromer_Mann_a2 
_atom_type.scat_Cromer_Mann_b1 
_atom_type.scat_Cromer_Mann_b2 
_atom_type.scat_Cromer_Mann_c 
_atom_type.scat_source 
_atom_type.scat_dispersion_source 
C ? ? 3.54356 2.42580 25.62398 1.50364  0.0 
;2-Gaussian fit: Grosse-Kunstleve RW, Sauter NK, Adams PD: Newsletter of the IUCr Commission on Crystallographic Computing 2004, 3, 22-31.
;
? 
N ? ? 4.01032 2.96436 19.97189 1.75589  0.0 
;2-Gaussian fit: Grosse-Kunstleve RW, Sauter NK, Adams PD: Newsletter of the IUCr Commission on Crystallographic Computing 2004, 3, 22-31.
;
? 
O ? ? 4.49882 3.47563 15.80542 1.70748  0.0 
;2-Gaussian fit: Grosse-Kunstleve RW, Sauter NK, Adams PD: Newsletter of the IUCr Commission on Crystallographic Computing 2004, 3, 22-31.
;
? 
P ? ? 9.51135 5.44231 1.42069  35.72801 0.0 
;2-Gaussian fit: Grosse-Kunstleve RW, Sauter NK, Adams PD: Newsletter of the IUCr Commission on Crystallographic Computing 2004, 3, 22-31.
;
? 
S ? ? 9.55732 6.39887 1.23737  29.19336 0.0 
;2-Gaussian fit: Grosse-Kunstleve RW, Sauter NK, Adams PD: Newsletter of the IUCr Commission on Crystallographic Computing 2004, 3, 22-31.
;
? 
# 
loop_
_atom_site.group_PDB 
_atom_site.id 
_atom_site.type_symbol 
_atom_site.label_atom_id 
_atom_site.label_alt_id 
_atom_site.label_comp_id 
_atom_site.label_asym_id 
_atom_site.label_entity_id 
_atom_site.label_seq_id 
_atom_site.pdbx_PDB_ins_code 
_atom_site.Cartn_x 
_atom_site.Cartn_y 
_atom_site.Cartn_z 
_atom_site.occupancy 
_atom_site.B_iso_or_equiv 
_atom_site.pdbx_formal_charge 
_atom_site.auth_seq_id 
_atom_site.auth_comp_id 
_atom_site.auth_asym_id 
_atom_site.auth_atom_id 
_atom_site.pdbx_PDB_model_num 
ATOM   1    N N     . SER A 1 1   ? -0.41615  0.13740   -14.89060 1.000 42.96000 ? 0   SER A N     1 
ATOM   2    C CA    . SER A 1 1   ? -1.57818  0.78690   -15.49877 1.000 44.39000 ? 0   SER A CA    1 
ATOM   3    C C     . SER A 1 1   ? -1.25736  1.72976   -16.66475 1.000 47.16000 ? 0   SER A C     1 
ATOM   4    O O     . SER A 1 1   ? -0.12193  1.77283   -17.15397 1.000 51.75000 ? 0   SER A O     1 
ATOM   5    C CB    . SER A 1 1   ? -2.35708  1.58037   -14.44888 1.000 35.67000 ? 0   SER A CB    1 
ATOM   6    O OG    . SER A 1 1   ? -1.56795  2.08168   -13.39033 1.000 37.08000 ? 0   SER A OG    1 
ATOM   7    N N     . MET A 1 2   ? -2.26806  2.49776   -17.08883 1.000 48.19000 ? 1   MET A N     1 
ATOM   8    C CA    . MET A 1 2   ? -2.12799  3.45234   -18.18494 1.000 49.10000 ? 1   MET A CA    1 
ATOM   9    C C     . MET A 1 2   ? -1.97366  4.87557   -17.64789 1.000 45.89000 ? 1   MET A C     1 
ATOM   10   O O     . MET A 1 2   ? -2.79685  5.35534   -16.85693 1.000 42.64000 ? 1   MET A O     1 
ATOM   11   C CB    . MET A 1 2   ? -3.31082  3.36594   -19.14896 1.000 48.42000 ? 1   MET A CB    1 
ATOM   12   C CG    . MET A 1 2   ? -3.12134  4.15490   -20.44375 1.000 49.55000 ? 1   MET A CG    1 
ATOM   13   S SD    . MET A 1 2   ? -1.44090  4.01026   -21.11811 1.000 69.21000 ? 1   MET A SD    1 
ATOM   14   C CE    . MET A 1 2   ? -1.29488  2.23922   -21.37505 1.000 62.99000 ? 1   MET A CE    1 
ATOM   15   N N     . ILE A 1 3   ? -0.94827  5.55085   -18.13436 1.000 45.53000 ? 2   ILE A N     1 
ATOM   16   C CA    . ILE A 1 3   ? -0.43882  6.79145   -17.56331 1.000 39.36000 ? 2   ILE A CA    1 
ATOM   17   C C     . ILE A 1 3   ? -1.31430  7.96190   -17.98071 1.000 37.94000 ? 2   ILE A C     1 
ATOM   18   O O     . ILE A 1 3   ? -1.70991  8.08183   -19.14880 1.000 40.07000 ? 2   ILE A O     1 
ATOM   19   C CB    . ILE A 1 3   ? 1.01416   7.00665   -18.01539 1.000 38.16000 ? 2   ILE A CB    1 
ATOM   20   C CG1   . ILE A 1 3   ? 1.75375   5.66733   -18.11969 1.000 41.16000 ? 2   ILE A CG1   1 
ATOM   21   C CG2   . ILE A 1 3   ? 1.72945   7.92594   -17.06041 1.000 37.99000 ? 2   ILE A CG2   1 
ATOM   22   C CD1   . ILE A 1 3   ? 1.77718   4.85743   -16.81665 1.000 41.45000 ? 2   ILE A CD1   1 
ATOM   23   N N     . ASP A 1 4   ? -1.59861  8.85305   -17.03563 1.000 33.78000 ? 3   ASP A N     1 
ATOM   24   C CA    . ASP A 1 4   ? -2.43549  9.99046   -17.36410 1.000 36.96000 ? 3   ASP A CA    1 
ATOM   25   C C     . ASP A 1 4   ? -1.61106  10.99929  -18.15889 1.000 37.64000 ? 3   ASP A C     1 
ATOM   26   O O     . ASP A 1 4   ? -0.44030  10.76741  -18.49385 1.000 34.16000 ? 3   ASP A O     1 
ATOM   27   C CB    . ASP A 1 4   ? -3.09258  10.56553  -16.10010 1.000 32.30000 ? 3   ASP A CB    1 
ATOM   28   C CG    . ASP A 1 4   ? -2.13021  11.31031  -15.16576 1.000 31.27000 ? 3   ASP A CG    1 
ATOM   29   O OD1   . ASP A 1 4   ? -0.98803  11.63714  -15.53547 1.000 31.06000 ? 3   ASP A OD1   1 
ATOM   30   O OD2   . ASP A 1 4   ? -2.55569  11.59406  -14.02388 1.000 28.09000 ? 3   ASP A OD2   1 
ATOM   31   N N     . ASP A 1 5   ? -2.22935  12.11932  -18.51193 1.000 41.76000 ? 4   ASP A N     1 
ATOM   32   C CA    . ASP A 1 5   ? -1.50739  13.02751  -19.39062 1.000 43.56000 ? 4   ASP A CA    1 
ATOM   33   C C     . ASP A 1 5   ? -0.52768  13.91753  -18.63810 1.000 43.89000 ? 4   ASP A C     1 
ATOM   34   O O     . ASP A 1 5   ? 0.24771   14.63660  -19.27910 1.000 44.98000 ? 4   ASP A O     1 
ATOM   35   C CB    . ASP A 1 5   ? -2.48443  13.87154  -20.20449 1.000 51.23000 ? 4   ASP A CB    1 
ATOM   36   C CG    . ASP A 1 5   ? -2.96429  15.07333  -19.45270 1.000 57.42000 ? 4   ASP A CG    1 
ATOM   37   O OD1   . ASP A 1 5   ? -3.38169  14.92403  -18.27723 1.000 57.25000 ? 4   ASP A OD1   1 
ATOM   38   O OD2   . ASP A 1 5   ? -2.91460  16.17465  -20.03978 1.000 60.54000 ? 4   ASP A OD2   1 
ATOM   39   N N     . ASP A 1 6   ? -0.52368  13.87237  -17.30810 1.000 38.98000 ? 5   ASP A N     1 
ATOM   40   C CA    . ASP A 1 6   ? 0.53897   14.49973  -16.53526 1.000 37.17000 ? 5   ASP A CA    1 
ATOM   41   C C     . ASP A 1 6   ? 1.70984   13.56142  -16.29404 1.000 34.11000 ? 5   ASP A C     1 
ATOM   42   O O     . ASP A 1 6   ? 2.70566   13.97442  -15.69643 1.000 32.26000 ? 5   ASP A O     1 
ATOM   43   C CB    . ASP A 1 6   ? 0.00144   15.00479  -15.19548 1.000 37.64000 ? 5   ASP A CB    1 
ATOM   44   C CG    . ASP A 1 6   ? -1.07989  16.04484  -15.35893 1.000 44.44000 ? 5   ASP A CG    1 
ATOM   45   O OD1   . ASP A 1 6   ? -0.89463  16.96411  -16.18081 1.000 44.35000 ? 5   ASP A OD1   1 
ATOM   46   O OD2   . ASP A 1 6   ? -2.11732  15.93245  -14.66513 1.000 48.80000 ? 5   ASP A OD2   1 
ATOM   47   N N     . GLY A 1 7   ? 1.61815   12.31751  -16.74577 1.000 30.02000 ? 6   GLY A N     1 
ATOM   48   C CA    . GLY A 1 7   ? 2.69532   11.37278  -16.55048 1.000 30.11000 ? 6   GLY A CA    1 
ATOM   49   C C     . GLY A 1 7   ? 2.59557   10.50661  -15.31414 1.000 27.05000 ? 6   GLY A C     1 
ATOM   50   O O     . GLY A 1 7   ? 3.57285   9.81954   -14.99108 1.000 25.98000 ? 6   GLY A O     1 
ATOM   51   N N     . TYR A 1 8   ? 1.44977   10.49290  -14.62597 1.000 26.20000 ? 7   TYR A N     1 
ATOM   52   C CA    . TYR A 1 8   ? 1.28331   9.71358   -13.39659 1.000 24.42000 ? 7   TYR A CA    1 
ATOM   53   C C     . TYR A 1 8   ? 0.52412   8.42483   -13.66247 1.000 25.55000 ? 7   TYR A C     1 
ATOM   54   O O     . TYR A 1 8   ? -0.49855  8.42544   -14.35430 1.000 26.36000 ? 7   TYR A O     1 
ATOM   55   C CB    . TYR A 1 8   ? 0.55085   10.52414  -12.32509 1.000 24.90000 ? 7   TYR A CB    1 
ATOM   56   C CG    . TYR A 1 8   ? 1.39934   11.63078  -11.77004 1.000 25.18000 ? 7   TYR A CG    1 
ATOM   57   C CD1   . TYR A 1 8   ? 2.25622   11.40097  -10.69868 1.000 24.80000 ? 7   TYR A CD1   1 
ATOM   58   C CD2   . TYR A 1 8   ? 1.37819   12.90134  -12.33595 1.000 27.86000 ? 7   TYR A CD2   1 
ATOM   59   C CE1   . TYR A 1 8   ? 3.05654   12.41017  -10.20350 1.000 27.33000 ? 7   TYR A CE1   1 
ATOM   60   C CE2   . TYR A 1 8   ? 2.18432   13.90897  -11.85007 1.000 27.79000 ? 7   TYR A CE2   1 
ATOM   61   C CZ    . TYR A 1 8   ? 3.01860   13.66523  -10.79768 1.000 29.83000 ? 7   TYR A CZ    1 
ATOM   62   O OH    . TYR A 1 8   ? 3.80873   14.67569  -10.31047 1.000 31.00000 ? 7   TYR A OH    1 
ATOM   63   N N     . ARG A 1 9   ? 1.02566   7.33121   -13.09889 1.000 23.66000 ? 8   ARG A N     1 
ATOM   64   C CA    . ARG A 1 9   ? 0.36400   6.03598   -13.17083 1.000 23.70000 ? 8   ARG A CA    1 
ATOM   65   C C     . ARG A 1 9   ? -0.63189  5.88464   -12.01442 1.000 21.03000 ? 8   ARG A C     1 
ATOM   66   O O     . ARG A 1 9   ? -0.25584  6.10578   -10.86025 1.000 22.56000 ? 8   ARG A O     1 
ATOM   67   C CB    . ARG A 1 9   ? 1.41715   4.95342   -13.11672 1.000 28.19000 ? 8   ARG A CB    1 
ATOM   68   C CG    . ARG A 1 9   ? 0.98832   3.55255   -13.35143 1.000 30.61000 ? 8   ARG A CG    1 
ATOM   69   C CD    . ARG A 1 9   ? 2.22124   2.65083   -13.16254 1.000 36.73000 ? 8   ARG A CD    1 
ATOM   70   N NE    . ARG A 1 9   ? 1.91733   1.25107   -13.42144 1.000 43.24000 ? 8   ARG A NE    1 
ATOM   71   C CZ    . ARG A 1 9   ? 1.91602   0.30283   -12.49359 1.000 44.47000 ? 8   ARG A CZ    1 
ATOM   72   N NH1   . ARG A 1 9   ? 2.22536   0.59770   -11.22939 1.000 41.40000 ? 8   ARG A NH1   1 
ATOM   73   N NH2   . ARG A 1 9   ? 1.61897   -0.94430  -12.83656 1.000 43.12000 ? 8   ARG A NH2   1 
ATOM   74   N N     . PRO A 1 10  ? -1.89565  5.54425   -12.27914 1.000 19.36000 ? 9   PRO A N     1 
ATOM   75   C CA    . PRO A 1 10  ? -2.86446  5.34225   -11.18331 1.000 19.98000 ? 9   PRO A CA    1 
ATOM   76   C C     . PRO A 1 10  ? -2.55007  4.06248   -10.42462 1.000 21.05000 ? 9   PRO A C     1 
ATOM   77   O O     . PRO A 1 10  ? -2.39587  2.99513   -11.02739 1.000 18.95000 ? 9   PRO A O     1 
ATOM   78   C CB    . PRO A 1 10  ? -4.21852  5.25200   -11.90129 1.000 23.10000 ? 9   PRO A CB    1 
ATOM   79   C CG    . PRO A 1 10  ? -3.89396  4.86540   -13.30880 1.000 29.43000 ? 9   PRO A CG    1 
ATOM   80   C CD    . PRO A 1 10  ? -2.49210  5.34064   -13.61681 1.000 23.89000 ? 9   PRO A CD    1 
ATOM   81   N N     . ASN A 1 11  ? -2.52836  4.16935   -9.08829  1.000 19.04000 ? 10  ASN A N     1 
ATOM   82   C CA    . ASN A 1 11  ? -2.09061  3.08971   -8.20934  1.000 19.16000 ? 10  ASN A CA    1 
ATOM   83   C C     . ASN A 1 11  ? -2.93772  3.10715   -6.93751  1.000 17.54000 ? 10  ASN A C     1 
ATOM   84   O O     . ASN A 1 11  ? -3.57459  4.11067   -6.61656  1.000 18.53000 ? 10  ASN A O     1 
ATOM   85   C CB    . ASN A 1 11  ? -0.59978  3.23585   -7.85472  1.000 21.58000 ? 10  ASN A CB    1 
ATOM   86   C CG    . ASN A 1 11  ? 0.31566   2.53689   -8.85383  1.000 29.95000 ? 10  ASN A CG    1 
ATOM   87   O OD1   . ASN A 1 11  ? 0.81804   1.42923   -8.59853  1.000 31.75000 ? 10  ASN A OD1   1 
ATOM   88   N ND2   . ASN A 1 11  ? 0.55545   3.18904   -9.98836  1.000 31.83000 ? 10  ASN A ND2   1 
ATOM   89   N N     . VAL A 1 12  ? -2.93544  2.00284   -6.20045  1.000 15.74000 ? 11  VAL A N     1 
ATOM   90   C CA    . VAL A 1 12  ? -3.58407  1.94801   -4.88072  1.000 13.87000 ? 11  VAL A CA    1 
ATOM   91   C C     . VAL A 1 12  ? -2.57610  1.43734   -3.86111  1.000 16.79000 ? 11  VAL A C     1 
ATOM   92   O O     . VAL A 1 12  ? -1.71252  0.62602   -4.19684  1.000 15.20000 ? 11  VAL A O     1 
ATOM   93   C CB    . VAL A 1 12  ? -4.83830  1.05139   -4.88044  1.000 14.05000 ? 11  VAL A CB    1 
ATOM   94   C CG1   . VAL A 1 12  ? -5.92845  1.65818   -5.72754  1.000 16.70000 ? 11  VAL A CG1   1 
ATOM   95   C CG2   . VAL A 1 12  ? -4.51998  -0.37661  -5.36856  1.000 15.57000 ? 11  VAL A CG2   1 
ATOM   96   N N     . GLY A 1 13  ? -2.68405  1.92925   -2.62254  1.000 16.32000 ? 12  GLY A N     1 
ATOM   97   C CA    . GLY A 1 13  ? -1.81789  1.49718   -1.52333  1.000 15.63000 ? 12  GLY A CA    1 
ATOM   98   C C     . GLY A 1 13  ? -2.68894  0.97751   -0.39082  1.000 15.03000 ? 12  GLY A C     1 
ATOM   99   O O     . GLY A 1 13  ? -3.84586  1.39249   -0.24678  1.000 15.62000 ? 12  GLY A O     1 
ATOM   100  N N     . ILE A 1 14  ? -2.13123  0.06523   0.42978   1.000 12.99000 ? 13  ILE A N     1 
ATOM   101  C CA    . ILE A 1 14  ? -2.91828  -0.63421  1.44759   1.000 15.03000 ? 13  ILE A CA    1 
ATOM   102  C C     . ILE A 1 14  ? -2.21770  -0.51914  2.78977   1.000 14.28000 ? 13  ILE A C     1 
ATOM   103  O O     . ILE A 1 14  ? -1.09054  -0.99335  2.93699   1.000 15.74000 ? 13  ILE A O     1 
ATOM   104  C CB    . ILE A 1 14  ? -3.13831  -2.12289  1.11793   1.000 14.41000 ? 13  ILE A CB    1 
ATOM   105  C CG1   . ILE A 1 14  ? -3.69344  -2.32033  -0.30257  1.000 16.43000 ? 13  ILE A CG1   1 
ATOM   106  C CG2   . ILE A 1 14  ? -4.14236  -2.74569  2.14973   1.000 17.63000 ? 13  ILE A CG2   1 
ATOM   107  C CD1   . ILE A 1 14  ? -4.01853  -3.78560  -0.61490  1.000 16.35000 ? 13  ILE A CD1   1 
ATOM   108  N N     . VAL A 1 15  ? -2.90831  0.04373   3.78483   1.000 17.17000 ? 14  VAL A N     1 
ATOM   109  C CA    . VAL A 1 15  ? -2.44115  0.02679   5.16968   1.000 15.87000 ? 14  VAL A CA    1 
ATOM   110  C C     . VAL A 1 15  ? -3.30645  -0.98578  5.91338   1.000 16.08000 ? 14  VAL A C     1 
ATOM   111  O O     . VAL A 1 15  ? -4.51394  -0.78400  6.05567   1.000 15.79000 ? 14  VAL A O     1 
ATOM   112  C CB    . VAL A 1 15  ? -2.53003  1.41904   5.81381   1.000 14.12000 ? 14  VAL A CB    1 
ATOM   113  C CG1   . VAL A 1 15  ? -2.07329  1.34735   7.29627   1.000 18.04000 ? 14  VAL A CG1   1 
ATOM   114  C CG2   . VAL A 1 15  ? -1.71890  2.46941   4.98226   1.000 16.08000 ? 14  VAL A CG2   1 
ATOM   115  N N     . ILE A 1 16  ? -2.72294  -2.10138  6.33931   1.000 15.06000 ? 15  ILE A N     1 
ATOM   116  C CA    . ILE A 1 16  ? -3.46072  -3.13967  7.05615   1.000 14.02000 ? 15  ILE A CA    1 
ATOM   117  C C     . ILE A 1 16  ? -3.10588  -3.01939  8.52970   1.000 16.81000 ? 15  ILE A C     1 
ATOM   118  O O     . ILE A 1 16  ? -1.92399  -3.02402  8.90479   1.000 14.79000 ? 15  ILE A O     1 
ATOM   119  C CB    . ILE A 1 16  ? -3.12136  -4.53970  6.52761   1.000 15.67000 ? 15  ILE A CB    1 
ATOM   120  C CG1   . ILE A 1 16  ? -3.41783  -4.64560  5.02248   1.000 18.34000 ? 15  ILE A CG1   1 
ATOM   121  C CG2   . ILE A 1 16  ? -3.87797  -5.61965  7.29455   1.000 18.21000 ? 15  ILE A CG2   1 
ATOM   122  C CD1   . ILE A 1 16  ? -3.23200  -6.08692  4.50918   1.000 16.29000 ? 15  ILE A CD1   1 
ATOM   123  N N     . CYS A 1 17  ? -4.11849  -2.92198  9.37017   1.000 16.36000 ? 16  CYS A N     1 
ATOM   124  C CA    . CYS A 1 17  ? -3.84186  -2.73501  10.78305  1.000 15.77000 ? 16  CYS A CA    1 
ATOM   125  C C     . CYS A 1 17  ? -4.44553  -3.88006  11.58876  1.000 15.62000 ? 16  CYS A C     1 
ATOM   126  O O     . CYS A 1 17  ? -5.30493  -4.63352  11.10852  1.000 15.50000 ? 16  CYS A O     1 
ATOM   127  C CB    . CYS A 1 17  ? -4.38915  -1.37735  11.24944  1.000 18.00000 ? 16  CYS A CB    1 
ATOM   128  S SG    . CYS A 1 17  ? -6.20855  -1.27875  11.41734  1.000 19.27000 ? 16  CYS A SG    1 
ATOM   129  N N     . ASN A 1 18  ? -3.97129  -4.03723  12.82165  1.000 16.13000 ? 17  ASN A N     1 
ATOM   130  C CA    . ASN A 1 18  ? -4.62805  -4.91866  13.80225  1.000 16.95000 ? 17  ASN A CA    1 
ATOM   131  C C     . ASN A 1 18  ? -5.20287  -4.07617  14.94146  1.000 19.69000 ? 17  ASN A C     1 
ATOM   132  O O     . ASN A 1 18  ? -5.31963  -2.85065  14.82013  1.000 19.06000 ? 17  ASN A O     1 
ATOM   133  C CB    . ASN A 1 18  ? -3.64984  -6.01306  14.28302  1.000 16.55000 ? 17  ASN A CB    1 
ATOM   134  C CG    . ASN A 1 18  ? -2.45087  -5.46797  15.07728  1.000 17.27000 ? 17  ASN A CG    1 
ATOM   135  O OD1   . ASN A 1 18  ? -2.45801  -4.34074  15.56186  1.000 20.15000 ? 17  ASN A OD1   1 
ATOM   136  N ND2   . ASN A 1 18  ? -1.41868  -6.30094  15.21895  1.000 18.67000 ? 17  ASN A ND2   1 
ATOM   137  N N     . ARG A 1 19  ? -5.56541  -4.73190  16.06276  1.000 23.48000 ? 18  ARG A N     1 
ATOM   138  C CA    . ARG A 1 19  ? -6.15469  -4.03124  17.20777  1.000 23.78000 ? 18  ARG A CA    1 
ATOM   139  C C     . ARG A 1 19  ? -5.12142  -3.67075  18.26782  1.000 26.10000 ? 18  ARG A C     1 
ATOM   140  O O     . ARG A 1 19  ? -5.49398  -3.35187  19.39979  1.000 29.45000 ? 18  ARG A O     1 
ATOM   141  C CB    . ARG A 1 19  ? -7.26276  -4.86498  17.86617  1.000 24.36000 ? 18  ARG A CB    1 
ATOM   142  C CG    . ARG A 1 19  ? -8.52732  -5.14347  17.04146  1.000 22.26000 ? 18  ARG A CG    1 
ATOM   143  C CD    . ARG A 1 19  ? -9.75663  -5.53701  17.93931  1.000 21.26000 ? 18  ARG A CD    1 
ATOM   144  N NE    . ARG A 1 19  ? -9.35372  -6.51112  18.92683  1.000 26.27000 ? 18  ARG A NE    1 
ATOM   145  C CZ    . ARG A 1 19  ? -9.49931  -6.38308  20.21948  1.000 23.70000 ? 18  ARG A CZ    1 
ATOM   146  N NH1   . ARG A 1 19  ? -10.15061 -5.33280  20.73101  1.000 19.27000 ? 18  ARG A NH1   1 
ATOM   147  N NH2   . ARG A 1 19  ? -9.00964  -7.32666  21.01446  1.000 31.31000 ? 18  ARG A NH2   1 
ATOM   148  N N     . GLN A 1 20  ? -3.84471  -3.71605  17.93135  1.000 23.84000 ? 19  GLN A N     1 
ATOM   149  C CA    . GLN A 1 20  ? -2.76744  -3.43260  18.86421  1.000 25.88000 ? 19  GLN A CA    1 
ATOM   150  C C     . GLN A 1 20  ? -1.96756  -2.20322  18.46359  1.000 23.92000 ? 19  GLN A C     1 
ATOM   151  O O     . GLN A 1 20  ? -0.80188  -2.06562  18.87541  1.000 27.19000 ? 19  GLN A O     1 
ATOM   152  C CB    . GLN A 1 20  ? -1.84283  -4.64763  18.99809  1.000 28.29000 ? 19  GLN A CB    1 
ATOM   153  C CG    . GLN A 1 20  ? -2.40014  -5.70405  19.93307  1.000 32.81000 ? 19  GLN A CG    1 
ATOM   154  C CD    . GLN A 1 20  ? -3.47363  -6.53968  19.26995  1.000 32.96000 ? 19  GLN A CD    1 
ATOM   155  O OE1   . GLN A 1 20  ? -3.29355  -6.99589  18.14214  1.000 35.14000 ? 19  GLN A OE1   1 
ATOM   156  N NE2   . GLN A 1 20  ? -4.60034  -6.73785  19.95830  1.000 28.38000 ? 19  GLN A NE2   1 
ATOM   157  N N     . GLY A 1 21  ? -2.55527  -1.30902  17.68012  1.000 24.92000 ? 20  GLY A N     1 
ATOM   158  C CA    . GLY A 1 21  ? -1.79929  -0.14855  17.26925  1.000 26.65000 ? 20  GLY A CA    1 
ATOM   159  C C     . GLY A 1 21  ? -0.71424  -0.43363  16.25913  1.000 25.75000 ? 20  GLY A C     1 
ATOM   160  O O     . GLY A 1 21  ? 0.20747   0.37859   16.12590  1.000 25.50000 ? 20  GLY A O     1 
ATOM   161  N N     . GLN A 1 22  ? -0.80049  -1.55561  15.53272  1.000 20.32000 ? 21  GLN A N     1 
ATOM   162  C CA    . GLN A 1 22  ? 0.25548   -1.96685  14.61155  1.000 16.99000 ? 21  GLN A CA    1 
ATOM   163  C C     . GLN A 1 22  ? -0.24757  -2.02302  13.17620  1.000 16.21000 ? 21  GLN A C     1 
ATOM   164  O O     . GLN A 1 22  ? -1.43657  -2.16995  12.92319  1.000 17.10000 ? 21  GLN A O     1 
ATOM   165  C CB    . GLN A 1 22  ? 0.81611   -3.32634  14.99385  1.000 18.76000 ? 21  GLN A CB    1 
ATOM   166  C CG    . GLN A 1 22  ? 1.45766   -3.33918  16.39938  1.000 23.44000 ? 21  GLN A CG    1 
ATOM   167  C CD    . GLN A 1 22  ? 1.89018   -4.73420  16.78327  1.000 24.06000 ? 21  GLN A CD    1 
ATOM   168  O OE1   . GLN A 1 22  ? 1.12403   -5.68729  16.63004  1.000 22.46000 ? 21  GLN A OE1   1 
ATOM   169  N NE2   . GLN A 1 22  ? 3.13537   -4.87304  17.24534  1.000 26.88000 ? 21  GLN A NE2   1 
ATOM   170  N N     . VAL A 1 23  ? 0.68879   -1.87660  12.23374  1.000 16.27000 ? 22  VAL A N     1 
ATOM   171  C CA    . VAL A 1 23  ? 0.38399   -2.00093  10.79994  1.000 17.94000 ? 22  VAL A CA    1 
ATOM   172  C C     . VAL A 1 23  ? 1.32730   -3.00334  10.14443  1.000 16.12000 ? 22  VAL A C     1 
ATOM   173  O O     . VAL A 1 23  ? 2.45404   -3.25513  10.60306  1.000 16.18000 ? 22  VAL A O     1 
ATOM   174  C CB    . VAL A 1 23  ? 0.44323   -0.64735  10.05145  1.000 16.24000 ? 22  VAL A CB    1 
ATOM   175  C CG1   . VAL A 1 23  ? -0.67507  0.26661   10.60518  1.000 17.30000 ? 22  VAL A CG1   1 
ATOM   176  C CG2   . VAL A 1 23  ? 1.84175   0.01406   10.19474  1.000 17.48000 ? 22  VAL A CG2   1 
ATOM   177  N N     . MET A 1 24  ? 0.85177   -3.59039  9.04643   1.000 15.71000 ? 23  MET A N     1 
ATOM   178  C CA    . MET A 1 24  ? 1.59487   -4.61955  8.34257   1.000 15.50000 ? 23  MET A CA    1 
ATOM   179  C C     . MET A 1 24  ? 2.66181   -3.96633  7.45862   1.000 15.80000 ? 23  MET A C     1 
ATOM   180  O O     . MET A 1 24  ? 2.36173   -3.13513  6.59914   1.000 16.95000 ? 23  MET A O     1 
ATOM   181  C CB    . MET A 1 24  ? 0.64561   -5.48448  7.50618   1.000 14.48000 ? 23  MET A CB    1 
ATOM   182  C CG    . MET A 1 24  ? 1.34679   -6.68910  6.84933   1.000 14.80000 ? 23  MET A CG    1 
ATOM   183  S SD    . MET A 1 24  ? 0.31704   -7.48820  5.53749   1.000 17.13000 ? 23  MET A SD    1 
ATOM   184  C CE    . MET A 1 24  ? 0.56167   -6.28135  4.23514   1.000 18.36000 ? 23  MET A CE    1 
ATOM   185  N N     . TRP A 1 25  ? 3.91081   -4.34217  7.69071   1.000 14.57000 ? 24  TRP A N     1 
ATOM   186  C CA    . TRP A 1 25  ? 5.07620   -3.75067  7.02990   1.000 14.54000 ? 24  TRP A CA    1 
ATOM   187  C C     . TRP A 1 25  ? 5.79832   -4.84406  6.25952   1.000 14.71000 ? 24  TRP A C     1 
ATOM   188  O O     . TRP A 1 25  ? 6.12502   -5.87541  6.83308   1.000 15.69000 ? 24  TRP A O     1 
ATOM   189  C CB    . TRP A 1 25  ? 5.97146   -3.14463  8.10961   1.000 17.24000 ? 24  TRP A CB    1 
ATOM   190  C CG    . TRP A 1 25  ? 7.05280   -2.19052  7.64472   1.000 18.85000 ? 24  TRP A CG    1 
ATOM   191  C CD1   . TRP A 1 25  ? 8.39086   -2.22400  7.95744   1.000 17.33000 ? 24  TRP A CD1   1 
ATOM   192  C CD2   . TRP A 1 25  ? 6.85690   -1.02848  6.84471   1.000 17.72000 ? 24  TRP A CD2   1 
ATOM   193  N NE1   . TRP A 1 25  ? 9.02832   -1.15593  7.40457   1.000 17.70000 ? 24  TRP A NE1   1 
ATOM   194  C CE2   . TRP A 1 25  ? 8.10892   -0.40495  6.70449   1.000 15.66000 ? 24  TRP A CE2   1 
ATOM   195  C CE3   . TRP A 1 25  ? 5.73106   -0.44696  6.23169   1.000 17.53000 ? 24  TRP A CE3   1 
ATOM   196  C CZ2   . TRP A 1 25  ? 8.28640   0.75974   5.95429   1.000 20.30000 ? 24  TRP A CZ2   1 
ATOM   197  C CZ3   . TRP A 1 25  ? 5.90172   0.69788   5.48379   1.000 17.30000 ? 24  TRP A CZ3   1 
ATOM   198  C CH2   . TRP A 1 25  ? 7.16234   1.30395   5.35917   1.000 17.34000 ? 24  TRP A CH2   1 
ATOM   199  N N     . ALA A 1 26  ? 6.08904   -4.62905  4.96451   1.000 15.47000 ? 25  ALA A N     1 
ATOM   200  C CA    . ALA A 1 26  ? 6.53025   -5.74277  4.13255   1.000 15.30000 ? 25  ALA A CA    1 
ATOM   201  C C     . ALA A 1 26  ? 7.82798   -5.39915  3.41004   1.000 14.63000 ? 25  ALA A C     1 
ATOM   202  O O     . ALA A 1 26  ? 8.02081   -4.26782  2.97417   1.000 16.54000 ? 25  ALA A O     1 
ATOM   203  C CB    . ALA A 1 26  ? 5.44033   -6.12598  3.09893   1.000 16.22000 ? 25  ALA A CB    1 
ATOM   204  N N     . ARG A 1 27  ? 8.73172   -6.37707  3.32601   1.000 14.84000 ? 26  ARG A N     1 
ATOM   205  C CA    . ARG A 1 27  ? 10.05446  -6.15255  2.73695   1.000 16.00000 ? 26  ARG A CA    1 
ATOM   206  C C     . ARG A 1 27  ? 10.00545  -6.37782  1.22920   1.000 14.67000 ? 26  ARG A C     1 
ATOM   207  O O     . ARG A 1 27  ? 9.63580   -7.46694  0.75294   1.000 14.45000 ? 26  ARG A O     1 
ATOM   208  C CB    . ARG A 1 27  ? 11.10297  -7.06916  3.38108   1.000 17.03000 ? 26  ARG A CB    1 
ATOM   209  C CG    . ARG A 1 27  ? 12.55077  -6.59966  3.07051   1.000 17.15000 ? 26  ARG A CG    1 
ATOM   210  C CD    . ARG A 1 27  ? 13.62931  -7.51423  3.70428   1.000 18.91000 ? 26  ARG A CD    1 
ATOM   211  N NE    . ARG A 1 27  ? 13.82045  -8.73866  2.92174   1.000 20.14000 ? 26  ARG A NE    1 
ATOM   212  C CZ    . ARG A 1 27  ? 14.65619  -9.70009  3.29423   1.000 23.35000 ? 26  ARG A CZ    1 
ATOM   213  N NH1   . ARG A 1 27  ? 15.34065  -9.54035  4.41946   1.000 22.53000 ? 26  ARG A NH1   1 
ATOM   214  N NH2   . ARG A 1 27  ? 14.81085  -10.80144 2.57131   1.000 18.47000 ? 26  ARG A NH2   1 
ATOM   215  N N     . ARG A 1 28  ? 10.39942  -5.34586  0.47799   1.000 17.68000 ? 27  ARG A N     1 
ATOM   216  C CA    . ARG A 1 28  ? 10.48366  -5.43876  -0.98019  1.000 17.57000 ? 27  ARG A CA    1 
ATOM   217  C C     . ARG A 1 28  ? 11.35238  -6.62839  -1.38733  1.000 15.81000 ? 27  ARG A C     1 
ATOM   218  O O     . ARG A 1 28  ? 12.42190  -6.83961  -0.81812  1.000 17.02000 ? 27  ARG A O     1 
ATOM   219  C CB    . ARG A 1 28  ? 11.06356  -4.13605  -1.54133  1.000 19.79000 ? 27  ARG A CB    1 
ATOM   220  C CG    . ARG A 1 28  ? 10.06839  -2.95980  -1.56177  1.000 18.42000 ? 27  ARG A CG    1 
ATOM   221  C CD    . ARG A 1 28  ? 10.72852  -1.68877  -2.09841  1.000 22.06000 ? 27  ARG A CD    1 
ATOM   222  N NE    . ARG A 1 28  ? 11.07106  -1.85446  -3.51023  1.000 23.39000 ? 27  ARG A NE    1 
ATOM   223  C CZ    . ARG A 1 28  ? 10.24949  -1.52394  -4.51944  1.000 24.56000 ? 27  ARG A CZ    1 
ATOM   224  N NH1   . ARG A 1 28  ? 10.62063  -1.69205  -5.79370  1.000 28.57000 ? 27  ARG A NH1   1 
ATOM   225  N NH2   . ARG A 1 28  ? 9.05969   -1.00333  -4.26282  1.000 22.39000 ? 27  ARG A NH2   1 
ATOM   226  N N     . PHE A 1 29  ? 10.85030  -7.43758  -2.31370  1.000 15.62000 ? 28  PHE A N     1 
ATOM   227  C CA    . PHE A 1 29  ? 11.45116  -8.71039  -2.70466  1.000 18.37000 ? 28  PHE A CA    1 
ATOM   228  C C     . PHE A 1 29  ? 12.92963  -8.55690  -3.05723  1.000 19.02000 ? 28  PHE A C     1 
ATOM   229  O O     . PHE A 1 29  ? 13.28458  -7.83955  -4.00412  1.000 18.83000 ? 28  PHE A O     1 
ATOM   230  C CB    . PHE A 1 29  ? 10.65048  -9.26060  -3.89158  1.000 17.31000 ? 28  PHE A CB    1 
ATOM   231  C CG    . PHE A 1 29  ? 11.15393  -10.57111 -4.42817  1.000 18.83000 ? 28  PHE A CG    1 
ATOM   232  C CD1   . PHE A 1 29  ? 11.00736  -11.74334 -3.70401  1.000 20.95000 ? 28  PHE A CD1   1 
ATOM   233  C CD2   . PHE A 1 29  ? 11.76434  -10.63669 -5.68550  1.000 22.17000 ? 28  PHE A CD2   1 
ATOM   234  C CE1   . PHE A 1 29  ? 11.47510  -12.95708 -4.20572  1.000 17.52000 ? 28  PHE A CE1   1 
ATOM   235  C CE2   . PHE A 1 29  ? 12.22161  -11.84581 -6.18614  1.000 25.86000 ? 28  PHE A CE2   1 
ATOM   236  C CZ    . PHE A 1 29  ? 12.07841  -13.00386 -5.45098  1.000 22.85000 ? 28  PHE A CZ    1 
ATOM   237  N N     . GLY A 1 30  ? 13.79996  -9.22977  -2.29181  1.000 18.52000 ? 29  GLY A N     1 
ATOM   238  C CA    . GLY A 1 30  ? 15.23472  -9.20379  -2.58260  1.000 20.30000 ? 29  GLY A CA    1 
ATOM   239  C C     . GLY A 1 30  ? 15.96654  -7.92924  -2.22362  1.000 25.40000 ? 29  GLY A C     1 
ATOM   240  O O     . GLY A 1 30  ? 17.10790  -7.73857  -2.66770  1.000 24.48000 ? 29  GLY A O     1 
ATOM   241  N N     . GLN A 1 31  ? 15.35198  -7.05056  -1.44213  1.000 22.18000 ? 30  GLN A N     1 
ATOM   242  C CA    . GLN A 1 31  ? 15.94294  -5.77410  -1.03323  1.000 24.09000 ? 30  GLN A CA    1 
ATOM   243  C C     . GLN A 1 31  ? 15.97639  -5.66815  0.49182   1.000 25.57000 ? 30  GLN A C     1 
ATOM   244  O O     . GLN A 1 31  ? 15.53788  -6.56899  1.22616   1.000 23.18000 ? 30  GLN A O     1 
ATOM   245  C CB    . GLN A 1 31  ? 15.17286  -4.59532  -1.63790  1.000 25.09000 ? 30  GLN A CB    1 
ATOM   246  C CG    . GLN A 1 31  ? 15.08687  -4.60888  -3.14311  1.000 26.19000 ? 30  GLN A CG    1 
ATOM   247  C CD    . GLN A 1 31  ? 16.45866  -4.37150  -3.78307  1.000 34.19000 ? 30  GLN A CD    1 
ATOM   248  O OE1   . GLN A 1 31  ? 17.33105  -3.71578  -3.18488  1.000 41.00000 ? 30  GLN A OE1   1 
ATOM   249  N NE2   . GLN A 1 31  ? 16.66131  -4.90484  -4.99109  1.000 39.97000 ? 30  GLN A NE2   1 
ATOM   250  N N     . HIS A 1 32  ? 16.48168  -4.53514  0.98753   1.000 24.05000 ? 31  HIS A N     1 
ATOM   251  C CA    . HIS A 1 32  ? 16.44403  -4.25623  2.41561   1.000 26.92000 ? 31  HIS A CA    1 
ATOM   252  C C     . HIS A 1 32  ? 15.49763  -3.11498  2.74642   1.000 23.24000 ? 31  HIS A C     1 
ATOM   253  O O     . HIS A 1 32  ? 15.45794  -2.65689  3.89724   1.000 30.55000 ? 31  HIS A O     1 
ATOM   254  C CB    . HIS A 1 32  ? 17.84513  -3.95321  2.95058   1.000 31.27000 ? 31  HIS A CB    1 
ATOM   255  C CG    . HIS A 1 32  ? 18.72862  -5.15804  3.02122   1.000 31.44000 ? 31  HIS A CG    1 
ATOM   256  N ND1   . HIS A 1 32  ? 18.40044  -6.27941  3.75895   1.000 32.80000 ? 31  HIS A ND1   1 
ATOM   257  C CD2   . HIS A 1 32  ? 19.92404  -5.41563  2.44678   1.000 33.54000 ? 31  HIS A CD2   1 
ATOM   258  C CE1   . HIS A 1 32  ? 19.35754  -7.18005  3.62546   1.000 33.23000 ? 31  HIS A CE1   1 
ATOM   259  N NE2   . HIS A 1 32  ? 20.29404  -6.67975  2.83513   1.000 29.79000 ? 31  HIS A NE2   1 
ATOM   260  N N     . SER A 1 33  ? 14.70656  -2.69197  1.77645   1.000 24.34000 ? 32  SER A N     1 
ATOM   261  C CA    . SER A 1 33  ? 13.75041  -1.61319  1.91249   1.000 21.16000 ? 32  SER A CA    1 
ATOM   262  C C     . SER A 1 33  ? 12.35550  -2.20298  2.05157   1.000 20.18000 ? 32  SER A C     1 
ATOM   263  O O     . SER A 1 33  ? 12.07041  -3.29639  1.54969   1.000 18.74000 ? 32  SER A O     1 
ATOM   264  C CB    . SER A 1 33  ? 13.80991  -0.69392  0.70179   1.000 25.86000 ? 32  SER A CB    1 
ATOM   265  O OG    . SER A 1 33  ? 13.77075  -1.44707  -0.49935  1.000 28.71000 ? 32  SER A OG    1 
ATOM   266  N N     . TRP A 1 34  ? 11.51542  -1.47781  2.76112   1.000 19.44000 ? 33  TRP A N     1 
ATOM   267  C CA    . TRP A 1 34  ? 10.20318  -1.96446  3.15985   1.000 17.17000 ? 33  TRP A CA    1 
ATOM   268  C C     . TRP A 1 34  ? 9.14576   -0.94356  2.77361   1.000 17.09000 ? 33  TRP A C     1 
ATOM   269  O O     . TRP A 1 34  ? 9.43533   0.25041   2.62028   1.000 18.39000 ? 33  TRP A O     1 
ATOM   270  C CB    . TRP A 1 34  ? 10.12651  -2.21026  4.66722   1.000 17.83000 ? 33  TRP A CB    1 
ATOM   271  C CG    . TRP A 1 34  ? 11.06049  -3.26346  5.20129   1.000 18.47000 ? 33  TRP A CG    1 
ATOM   272  C CD1   . TRP A 1 34  ? 12.43127  -3.24992  5.14527   1.000 19.06000 ? 33  TRP A CD1   1 
ATOM   273  C CD2   . TRP A 1 34  ? 10.69743  -4.46403  5.89115   1.000 18.43000 ? 33  TRP A CD2   1 
ATOM   274  N NE1   . TRP A 1 34  ? 12.94665  -4.38992  5.77188   1.000 20.55000 ? 33  TRP A NE1   1 
ATOM   275  C CE2   . TRP A 1 34  ? 11.90412  -5.13149  6.25181   1.000 18.56000 ? 33  TRP A CE2   1 
ATOM   276  C CE3   . TRP A 1 34  ? 9.47257   -5.02687  6.28842   1.000 18.89000 ? 33  TRP A CE3   1 
ATOM   277  C CZ2   . TRP A 1 34  ? 11.90679  -6.34460  6.93525   1.000 21.32000 ? 33  TRP A CZ2   1 
ATOM   278  C CZ3   . TRP A 1 34  ? 9.48731   -6.23733  6.98131   1.000 20.25000 ? 33  TRP A CZ3   1 
ATOM   279  C CH2   . TRP A 1 34  ? 10.70621  -6.87687  7.30142   1.000 21.54000 ? 33  TRP A CH2   1 
ATOM   280  N N     . GLN A 1 35  ? 7.89439   -1.40989  2.68511   1.000 17.20000 ? 34  GLN A N     1 
ATOM   281  C CA    . GLN A 1 35  ? 6.81613   -0.51033  2.27693   1.000 16.24000 ? 34  GLN A CA    1 
ATOM   282  C C     . GLN A 1 35  ? 5.47264   -1.17150  2.54934   1.000 17.20000 ? 34  GLN A C     1 
ATOM   283  O O     . GLN A 1 35  ? 5.39420   -2.34503  2.91383   1.000 16.28000 ? 34  GLN A O     1 
ATOM   284  C CB    . GLN A 1 35  ? 6.93578   -0.15339  0.80725   1.000 16.98000 ? 34  GLN A CB    1 
ATOM   285  C CG    . GLN A 1 35  ? 6.61358   -1.34119  -0.07967  1.000 17.72000 ? 34  GLN A CG    1 
ATOM   286  C CD    . GLN A 1 35  ? 6.76152   -1.03997  -1.55358  1.000 19.08000 ? 34  GLN A CD    1 
ATOM   287  O OE1   . GLN A 1 35  ? 7.69468   -0.37380  -1.96596  1.000 21.83000 ? 34  GLN A OE1   1 
ATOM   288  N NE2   . GLN A 1 35  ? 5.82853   -1.54970  -2.36102  1.000 18.55000 ? 34  GLN A NE2   1 
ATOM   289  N N     . PHE A 1 36  ? 4.40874   -0.40852  2.34907   1.000 15.65000 ? 35  PHE A N     1 
ATOM   290  C CA    . PHE A 1 36  ? 3.07117   -1.00468  2.30943   1.000 15.23000 ? 35  PHE A CA    1 
ATOM   291  C C     . PHE A 1 36  ? 2.78211   -1.61419  0.92705   1.000 15.96000 ? 35  PHE A C     1 
ATOM   292  O O     . PHE A 1 36  ? 3.32380   -1.15697  -0.07966  1.000 15.38000 ? 35  PHE A O     1 
ATOM   293  C CB    . PHE A 1 36  ? 2.03023   0.07324   2.57005   1.000 14.22000 ? 35  PHE A CB    1 
ATOM   294  C CG    . PHE A 1 36  ? 2.05929   0.65224   3.95059   1.000 14.62000 ? 35  PHE A CG    1 
ATOM   295  C CD1   . PHE A 1 36  ? 2.09185   -0.16248  5.07321   1.000 15.88000 ? 35  PHE A CD1   1 
ATOM   296  C CD2   . PHE A 1 36  ? 1.96880   2.03802   4.12442   1.000 16.48000 ? 35  PHE A CD2   1 
ATOM   297  C CE1   . PHE A 1 36  ? 2.06186   0.39099   6.36374   1.000 15.46000 ? 35  PHE A CE1   1 
ATOM   298  C CE2   . PHE A 1 36  ? 1.95747   2.59362   5.40122   1.000 15.21000 ? 35  PHE A CE2   1 
ATOM   299  C CZ    . PHE A 1 36  ? 1.99102   1.77312   6.51350   1.000 16.86000 ? 35  PHE A CZ    1 
ATOM   300  N N     . PRO A 1 37  ? 1.87076   -2.59646  0.83904   1.000 14.85000 ? 36  PRO A N     1 
ATOM   301  C CA    . PRO A 1 37  ? 1.41580   -3.06574  -0.48515  1.000 14.13000 ? 36  PRO A CA    1 
ATOM   302  C C     . PRO A 1 37  ? 0.91914   -1.93102  -1.36322  1.000 15.82000 ? 36  PRO A C     1 
ATOM   303  O O     . PRO A 1 37  ? 0.15836   -1.08170  -0.91643  1.000 15.00000 ? 36  PRO A O     1 
ATOM   304  C CB    . PRO A 1 37  ? 0.25930   -4.01409  -0.14341  1.000 15.34000 ? 36  PRO A CB    1 
ATOM   305  C CG    . PRO A 1 37  ? 0.63287   -4.52885  1.19741   1.000 14.76000 ? 36  PRO A CG    1 
ATOM   306  C CD    . PRO A 1 37  ? 1.15411   -3.29733  1.91994   1.000 16.06000 ? 36  PRO A CD    1 
ATOM   307  N N     . GLN A 1 38  ? 1.34624   -1.93363  -2.62735  1.000 14.28000 ? 37  GLN A N     1 
ATOM   308  C CA    . GLN A 1 38  ? 0.76686   -1.01567  -3.59547  1.000 17.74000 ? 37  GLN A CA    1 
ATOM   309  C C     . GLN A 1 38  ? 0.79857   -1.63773  -4.99204  1.000 20.01000 ? 37  GLN A C     1 
ATOM   310  O O     . GLN A 1 38  ? 1.64926   -2.47775  -5.30931  1.000 18.29000 ? 37  GLN A O     1 
ATOM   311  C CB    . GLN A 1 38  ? 1.47900   0.31980   -3.54581  1.000 18.16000 ? 37  GLN A CB    1 
ATOM   312  C CG    . GLN A 1 38  ? 2.92662   0.21692   -3.99415  1.000 22.05000 ? 37  GLN A CG    1 
ATOM   313  C CD    . GLN A 1 38  ? 3.54339   1.56917   -4.16565  1.000 20.44000 ? 37  GLN A CD    1 
ATOM   314  O OE1   . GLN A 1 38  ? 3.80261   2.26641   -3.19439  1.000 19.03000 ? 37  GLN A OE1   1 
ATOM   315  N NE2   . GLN A 1 38  ? 3.79043   1.94658   -5.41333  1.000 20.47000 ? 37  GLN A NE2   1 
ATOM   316  N N     . GLY A 1 39  ? -0.17947  -1.26062  -5.80850  1.000 19.68000 ? 38  GLY A N     1 
ATOM   317  C CA    . GLY A 1 39  ? -0.27061  -1.89458  -7.11184  1.000 19.76000 ? 38  GLY A CA    1 
ATOM   318  C C     . GLY A 1 39  ? -1.01151  -1.02041  -8.08915  1.000 20.57000 ? 38  GLY A C     1 
ATOM   319  O O     . GLY A 1 39  ? -1.69956  -0.08034  -7.70466  1.000 18.04000 ? 38  GLY A O     1 
ATOM   320  N N     . GLY A 1 40  ? -0.83592  -1.31619  -9.36193  1.000 22.23000 ? 39  GLY A N     1 
ATOM   321  C CA    . GLY A 1 40  ? -1.43908  -0.47302  -10.38000 1.000 22.45000 ? 39  GLY A CA    1 
ATOM   322  C C     . GLY A 1 40  ? -2.90928  -0.73768  -10.56610 1.000 20.68000 ? 39  GLY A C     1 
ATOM   323  O O     . GLY A 1 40  ? -3.44583  -1.79374  -10.22680 1.000 24.01000 ? 39  GLY A O     1 
ATOM   324  N N     . ILE A 1 41  ? -3.62389  0.26282   -11.07097 1.000 19.08000 ? 40  ILE A N     1 
ATOM   325  C CA    . ILE A 1 41  ? -5.03615  0.08998   -11.41285 1.000 17.41000 ? 40  ILE A CA    1 
ATOM   326  C C     . ILE A 1 41  ? -5.12763  -0.21992  -12.89927 1.000 23.06000 ? 40  ILE A C     1 
ATOM   327  O O     . ILE A 1 41  ? -4.75655  0.61418   -13.72107 1.000 25.84000 ? 40  ILE A O     1 
ATOM   328  C CB    . ILE A 1 41  ? -5.85405  1.33747   -11.07293 1.000 21.45000 ? 40  ILE A CB    1 
ATOM   329  C CG1   . ILE A 1 41  ? -5.77243  1.66716   -9.58707  1.000 17.55000 ? 40  ILE A CG1   1 
ATOM   330  C CG2   . ILE A 1 41  ? -7.29882  1.12036   -11.51399 1.000 19.56000 ? 40  ILE A CG2   1 
ATOM   331  C CD1   . ILE A 1 41  ? -6.37340  2.99095   -9.24008  1.000 17.52000 ? 40  ILE A CD1   1 
ATOM   332  N N     . ASN A 1 42  ? -5.64334  -1.38926  -13.26836 1.000 19.23000 ? 41  ASN A N     1 
ATOM   333  C CA    . ASN A 1 42  ? -5.77090  -1.74860  -14.69202 1.000 22.96000 ? 41  ASN A CA    1 
ATOM   334  C C     . ASN A 1 42  ? -6.93039  -1.00605  -15.36535 1.000 24.21000 ? 41  ASN A C     1 
ATOM   335  O O     . ASN A 1 42  ? -7.86160  -0.55916  -14.70244 1.000 21.23000 ? 41  ASN A O     1 
ATOM   336  C CB    . ASN A 1 42  ? -6.01548  -3.24460  -14.83489 1.000 22.28000 ? 41  ASN A CB    1 
ATOM   337  C CG    . ASN A 1 42  ? -4.82966  -4.06748  -14.45749 1.000 25.23000 ? 41  ASN A CG    1 
ATOM   338  O OD1   . ASN A 1 42  ? -3.67159  -3.63683  -14.59948 1.000 24.17000 ? 41  ASN A OD1   1 
ATOM   339  N ND2   . ASN A 1 42  ? -5.09645  -5.28346  -13.96982 1.000 23.19000 ? 41  ASN A ND2   1 
ATOM   340  N N     . PRO A 1 43  ? -6.91320  -0.89626  -16.69426 1.000 24.23000 ? 42  PRO A N     1 
ATOM   341  C CA    . PRO A 1 43  ? -8.09015  -0.35964  -17.38931 1.000 26.79000 ? 42  PRO A CA    1 
ATOM   342  C C     . PRO A 1 43  ? -9.28793  -1.22333  -17.05804 1.000 24.39000 ? 42  PRO A C     1 
ATOM   343  O O     . PRO A 1 43  ? -9.18798  -2.44846  -16.98527 1.000 31.23000 ? 42  PRO A O     1 
ATOM   344  C CB    . PRO A 1 43  ? -7.71758  -0.45941  -18.87473 1.000 29.66000 ? 42  PRO A CB    1 
ATOM   345  C CG    . PRO A 1 43  ? -6.20364  -0.49585  -18.88849 1.000 28.68000 ? 42  PRO A CG    1 
ATOM   346  C CD    . PRO A 1 43  ? -5.82674  -1.24588  -17.62834 1.000 22.77000 ? 42  PRO A CD    1 
ATOM   347  N N     . GLY A 1 44  ? -10.41560 -0.58872  -16.81711 1.000 25.46000 ? 43  GLY A N     1 
ATOM   348  C CA    . GLY A 1 44  ? -11.57322 -1.39826  -16.47642 1.000 27.87000 ? 43  GLY A CA    1 
ATOM   349  C C     . GLY A 1 44  ? -11.66658 -1.81765  -15.02578 1.000 26.82000 ? 43  GLY A C     1 
ATOM   350  O O     . GLY A 1 44  ? -12.52826 -2.64476  -14.69440 1.000 24.69000 ? 43  GLY A O     1 
ATOM   351  N N     . GLU A 1 45  ? -10.79517 -1.29205  -14.15992 1.000 22.79000 ? 44  GLU A N     1 
ATOM   352  C CA    . GLU A 1 45  ? -10.81923 -1.53588  -12.72440 1.000 22.52000 ? 44  GLU A CA    1 
ATOM   353  C C     . GLU A 1 45  ? -11.12775 -0.25989  -11.97442 1.000 19.20000 ? 44  GLU A C     1 
ATOM   354  O O     . GLU A 1 45  ? -10.48703 0.76554   -12.23323 1.000 23.69000 ? 44  GLU A O     1 
ATOM   355  C CB    . GLU A 1 45  ? -9.45020  -2.00806  -12.22069 1.000 23.44000 ? 44  GLU A CB    1 
ATOM   356  C CG    . GLU A 1 45  ? -9.37139  -3.42787  -11.99355 1.000 21.16000 ? 44  GLU A CG    1 
ATOM   357  C CD    . GLU A 1 45  ? -8.02033  -3.85071  -11.45417 1.000 19.41000 ? 44  GLU A CD    1 
ATOM   358  O OE1   . GLU A 1 45  ? -7.03071  -3.07766  -11.48635 1.000 19.47000 ? 44  GLU A OE1   1 
ATOM   359  O OE2   . GLU A 1 45  ? -7.96965  -5.00471  -11.06249 1.000 20.02000 ? 44  GLU A OE2   1 
ATOM   360  N N     . SER A 1 46  ? -12.02388 -0.34617  -10.98581 1.000 18.39000 ? 45  SER A N     1 
ATOM   361  C CA    . SER A 1 46  ? -12.12367 0.71732   -10.00634 1.000 18.01000 ? 45  SER A CA    1 
ATOM   362  C C     . SER A 1 46  ? -10.95795 0.60042   -9.03634  1.000 19.92000 ? 45  SER A C     1 
ATOM   363  O O     . SER A 1 46  ? -10.28426 -0.43310  -8.98182  1.000 17.13000 ? 45  SER A O     1 
ATOM   364  C CB    . SER A 1 46  ? -13.41356 0.62462   -9.22146  1.000 17.95000 ? 45  SER A CB    1 
ATOM   365  O OG    . SER A 1 46  ? -13.41456 -0.54183  -8.42156  1.000 20.00000 ? 45  SER A OG    1 
ATOM   366  N N     . ALA A 1 47  ? -10.73159 1.67596   -8.26974  1.000 15.36000 ? 46  ALA A N     1 
ATOM   367  C CA    . ALA A 1 47  ? -9.68063  1.63989   -7.24947  1.000 18.19000 ? 46  ALA A CA    1 
ATOM   368  C C     . ALA A 1 47  ? -9.93558  0.54484   -6.21629  1.000 17.19000 ? 46  ALA A C     1 
ATOM   369  O O     . ALA A 1 47  ? -8.99640  -0.16704  -5.81257  1.000 17.51000 ? 46  ALA A O     1 
ATOM   370  C CB    . ALA A 1 47  ? -9.57398  2.99569   -6.55777  1.000 19.68000 ? 46  ALA A CB    1 
ATOM   371  N N     . GLU A 1 48  ? -11.17814 0.40395   -5.75238  1.000 19.27000 ? 47  GLU A N     1 
ATOM   372  C CA    . GLU A 1 48  ? -11.45906 -0.63805  -4.76892  1.000 16.68000 ? 47  GLU A CA    1 
ATOM   373  C C     . GLU A 1 48  ? -11.17216 -2.00575  -5.35411  1.000 17.99000 ? 47  GLU A C     1 
ATOM   374  O O     . GLU A 1 48  ? -10.58765 -2.87517  -4.68332  1.000 14.03000 ? 47  GLU A O     1 
ATOM   375  C CB    . GLU A 1 48  ? -12.90720 -0.55809  -4.28440  1.000 21.23000 ? 47  GLU A CB    1 
ATOM   376  C CG    . GLU A 1 48  ? -13.13679 -1.42877  -3.05728  1.000 20.22000 ? 47  GLU A CG    1 
ATOM   377  C CD    . GLU A 1 48  ? -14.55347 -1.29715  -2.49717  1.000 26.50000 ? 47  GLU A CD    1 
ATOM   378  O OE1   . GLU A 1 48  ? -15.29414 -2.28657  -2.52402  1.000 25.78000 ? 47  GLU A OE1   1 
ATOM   379  O OE2   . GLU A 1 48  ? -14.91469 -0.20081  -2.03936  1.000 29.36000 ? 47  GLU A OE2   1 
ATOM   380  N N     . GLN A 1 49  ? -11.54387 -2.20619  -6.62308  1.000 17.17000 ? 48  GLN A N     1 
ATOM   381  C CA    . GLN A 1 49  ? -11.27436 -3.48433  -7.27949  1.000 17.08000 ? 48  GLN A CA    1 
ATOM   382  C C     . GLN A 1 49  ? -9.78923  -3.74919  -7.36272  1.000 16.16000 ? 48  GLN A C     1 
ATOM   383  O O     . GLN A 1 49  ? -9.33127  -4.85902  -7.04609  1.000 16.12000 ? 48  GLN A O     1 
ATOM   384  C CB    . GLN A 1 49  ? -11.89293 -3.49987  -8.67976  1.000 18.60000 ? 48  GLN A CB    1 
ATOM   385  C CG    . GLN A 1 49  ? -13.39351 -3.74303  -8.59854  1.000 16.85000 ? 48  GLN A CG    1 
ATOM   386  C CD    . GLN A 1 49  ? -14.09824 -3.40638  -9.88340  1.000 19.03000 ? 48  GLN A CD    1 
ATOM   387  O OE1   . GLN A 1 49  ? -13.46461 -3.12137  -10.91263 1.000 17.70000 ? 48  GLN A OE1   1 
ATOM   388  N NE2   . GLN A 1 49  ? -15.43844 -3.40617  -9.82681  1.000 22.75000 ? 48  GLN A NE2   1 
ATOM   389  N N     . ALA A 1 50  ? -9.02318  -2.73546  -7.78526  1.000 15.34000 ? 49  ALA A N     1 
ATOM   390  C CA    . ALA A 1 50  ? -7.56892  -2.85928  -7.86540  1.000 17.69000 ? 49  ALA A CA    1 
ATOM   391  C C     . ALA A 1 50  ? -6.96054  -3.14123  -6.50086  1.000 15.63000 ? 49  ALA A C     1 
ATOM   392  O O     . ALA A 1 50  ? -6.00618  -3.92576  -6.38575  1.000 14.98000 ? 49  ALA A O     1 
ATOM   393  C CB    . ALA A 1 50  ? -6.95844  -1.58164  -8.46798  1.000 16.57000 ? 49  ALA A CB    1 
ATOM   394  N N     . MET A 1 51  ? -7.51678  -2.53510  -5.44733  1.000 15.47000 ? 50  MET A N     1 
ATOM   395  C CA    . MET A 1 51  ? -7.04377  -2.83030  -4.08958  1.000 14.94000 ? 50  MET A CA    1 
ATOM   396  C C     . MET A 1 51  ? -7.28461  -4.28989  -3.72097  1.000 15.52000 ? 50  MET A C     1 
ATOM   397  O O     . MET A 1 51  ? -6.37789  -5.00027  -3.23147  1.000 15.02000 ? 50  MET A O     1 
ATOM   398  C CB    . MET A 1 51  ? -7.70329  -1.87618  -3.09513  1.000 15.76000 ? 50  MET A CB    1 
ATOM   399  C CG    . MET A 1 51  ? -7.25130  -2.04156  -1.62469  1.000 17.68000 ? 50  MET A CG    1 
ATOM   400  S SD    . MET A 1 51  ? -8.14369  -3.31802  -0.77399  1.000 17.79000 ? 50  MET A SD    1 
ATOM   401  C CE    . MET A 1 51  ? -9.76390  -2.57505  -0.82882  1.000 17.22000 ? 50  MET A CE    1 
ATOM   402  N N     . TYR A 1 52  ? -8.48012  -4.78162  -3.98604  1.000 16.00000 ? 51  TYR A N     1 
ATOM   403  C CA    . TYR A 1 52  ? -8.69646  -6.17257  -3.65747  1.000 14.84000 ? 51  TYR A CA    1 
ATOM   404  C C     . TYR A 1 52  ? -7.84651  -7.10176  -4.51145  1.000 16.27000 ? 51  TYR A C     1 
ATOM   405  O O     . TYR A 1 52  ? -7.43956  -8.16642  -4.02458  1.000 15.14000 ? 51  TYR A O     1 
ATOM   406  C CB    . TYR A 1 52  ? -10.17885 -6.46261  -3.75372  1.000 15.39000 ? 51  TYR A CB    1 
ATOM   407  C CG    . TYR A 1 52  ? -10.95451 -6.01199  -2.55518  1.000 15.79000 ? 51  TYR A CG    1 
ATOM   408  C CD1   . TYR A 1 52  ? -10.51057 -6.28142  -1.24751  1.000 15.42000 ? 51  TYR A CD1   1 
ATOM   409  C CD2   . TYR A 1 52  ? -12.17413 -5.35212  -2.71133  1.000 18.91000 ? 51  TYR A CD2   1 
ATOM   410  C CE1   . TYR A 1 52  ? -11.29104 -5.89640  -0.13640  1.000 19.98000 ? 51  TYR A CE1   1 
ATOM   411  C CE2   . TYR A 1 52  ? -12.92601 -4.96770  -1.61728  1.000 19.03000 ? 51  TYR A CE2   1 
ATOM   412  C CZ    . TYR A 1 52  ? -12.49015 -5.24279  -0.33443  1.000 19.59000 ? 51  TYR A CZ    1 
ATOM   413  O OH    . TYR A 1 52  ? -13.32412 -4.83574  0.72627   1.000 23.16000 ? 51  TYR A OH    1 
ATOM   414  N N     . ARG A 1 53  ? -7.50910  -6.72054  -5.75339  1.000 12.64000 ? 52  ARG A N     1 
ATOM   415  C CA    . ARG A 1 53  ? -6.67123  -7.61733  -6.54928  1.000 14.62000 ? 52  ARG A CA    1 
ATOM   416  C C     . ARG A 1 53  ? -5.24441  -7.64439  -6.00817  1.000 14.65000 ? 52  ARG A C     1 
ATOM   417  O O     . ARG A 1 53  ? -4.66477  -8.72090  -5.84999  1.000 13.75000 ? 52  ARG A O     1 
ATOM   418  C CB    . ARG A 1 53  ? -6.72358  -7.22800  -8.03366  1.000 16.00000 ? 52  ARG A CB    1 
ATOM   419  C CG    . ARG A 1 53  ? -5.67777  -7.98062  -8.84100  1.000 17.03000 ? 52  ARG A CG    1 
ATOM   420  C CD    . ARG A 1 53  ? -5.77580  -7.64738  -10.32804 1.000 16.44000 ? 52  ARG A CD    1 
ATOM   421  N NE    . ARG A 1 53  ? -5.63012  -6.20441  -10.55313 1.000 17.99000 ? 52  ARG A NE    1 
ATOM   422  C CZ    . ARG A 1 53  ? -4.45231  -5.60680  -10.60584 1.000 21.21000 ? 52  ARG A CZ    1 
ATOM   423  N NH1   . ARG A 1 53  ? -3.33661  -6.32843  -10.45545 1.000 21.83000 ? 52  ARG A NH1   1 
ATOM   424  N NH2   . ARG A 1 53  ? -4.38135  -4.30324  -10.79500 1.000 21.80000 ? 52  ARG A NH2   1 
ATOM   425  N N     . GLU A 1 54  ? -4.71290  -6.48000  -5.62582  1.000 14.52000 ? 53  GLU A N     1 
ATOM   426  C CA    . GLU A 1 54  ? -3.40160  -6.41975  -4.95741  1.000 16.91000 ? 53  GLU A CA    1 
ATOM   427  C C     . GLU A 1 54  ? -3.41675  -7.19915  -3.64751  1.000 14.74000 ? 53  GLU A C     1 
ATOM   428  O O     . GLU A 1 54  ? -2.45628  -7.91246  -3.32506  1.000 15.78000 ? 53  GLU A O     1 
ATOM   429  C CB    . GLU A 1 54  ? -3.02948  -4.96006  -4.67512  1.000 16.96000 ? 53  GLU A CB    1 
ATOM   430  C CG    . GLU A 1 54  ? -1.88548  -4.76004  -3.63365  1.000 18.34000 ? 53  GLU A CG    1 
ATOM   431  C CD    . GLU A 1 54  ? -0.49226  -5.06234  -4.17941  1.000 21.45000 ? 53  GLU A CD    1 
ATOM   432  O OE1   . GLU A 1 54  ? -0.33452  -5.36460  -5.39288  1.000 23.69000 ? 53  GLU A OE1   1 
ATOM   433  O OE2   . GLU A 1 54  ? 0.47317   -4.98014  -3.37844  1.000 19.97000 ? 53  GLU A OE2   1 
ATOM   434  N N     . LEU A 1 55  ? -4.50320  -7.06791  -2.87364  1.000 12.58000 ? 54  LEU A N     1 
ATOM   435  C CA    . LEU A 1 55  ? -4.62491  -7.78585  -1.61182  1.000 11.99000 ? 54  LEU A CA    1 
ATOM   436  C C     . LEU A 1 55  ? -4.54441  -9.28724  -1.83849  1.000 15.08000 ? 54  LEU A C     1 
ATOM   437  O O     . LEU A 1 55  ? -3.82373  -9.99534  -1.12869  1.000 14.79000 ? 54  LEU A O     1 
ATOM   438  C CB    . LEU A 1 55  ? -5.96003  -7.40301  -0.93842  1.000 14.10000 ? 54  LEU A CB    1 
ATOM   439  C CG    . LEU A 1 55  ? -6.14282  -7.95940  0.46459   1.000 14.12000 ? 54  LEU A CG    1 
ATOM   440  C CD1   . LEU A 1 55  ? -5.26228  -7.16203  1.37327   1.000 16.83000 ? 54  LEU A CD1   1 
ATOM   441  C CD2   . LEU A 1 55  ? -7.56467  -7.80308  0.90803   1.000 14.23000 ? 54  LEU A CD2   1 
ATOM   442  N N     . PHE A 1 56  ? -5.21252  -9.79022  -2.88733  1.000 12.45000 ? 55  PHE A N     1 
ATOM   443  C CA    . PHE A 1 56  ? -5.11522  -11.21526 -3.17883  1.000 13.42000 ? 55  PHE A CA    1 
ATOM   444  C C     . PHE A 1 56  ? -3.76105  -11.59988 -3.76434  1.000 15.73000 ? 55  PHE A C     1 
ATOM   445  O O     . PHE A 1 56  ? -3.14116  -12.59079 -3.33418  1.000 15.08000 ? 55  PHE A O     1 
ATOM   446  C CB    . PHE A 1 56  ? -6.23625  -11.63129 -4.14851  1.000 15.25000 ? 55  PHE A CB    1 
ATOM   447  C CG    . PHE A 1 56  ? -6.05272  -13.03159 -4.69151  1.000 16.33000 ? 55  PHE A CG    1 
ATOM   448  C CD1   . PHE A 1 56  ? -6.40533  -14.13346 -3.90477  1.000 19.71000 ? 55  PHE A CD1   1 
ATOM   449  C CD2   . PHE A 1 56  ? -5.47497  -13.23526 -5.96158  1.000 18.09000 ? 55  PHE A CD2   1 
ATOM   450  C CE1   . PHE A 1 56  ? -6.21799  -15.43774 -4.38196  1.000 19.31000 ? 55  PHE A CE1   1 
ATOM   451  C CE2   . PHE A 1 56  ? -5.26070  -14.52368 -6.43644  1.000 18.67000 ? 55  PHE A CE2   1 
ATOM   452  C CZ    . PHE A 1 56  ? -5.65432  -15.61943 -5.64358  1.000 17.37000 ? 55  PHE A CZ    1 
ATOM   453  N N     . GLU A 1 57  ? -3.29620  -10.85971 -4.77638  1.000 15.35000 ? 56  GLU A N     1 
ATOM   454  C CA    . GLU A 1 57  ? -2.12547  -11.33395 -5.52481  1.000 17.04000 ? 56  GLU A CA    1 
ATOM   455  C C     . GLU A 1 57  ? -0.84145  -11.20205 -4.72537  1.000 17.83000 ? 56  GLU A C     1 
ATOM   456  O O     . GLU A 1 57  ? 0.04882   -12.05969 -4.83834  1.000 20.92000 ? 56  GLU A O     1 
ATOM   457  C CB    . GLU A 1 57  ? -2.01514  -10.59315 -6.86629  1.000 17.95000 ? 56  GLU A CB    1 
ATOM   458  C CG    . GLU A 1 57  ? -3.16617  -10.95305 -7.81646  1.000 19.39000 ? 56  GLU A CG    1 
ATOM   459  C CD    . GLU A 1 57  ? -3.09328  -10.27869 -9.19238  1.000 24.67000 ? 56  GLU A CD    1 
ATOM   460  O OE1   . GLU A 1 57  ? -2.36163  -9.27241  -9.31605  1.000 24.11000 ? 56  GLU A OE1   1 
ATOM   461  O OE2   . GLU A 1 57  ? -3.79207  -10.74608 -10.13763 1.000 21.13000 ? 56  GLU A OE2   1 
ATOM   462  N N     . GLU A 1 58  ? -0.70940  -10.16506 -3.91442  1.000 15.08000 ? 57  GLU A N     1 
ATOM   463  C CA    . GLU A 1 58  ? 0.54331   -10.00797 -3.18838  1.000 17.79000 ? 57  GLU A CA    1 
ATOM   464  C C     . GLU A 1 58  ? 0.44678   -10.24813 -1.68082  1.000 18.44000 ? 57  GLU A C     1 
ATOM   465  O O     . GLU A 1 58  ? 1.47743   -10.43819 -1.05204  1.000 16.08000 ? 57  GLU A O     1 
ATOM   466  C CB    . GLU A 1 58  ? 1.12059   -8.62457  -3.46428  1.000 19.00000 ? 57  GLU A CB    1 
ATOM   467  C CG    . GLU A 1 58  ? 1.35353   -8.33733  -4.98874  1.000 18.56000 ? 57  GLU A CG    1 
ATOM   468  C CD    . GLU A 1 58  ? 2.20763   -9.39249  -5.73426  1.000 24.66000 ? 57  GLU A CD    1 
ATOM   469  O OE1   . GLU A 1 58  ? 3.03166   -10.11459 -5.10500  1.000 21.92000 ? 57  GLU A OE1   1 
ATOM   470  O OE2   . GLU A 1 58  ? 2.03055   -9.49330  -6.99166  1.000 26.87000 ? 57  GLU A OE2   1 
ATOM   471  N N     . VAL A 1 59  ? -0.73918  -10.27848 -1.08420  1.000 16.80000 ? 58  VAL A N     1 
ATOM   472  C CA    . VAL A 1 59  ? -0.87883  -10.57267 0.34109   1.000 15.59000 ? 58  VAL A CA    1 
ATOM   473  C C     . VAL A 1 59  ? -1.63095  -11.87414 0.58115   1.000 16.11000 ? 58  VAL A C     1 
ATOM   474  O O     . VAL A 1 59  ? -1.64836  -12.36617 1.72420   1.000 16.52000 ? 58  VAL A O     1 
ATOM   475  C CB    . VAL A 1 59  ? -1.57637  -9.40932  1.08134   1.000 17.50000 ? 58  VAL A CB    1 
ATOM   476  C CG1   . VAL A 1 59  ? -1.49839  -9.53521  2.62850   1.000 17.57000 ? 58  VAL A CG1   1 
ATOM   477  C CG2   . VAL A 1 59  ? -1.05350  -8.07539  0.58501   1.000 16.05000 ? 58  VAL A CG2   1 
ATOM   478  N N     . GLY A 1 60  ? -2.26835  -12.44058 -0.44850  1.000 15.29000 ? 59  GLY A N     1 
ATOM   479  C CA    . GLY A 1 60  ? -2.96346  -13.71038 -0.32849  1.000 14.16000 ? 59  GLY A CA    1 
ATOM   480  C C     . GLY A 1 60  ? -4.33457  -13.64415 0.32282   1.000 14.22000 ? 59  GLY A C     1 
ATOM   481  O O     . GLY A 1 60  ? -4.90513  -14.69235 0.63184   1.000 16.07000 ? 59  GLY A O     1 
ATOM   482  N N     . LEU A 1 61  ? -4.88943  -12.45599 0.53392   1.000 14.26000 ? 60  LEU A N     1 
ATOM   483  C CA    . LEU A 1 61  ? -6.09274  -12.29754 1.34085   1.000 14.47000 ? 60  LEU A CA    1 
ATOM   484  C C     . LEU A 1 61  ? -7.32474  -12.01883 0.47471   1.000 16.08000 ? 60  LEU A C     1 
ATOM   485  O O     . LEU A 1 61  ? -7.21187  -11.47623 -0.63722  1.000 14.71000 ? 60  LEU A O     1 
ATOM   486  C CB    . LEU A 1 61  ? -5.92477  -11.15099 2.33361   1.000 13.62000 ? 60  LEU A CB    1 
ATOM   487  C CG    . LEU A 1 61  ? -4.82590  -11.36862 3.38617   1.000 14.70000 ? 60  LEU A CG    1 
ATOM   488  C CD1   . LEU A 1 61  ? -4.84345  -10.19317 4.33858   1.000 16.17000 ? 60  LEU A CD1   1 
ATOM   489  C CD2   . LEU A 1 61  ? -5.08338  -12.64840 4.15193   1.000 17.10000 ? 60  LEU A CD2   1 
ATOM   490  N N     . SER A 1 62  ? -8.48825  -12.39896 1.01819   1.000 14.24000 ? 61  SER A N     1 
ATOM   491  C CA    . SER A 1 62  ? -9.83394  -12.15356 0.48460   1.000 14.42000 ? 61  SER A CA    1 
ATOM   492  C C     . SER A 1 62  ? -10.46221 -10.88622 1.07120   1.000 13.60000 ? 61  SER A C     1 
ATOM   493  O O     . SER A 1 62  ? -10.09205 -10.41342 2.15536   1.000 14.57000 ? 61  SER A O     1 
ATOM   494  C CB    . SER A 1 62  ? -10.72530 -13.35520 0.81250   1.000 18.34000 ? 61  SER A CB    1 
ATOM   495  O OG    . SER A 1 62  ? -12.06068 -13.16812 0.38533   1.000 15.95000 ? 61  SER A OG    1 
ATOM   496  N N     . ARG A 1 63  ? -11.48030 -10.35072 0.37020   1.000 14.97000 ? 62  ARG A N     1 
ATOM   497  C CA    . ARG A 1 63  ? -12.34168 -9.37344  1.03277   1.000 15.94000 ? 62  ARG A CA    1 
ATOM   498  C C     . ARG A 1 63  ? -12.79766 -9.87094  2.39158   1.000 17.13000 ? 62  ARG A C     1 
ATOM   499  O O     . ARG A 1 63  ? -12.96202 -9.08324  3.32673   1.000 16.52000 ? 62  ARG A O     1 
ATOM   500  C CB    . ARG A 1 63  ? -13.60763 -9.08581  0.21309   1.000 15.82000 ? 62  ARG A CB    1 
ATOM   501  C CG    . ARG A 1 63  ? -13.41394 -8.59852  -1.17730  1.000 16.25000 ? 62  ARG A CG    1 
ATOM   502  C CD    . ARG A 1 63  ? -14.78148 -8.07586  -1.71079  1.000 17.43000 ? 62  ARG A CD    1 
ATOM   503  N NE    . ARG A 1 63  ? -14.73477 -7.79196  -3.15587  1.000 16.82000 ? 62  ARG A NE    1 
ATOM   504  C CZ    . ARG A 1 63  ? -15.79889 -7.35156  -3.81960  1.000 23.98000 ? 62  ARG A CZ    1 
ATOM   505  N NH1   . ARG A 1 63  ? -16.93388 -7.16768  -3.15961  1.000 23.86000 ? 62  ARG A NH1   1 
ATOM   506  N NH2   . ARG A 1 63  ? -15.75322 -7.11474  -5.11751  1.000 21.90000 ? 62  ARG A NH2   1 
ATOM   507  N N     . LYS A 1 64  ? -13.06860 -11.16802 2.50312   1.000 16.49000 ? 63  LYS A N     1 
ATOM   508  C CA    . LYS A 1 64  ? -13.63954 -11.68095 3.74390   1.000 18.24000 ? 63  LYS A CA    1 
ATOM   509  C C     . LYS A 1 64  ? -12.65702 -11.60957 4.90621   1.000 17.11000 ? 63  LYS A C     1 
ATOM   510  O O     . LYS A 1 64  ? -13.05787 -11.80355 6.05506   1.000 18.59000 ? 63  LYS A O     1 
ATOM   511  C CB    . LYS A 1 64  ? -14.07816 -13.11369 3.54763   1.000 18.64000 ? 63  LYS A CB    1 
ATOM   512  C CG    . LYS A 1 64  ? -15.24456 -13.27690 2.54880   1.000 22.30000 ? 63  LYS A CG    1 
ATOM   513  C CD    . LYS A 1 64  ? -15.90375 -14.61306 2.88148   1.000 32.57000 ? 63  LYS A CD    1 
ATOM   514  C CE    . LYS A 1 64  ? -17.35099 -14.70478 2.43735   1.000 38.98000 ? 63  LYS A CE    1 
ATOM   515  N NZ    . LYS A 1 64  ? -17.98379 -16.03695 2.76790   1.000 39.54000 ? 63  LYS A NZ    1 
ATOM   516  N N     . ASP A 1 65  ? -11.37478 -11.41494 4.62350   1.000 16.91000 ? 64  ASP A N     1 
ATOM   517  C CA    . ASP A 1 65  ? -10.35684 -11.44139 5.66631   1.000 15.70000 ? 64  ASP A CA    1 
ATOM   518  C C     . ASP A 1 65  ? -10.13420 -10.09317 6.30800   1.000 15.15000 ? 64  ASP A C     1 
ATOM   519  O O     . ASP A 1 65  ? -9.33308  -9.99443  7.24992   1.000 16.69000 ? 64  ASP A O     1 
ATOM   520  C CB    . ASP A 1 65  ? -9.00862  -11.89565 5.10672   1.000 15.26000 ? 64  ASP A CB    1 
ATOM   521  C CG    . ASP A 1 65  ? -9.02416  -13.33500 4.60985   1.000 16.14000 ? 64  ASP A CG    1 
ATOM   522  O OD1   . ASP A 1 65  ? -9.53355  -14.21459 5.32729   1.000 17.96000 ? 64  ASP A OD1   1 
ATOM   523  O OD2   . ASP A 1 65  ? -8.49247  -13.59302 3.51729   1.000 16.29000 ? 64  ASP A OD2   1 
ATOM   524  N N     . VAL A 1 66  ? -10.76057 -9.04952  5.79010   1.000 14.22000 ? 65  VAL A N     1 
ATOM   525  C CA    . VAL A 1 66  ? -10.45354 -7.67883  6.17576   1.000 13.94000 ? 65  VAL A CA    1 
ATOM   526  C C     . VAL A 1 66  ? -11.76429 -6.91844  6.30863   1.000 17.66000 ? 65  VAL A C     1 
ATOM   527  O O     . VAL A 1 66  ? -12.81522 -7.35839  5.83103   1.000 17.13000 ? 65  VAL A O     1 
ATOM   528  C CB    . VAL A 1 66  ? -9.52008  -6.98573  5.16871   1.000 13.78000 ? 65  VAL A CB    1 
ATOM   529  C CG1   . VAL A 1 66  ? -8.19316  -7.72262  5.17545   1.000 16.00000 ? 65  VAL A CG1   1 
ATOM   530  C CG2   . VAL A 1 66  ? -10.22864 -6.92035  3.70876   1.000 14.09000 ? 65  VAL A CG2   1 
ATOM   531  N N     . ARG A 1 67  ? -11.70272 -5.75671  6.95057   1.000 16.57000 ? 66  ARG A N     1 
ATOM   532  C CA    . ARG A 1 67  ? -12.77378 -4.78774  6.73827   1.000 19.52000 ? 66  ARG A CA    1 
ATOM   533  C C     . ARG A 1 67  ? -12.18874 -3.41713  6.41943   1.000 20.09000 ? 66  ARG A C     1 
ATOM   534  O O     . ARG A 1 67  ? -11.17216 -2.99614  6.99666   1.000 19.44000 ? 66  ARG A O     1 
ATOM   535  C CB    . ARG A 1 67  ? -13.74090 -4.70804  7.92224   1.000 25.90000 ? 66  ARG A CB    1 
ATOM   536  C CG    . ARG A 1 67  ? -13.16044 -4.36777  9.22535   1.000 21.87000 ? 66  ARG A CG    1 
ATOM   537  C CD    . ARG A 1 67  ? -14.27221 -4.27842  10.30386  1.000 27.71000 ? 66  ARG A CD    1 
ATOM   538  N NE    . ARG A 1 67  ? -13.68513 -3.65334  11.48217  1.000 27.91000 ? 66  ARG A NE    1 
ATOM   539  C CZ    . ARG A 1 67  ? -14.32107 -2.85442  12.33382  1.000 27.96000 ? 66  ARG A CZ    1 
ATOM   540  N NH1   . ARG A 1 67  ? -15.60169 -2.56453  12.15463  1.000 30.27000 ? 66  ARG A NH1   1 
ATOM   541  N NH2   . ARG A 1 67  ? -13.65589 -2.33337  13.35827  1.000 25.64000 ? 66  ARG A NH2   1 
ATOM   542  N N     . ILE A 1 68  ? -12.81567 -2.74007  5.46415   1.000 19.36000 ? 67  ILE A N     1 
ATOM   543  C CA    . ILE A 1 68  ? -12.33891 -1.42363  5.05826   1.000 19.17000 ? 67  ILE A CA    1 
ATOM   544  C C     . ILE A 1 68  ? -12.77030 -0.42800  6.11988   1.000 21.74000 ? 67  ILE A C     1 
ATOM   545  O O     . ILE A 1 68  ? -13.96310 -0.29514  6.42003   1.000 22.72000 ? 67  ILE A O     1 
ATOM   546  C CB    . ILE A 1 68  ? -12.85593 -1.00583  3.67509   1.000 20.93000 ? 67  ILE A CB    1 
ATOM   547  C CG1   . ILE A 1 68  ? -12.33613 -1.93336  2.56339   1.000 22.17000 ? 67  ILE A CG1   1 
ATOM   548  C CG2   . ILE A 1 68  ? -12.32416 0.35224   3.37181   1.000 19.25000 ? 67  ILE A CG2   1 
ATOM   549  C CD1   . ILE A 1 68  ? -12.83343 -1.55783  1.13854   1.000 26.67000 ? 67  ILE A CD1   1 
ATOM   550  N N     . LEU A 1 69  ? -11.80712 0.26408   6.69745   1.000 20.74000 ? 68  LEU A N     1 
ATOM   551  C CA    . LEU A 1 69  ? -12.10986 1.23087   7.74169   1.000 19.52000 ? 68  LEU A CA    1 
ATOM   552  C C     . LEU A 1 69  ? -12.07984 2.66411   7.24868   1.000 24.19000 ? 68  LEU A C     1 
ATOM   553  O O     . LEU A 1 69  ? -12.76679 3.51464   7.82960   1.000 22.97000 ? 68  LEU A O     1 
ATOM   554  C CB    . LEU A 1 69  ? -11.11988 1.09472   8.89747   1.000 20.04000 ? 68  LEU A CB    1 
ATOM   555  C CG    . LEU A 1 69  ? -11.04924 -0.25458  9.60779   1.000 22.89000 ? 68  LEU A CG    1 
ATOM   556  C CD1   . LEU A 1 69  ? -10.09013 -0.16371  10.76724  1.000 23.50000 ? 68  LEU A CD1   1 
ATOM   557  C CD2   . LEU A 1 69  ? -12.42766 -0.72180  10.06813  1.000 25.60000 ? 68  LEU A CD2   1 
ATOM   558  N N     . ALA A 1 70  ? -11.29236 2.95144   6.20740   1.000 19.75000 ? 69  ALA A N     1 
ATOM   559  C CA    . ALA A 1 70  ? -11.16016 4.31244   5.70604   1.000 18.71000 ? 69  ALA A CA    1 
ATOM   560  C C     . ALA A 1 70  ? -10.49155 4.27078   4.34220   1.000 22.06000 ? 69  ALA A C     1 
ATOM   561  O O     . ALA A 1 70  ? -9.85457  3.28211   3.98596   1.000 19.84000 ? 69  ALA A O     1 
ATOM   562  C CB    . ALA A 1 70  ? -10.32466 5.16503   6.66310   1.000 20.95000 ? 69  ALA A CB    1 
ATOM   563  N N     . SER A 1 71  ? -10.64902 5.35551   3.58681   1.000 20.02000 ? 70  SER A N     1 
ATOM   564  C CA    . SER A 1 71  ? -9.90723  5.51625   2.33600   1.000 20.78000 ? 70  SER A CA    1 
ATOM   565  C C     . SER A 1 71  ? -9.63584  6.99823   2.13086   1.000 26.54000 ? 70  SER A C     1 
ATOM   566  O O     . SER A 1 71  ? -10.34737 7.84449   2.66914   1.000 27.08000 ? 70  SER A O     1 
ATOM   567  C CB    . SER A 1 71  ? -10.68093 4.94047   1.15132   1.000 24.66000 ? 70  SER A CB    1 
ATOM   568  O OG    . SER A 1 71  ? -11.95025 5.57180   1.03626   1.000 28.78000 ? 70  SER A OG    1 
ATOM   569  N N     . THR A 1 72  ? -8.60553  7.31155   1.35730   1.000 22.86000 ? 71  THR A N     1 
ATOM   570  C CA    . THR A 1 72  ? -8.30473  8.70276   1.05940   1.000 27.21000 ? 71  THR A CA    1 
ATOM   571  C C     . THR A 1 72  ? -9.21061  9.17753   -0.06706  1.000 31.30000 ? 71  THR A C     1 
ATOM   572  O O     . THR A 1 72  ? -9.63221  8.39002   -0.91839  1.000 29.52000 ? 71  THR A O     1 
ATOM   573  C CB    . THR A 1 72  ? -6.83895  8.85629   0.66272   1.000 25.82000 ? 71  THR A CB    1 
ATOM   574  O OG1   . THR A 1 72  ? -6.56865  7.94687   -0.40271  1.000 25.81000 ? 71  THR A OG1   1 
ATOM   575  C CG2   . THR A 1 72  ? -5.93003  8.53612   1.85058   1.000 28.14000 ? 71  THR A CG2   1 
ATOM   576  N N     . ARG A 1 73  ? -9.52348  10.47125  -0.06385  1.000 32.48000 ? 72  ARG A N     1 
ATOM   577  C CA    . ARG A 1 73  ? -10.50540 10.98089  -1.02396  1.000 36.75000 ? 72  ARG A CA    1 
ATOM   578  C C     . ARG A 1 73  ? -9.90213  11.12844  -2.41616  1.000 42.28000 ? 72  ARG A C     1 
ATOM   579  O O     . ARG A 1 73  ? -10.30118 10.43692  -3.36102  1.000 44.50000 ? 72  ARG A O     1 
ATOM   580  C CB    . ARG A 1 73  ? -11.07536 12.31722  -0.53195  1.000 42.78000 ? 72  ARG A CB    1 
ATOM   581  N N     . ASN A 1 74  ? -8.93566  12.02171  -2.56278  1.000 36.13000 ? 73  ASN A N     1 
ATOM   582  C CA    . ASN A 1 74  ? -8.38749  12.32601  -3.86947  1.000 39.73000 ? 73  ASN A CA    1 
ATOM   583  C C     . ASN A 1 74  ? -6.97299  11.78317  -3.97005  1.000 33.29000 ? 73  ASN A C     1 
ATOM   584  O O     . ASN A 1 74  ? -6.37949  11.32934  -2.98232  1.000 33.31000 ? 73  ASN A O     1 
ATOM   585  C CB    . ASN A 1 74  ? -8.41492  13.83463  -4.12541  1.000 41.38000 ? 73  ASN A CB    1 
ATOM   586  C CG    . ASN A 1 74  ? -9.78780  14.43490  -3.88953  1.000 44.93000 ? 73  ASN A CG    1 
ATOM   587  O OD1   . ASN A 1 74  ? -9.99316  15.16893  -2.92351  1.000 50.87000 ? 73  ASN A OD1   1 
ATOM   588  N ND2   . ASN A 1 74  ? -10.73693 14.11796  -4.76812  1.000 46.80000 ? 73  ASN A ND2   1 
ATOM   589  N N     . TRP A 1 75  ? -6.43473  11.85819  -5.18298  1.000 32.79000 ? 74  TRP A N     1 
ATOM   590  C CA    . TRP A 1 75  ? -5.12088  11.29175  -5.46033  1.000 27.37000 ? 74  TRP A CA    1 
ATOM   591  C C     . TRP A 1 75  ? -4.04567  11.91502  -4.58188  1.000 25.97000 ? 74  TRP A C     1 
ATOM   592  O O     . TRP A 1 75  ? -4.05938  13.12067  -4.31622  1.000 27.80000 ? 74  TRP A O     1 
ATOM   593  C CB    . TRP A 1 75  ? -4.74447  11.51740  -6.92846  1.000 25.99000 ? 74  TRP A CB    1 
ATOM   594  C CG    . TRP A 1 75  ? -5.64118  10.87121  -7.93276  1.000 30.99000 ? 74  TRP A CG    1 
ATOM   595  C CD1   . TRP A 1 75  ? -6.49346  11.49814  -8.80030  1.000 32.05000 ? 74  TRP A CD1   1 
ATOM   596  C CD2   . TRP A 1 75  ? -5.75107  9.47206   -8.20152  1.000 27.44000 ? 74  TRP A CD2   1 
ATOM   597  N NE1   . TRP A 1 75  ? -7.14363  10.56694  -9.58765  1.000 30.56000 ? 74  TRP A NE1   1 
ATOM   598  C CE2   . TRP A 1 75  ? -6.69809  9.31488   -9.24178  1.000 31.76000 ? 74  TRP A CE2   1 
ATOM   599  C CE3   . TRP A 1 75  ? -5.13630  8.33263   -7.66929  1.000 24.96000 ? 74  TRP A CE3   1 
ATOM   600  C CZ2   . TRP A 1 75  ? -7.04574  8.05862   -9.75310  1.000 30.19000 ? 74  TRP A CZ2   1 
ATOM   601  C CZ3   . TRP A 1 75  ? -5.49882  7.09067   -8.16910  1.000 24.75000 ? 74  TRP A CZ3   1 
ATOM   602  C CH2   . TRP A 1 75  ? -6.43265  6.96333   -9.20356  1.000 27.66000 ? 74  TRP A CH2   1 
ATOM   603  N N     . LEU A 1 76  ? -3.09647  11.07734  -4.14239  1.000 24.35000 ? 75  LEU A N     1 
ATOM   604  C CA    . LEU A 1 76  ? -1.82738  11.51304  -3.56278  1.000 26.34000 ? 75  LEU A CA    1 
ATOM   605  C C     . LEU A 1 76  ? -0.70013  11.10662  -4.51070  1.000 25.91000 ? 75  LEU A C     1 
ATOM   606  O O     . LEU A 1 76  ? -0.62596  9.94808   -4.92938  1.000 24.17000 ? 75  LEU A O     1 
ATOM   607  C CB    . LEU A 1 76  ? -1.61216  10.89218  -2.18144  1.000 26.23000 ? 75  LEU A CB    1 
ATOM   608  C CG    . LEU A 1 76  ? -2.58143  11.36353  -1.09738  1.000 28.04000 ? 75  LEU A CG    1 
ATOM   609  C CD1   . LEU A 1 76  ? -2.27701  10.60284  0.16731   1.000 27.67000 ? 75  LEU A CD1   1 
ATOM   610  C CD2   . LEU A 1 76  ? -2.38414  12.84267  -0.86899  1.000 31.82000 ? 75  LEU A CD2   1 
ATOM   611  N N     . ARG A 1 77  ? 0.17409   12.04847  -4.84483  1.000 22.45000 ? 76  ARG A N     1 
ATOM   612  C CA    . ARG A 1 77  ? 1.17211   11.85720  -5.89842  1.000 22.48000 ? 76  ARG A CA    1 
ATOM   613  C C     . ARG A 1 77  ? 2.59102   11.89030  -5.33929  1.000 23.35000 ? 76  ARG A C     1 
ATOM   614  O O     . ARG A 1 77  ? 2.90856   12.65310  -4.41918  1.000 24.62000 ? 76  ARG A O     1 
ATOM   615  C CB    . ARG A 1 77  ? 1.04781   12.92928  -6.98853  1.000 26.40000 ? 76  ARG A CB    1 
ATOM   616  C CG    . ARG A 1 77  ? -0.27949  12.88981  -7.75224  1.000 27.42000 ? 76  ARG A CG    1 
ATOM   617  C CD    . ARG A 1 77  ? -0.41399  14.10120  -8.67188  1.000 28.75000 ? 76  ARG A CD    1 
ATOM   618  N NE    . ARG A 1 77  ? -1.51436  13.94192  -9.60609  1.000 30.62000 ? 76  ARG A NE    1 
ATOM   619  C CZ    . ARG A 1 77  ? -2.76071  14.26106  -9.29766  1.000 34.84000 ? 76  ARG A CZ    1 
ATOM   620  N NH1   . ARG A 1 77  ? -3.00921  14.74465  -8.07641  1.000 34.96000 ? 76  ARG A NH1   1 
ATOM   621  N NH2   . ARG A 1 77  ? -3.73995  14.08440  -10.17750 1.000 35.63000 ? 76  ARG A NH2   1 
ATOM   622  N N     . TYR A 1 78  ? 3.45721   11.07436  -5.93353  1.000 21.65000 ? 77  TYR A N     1 
ATOM   623  C CA    . TYR A 1 78  ? 4.88928   11.21906  -5.72745  1.000 25.19000 ? 77  TYR A CA    1 
ATOM   624  C C     . TYR A 1 78  ? 5.58688   11.07241  -7.06832  1.000 24.72000 ? 77  TYR A C     1 
ATOM   625  O O     . TYR A 1 78  ? 5.10610   10.35702  -7.96141  1.000 23.23000 ? 77  TYR A O     1 
ATOM   626  C CB    . TYR A 1 78  ? 5.44727   10.20291  -4.71818  1.000 24.30000 ? 77  TYR A CB    1 
ATOM   627  C CG    . TYR A 1 78  ? 5.37414   8.72730   -5.11455  1.000 21.03000 ? 77  TYR A CG    1 
ATOM   628  C CD1   . TYR A 1 78  ? 6.28980   8.16465   -5.97816  1.000 23.36000 ? 77  TYR A CD1   1 
ATOM   629  C CD2   . TYR A 1 78  ? 4.43780   7.89819   -4.54288  1.000 20.40000 ? 77  TYR A CD2   1 
ATOM   630  C CE1   . TYR A 1 78  ? 6.23119   6.81040   -6.30212  1.000 23.40000 ? 77  TYR A CE1   1 
ATOM   631  C CE2   . TYR A 1 78  ? 4.37208   6.56289   -4.86125  1.000 21.79000 ? 77  TYR A CE2   1 
ATOM   632  C CZ    . TYR A 1 78  ? 5.26743   6.02646   -5.73389  1.000 20.81000 ? 77  TYR A CZ    1 
ATOM   633  O OH    . TYR A 1 78  ? 5.21053   4.69040   -6.05061  1.000 22.17000 ? 77  TYR A OH    1 
ATOM   634  N N     . LYS A 1 79  ? 6.72821   11.74390  -7.20293  1.000 25.61000 ? 78  LYS A N     1 
ATOM   635  C CA    . LYS A 1 79  ? 7.52214   11.68461  -8.42318  1.000 26.16000 ? 78  LYS A CA    1 
ATOM   636  C C     . LYS A 1 79  ? 8.70189   10.74613  -8.22922  1.000 27.42000 ? 78  LYS A C     1 
ATOM   637  O O     . LYS A 1 79  ? 9.31894   10.72850  -7.16008  1.000 26.20000 ? 78  LYS A O     1 
ATOM   638  C CB    . LYS A 1 79  ? 8.03549   13.07503  -8.81684  1.000 28.90000 ? 78  LYS A CB    1 
ATOM   639  C CG    . LYS A 1 79  ? 6.92881   14.11360  -8.98073  1.000 33.93000 ? 78  LYS A CG    1 
ATOM   640  C CD    . LYS A 1 79  ? 7.49179   15.50909  -9.22990  1.000 39.07000 ? 78  LYS A CD    1 
ATOM   641  C CE    . LYS A 1 79  ? 6.45394   16.40876  -9.89686  1.000 44.84000 ? 78  LYS A CE    1 
ATOM   642  N NZ    . LYS A 1 79  ? 6.10705   17.61541  -9.07457  1.000 55.38000 ? 78  LYS A NZ    1 
ATOM   643  N N     . LEU A 1 80  ? 9.01128   9.97153   -9.26456  1.000 25.63000 ? 79  LEU A N     1 
ATOM   644  C CA    . LEU A 1 80  ? 10.20197  9.14200   -9.22552  1.000 25.81000 ? 79  LEU A CA    1 
ATOM   645  C C     . LEU A 1 80  ? 11.45143  10.01929  -9.26192  1.000 29.40000 ? 79  LEU A C     1 
ATOM   646  O O     . LEU A 1 80  ? 11.46540  11.05688  -9.92920  1.000 29.04000 ? 79  LEU A O     1 
ATOM   647  C CB    . LEU A 1 80  ? 10.22657  8.19320   -10.41035 1.000 29.32000 ? 79  LEU A CB    1 
ATOM   648  C CG    . LEU A 1 80  ? 9.09112   7.19204   -10.47575 1.000 28.81000 ? 79  LEU A CG    1 
ATOM   649  C CD1   . LEU A 1 80  ? 9.13246   6.44939   -11.81405 1.000 34.36000 ? 79  LEU A CD1   1 
ATOM   650  C CD2   . LEU A 1 80  ? 9.25591   6.24224   -9.30061  1.000 31.13000 ? 79  LEU A CD2   1 
ATOM   651  N N     . PRO A 1 81  ? 12.51238  9.62357   -8.56420  1.000 28.65000 ? 80  PRO A N     1 
ATOM   652  C CA    . PRO A 1 81  ? 13.80605  10.28540  -8.77118  1.000 30.94000 ? 80  PRO A CA    1 
ATOM   653  C C     . PRO A 1 81  ? 14.13561  10.28460  -10.25606 1.000 28.06000 ? 80  PRO A C     1 
ATOM   654  O O     . PRO A 1 81  ? 13.81317  9.33477   -10.97612 1.000 29.06000 ? 80  PRO A O     1 
ATOM   655  C CB    . PRO A 1 81  ? 14.78337  9.42425   -7.96853  1.000 31.19000 ? 80  PRO A CB    1 
ATOM   656  C CG    . PRO A 1 81  ? 13.90746  8.81103   -6.88540  1.000 28.85000 ? 80  PRO A CG    1 
ATOM   657  C CD    . PRO A 1 81  ? 12.58777  8.55153   -7.55670  1.000 30.22000 ? 80  PRO A CD    1 
ATOM   658  N N     . LYS A 1 82  ? 14.72724  11.38848  -10.72181 1.000 29.52000 ? 81  LYS A N     1 
ATOM   659  C CA    . LYS A 1 82  ? 14.96043  11.55302  -12.15839 1.000 33.41000 ? 81  LYS A CA    1 
ATOM   660  C C     . LYS A 1 82  ? 15.72657  10.37732  -12.74368 1.000 31.21000 ? 81  LYS A C     1 
ATOM   661  O O     . LYS A 1 82  ? 15.46391  9.95931   -13.87505 1.000 31.59000 ? 81  LYS A O     1 
ATOM   662  C CB    . LYS A 1 82  ? 15.70426  12.86329  -12.42400 1.000 35.31000 ? 81  LYS A CB    1 
ATOM   663  C CG    . LYS A 1 82  ? 14.85731  14.10519  -12.16688 1.000 39.82000 ? 81  LYS A CG    1 
ATOM   664  N N     . ARG A 1 83  ? 16.66253  9.81669   -11.98568 1.000 31.07000 ? 82  ARG A N     1 
ATOM   665  C CA    . ARG A 1 83  ? 17.47351  8.71402   -12.48299 1.000 36.51000 ? 82  ARG A CA    1 
ATOM   666  C C     . ARG A 1 83  ? 16.68210  7.42757   -12.65674 1.000 39.07000 ? 82  ARG A C     1 
ATOM   667  O O     . ARG A 1 83  ? 17.17430  6.50996   -13.32221 1.000 38.45000 ? 82  ARG A O     1 
ATOM   668  C CB    . ARG A 1 83  ? 18.65646  8.46936   -11.54058 1.000 35.83000 ? 82  ARG A CB    1 
ATOM   669  C CG    . ARG A 1 83  ? 19.81788  9.43912   -11.74659 1.000 36.21000 ? 82  ARG A CG    1 
ATOM   670  N N     . LEU A 1 84  ? 15.47733  7.34388   -12.08855 1.000 35.57000 ? 83  LEU A N     1 
ATOM   671  C CA    . LEU A 1 84  ? 14.65079  6.14380   -12.13522 1.000 39.09000 ? 83  LEU A CA    1 
ATOM   672  C C     . LEU A 1 84  ? 13.49816  6.24661   -13.12581 1.000 39.23000 ? 83  LEU A C     1 
ATOM   673  O O     . LEU A 1 84  ? 12.69538  5.31043   -13.21649 1.000 42.29000 ? 83  LEU A O     1 
ATOM   674  C CB    . LEU A 1 84  ? 14.09124  5.82943   -10.73891 1.000 37.56000 ? 83  LEU A CB    1 
ATOM   675  C CG    . LEU A 1 84  ? 14.97325  5.07586   -9.73211  1.000 38.77000 ? 83  LEU A CG    1 
ATOM   676  C CD1   . LEU A 1 84  ? 16.36822  5.67972   -9.59178  1.000 41.60000 ? 83  LEU A CD1   1 
ATOM   677  C CD2   . LEU A 1 84  ? 14.28345  5.04012   -8.37955  1.000 35.93000 ? 83  LEU A CD2   1 
ATOM   678  N N     . VAL A 1 85  ? 13.37798  7.35704   -13.84979 1.000 36.64000 ? 84  VAL A N     1 
ATOM   679  C CA    . VAL A 1 85  ? 12.39200  7.47127   -14.91628 1.000 41.39000 ? 84  VAL A CA    1 
ATOM   680  C C     . VAL A 1 85  ? 12.90415  6.71339   -16.13321 1.000 47.69000 ? 84  VAL A C     1 
ATOM   681  O O     . VAL A 1 85  ? 14.10091  6.75563   -16.44819 1.000 48.43000 ? 84  VAL A O     1 
ATOM   682  C CB    . VAL A 1 85  ? 12.12611  8.94959   -15.25051 1.000 37.01000 ? 84  VAL A CB    1 
ATOM   683  C CG1   . VAL A 1 85  ? 11.06896  9.07483   -16.33354 1.000 41.42000 ? 84  VAL A CG1   1 
ATOM   684  C CG2   . VAL A 1 85  ? 11.72836  9.71940   -14.00346 1.000 35.60000 ? 84  VAL A CG2   1 
ATOM   685  N N     . ARG A 1 86  ? 12.00081  6.02016   -16.83150 1.000 47.03000 ? 85  ARG A N     1 
ATOM   686  C CA    . ARG A 1 86  ? 12.36101  5.18640   -17.98033 1.000 54.86000 ? 85  ARG A CA    1 
ATOM   687  C C     . ARG A 1 86  ? 11.61900  5.66890   -19.22214 1.000 56.64000 ? 85  ARG A C     1 
ATOM   688  O O     . ARG A 1 86  ? 10.39562  5.52364   -19.31512 1.000 56.07000 ? 85  ARG A O     1 
ATOM   689  C CB    . ARG A 1 86  ? 12.05300  3.71256   -17.70097 1.000 54.16000 ? 85  ARG A CB    1 
ATOM   690  N N     . TRP A 1 87  ? 12.35767  6.22833   -20.17909 1.000 62.24000 ? 86  TRP A N     1 
ATOM   691  C CA    . TRP A 1 87  ? 11.79126  6.57469   -21.48596 1.000 65.06000 ? 86  TRP A CA    1 
ATOM   692  C C     . TRP A 1 87  ? 11.74005  5.34773   -22.39285 1.000 68.07000 ? 86  TRP A C     1 
ATOM   693  O O     . TRP A 1 87  ? 12.70822  4.58841   -22.48059 1.000 69.71000 ? 86  TRP A O     1 
ATOM   694  C CB    . TRP A 1 87  ? 12.60276  7.68567   -22.15996 1.000 62.95000 ? 86  TRP A CB    1 
ATOM   695  C CG    . TRP A 1 87  ? 12.54721  8.98805   -21.42752 1.000 61.93000 ? 86  TRP A CG    1 
ATOM   696  C CD1   . TRP A 1 87  ? 11.68119  10.01738  -21.65596 1.000 60.73000 ? 86  TRP A CD1   1 
ATOM   697  C CD2   . TRP A 1 87  ? 13.38569  9.40354   -20.33802 1.000 61.04000 ? 86  TRP A CD2   1 
ATOM   698  N NE1   . TRP A 1 87  ? 11.92684  11.04690  -20.77616 1.000 60.75000 ? 86  TRP A NE1   1 
ATOM   699  C CE2   . TRP A 1 87  ? 12.96870  10.69346  -19.95927 1.000 59.17000 ? 86  TRP A CE2   1 
ATOM   700  C CE3   . TRP A 1 87  ? 14.44848  8.81076   -19.64780 1.000 61.91000 ? 86  TRP A CE3   1 
ATOM   701  C CZ2   . TRP A 1 87  ? 13.58413  11.40445  -18.93897 1.000 53.28000 ? 86  TRP A CZ2   1 
ATOM   702  C CZ3   . TRP A 1 87  ? 15.05402  9.52514   -18.61920 1.000 54.84000 ? 86  TRP A CZ3   1 
ATOM   703  C CH2   . TRP A 1 87  ? 14.61372  10.80551  -18.27413 1.000 51.04000 ? 86  TRP A CH2   1 
ATOM   704  N N     . PRO A 1 91  ? 3.90478   6.87535   -23.73663 1.000 63.59000 ? 90  PRO A N     1 
ATOM   705  C CA    . PRO A 1 91  ? 3.92629   7.95337   -22.74197 1.000 56.36000 ? 90  PRO A CA    1 
ATOM   706  C C     . PRO A 1 91  ? 5.00062   7.71927   -21.67695 1.000 53.58000 ? 90  PRO A C     1 
ATOM   707  O O     . PRO A 1 91  ? 5.36857   6.56660   -21.41673 1.000 54.55000 ? 90  PRO A O     1 
ATOM   708  C CB    . PRO A 1 91  ? 2.51879   7.90015   -22.14785 1.000 52.98000 ? 90  PRO A CB    1 
ATOM   709  C CG    . PRO A 1 91  ? 2.14956   6.45422   -22.24736 1.000 59.68000 ? 90  PRO A CG    1 
ATOM   710  C CD    . PRO A 1 91  ? 2.79141   5.93872   -23.51016 1.000 62.12000 ? 90  PRO A CD    1 
ATOM   711  N N     . VAL A 1 92  ? 5.51787   8.79805   -21.08769 1.000 45.32000 ? 91  VAL A N     1 
ATOM   712  C CA    . VAL A 1 92  ? 6.57594   8.70208   -20.09253 1.000 41.80000 ? 91  VAL A CA    1 
ATOM   713  C C     . VAL A 1 92  ? 5.95431   8.81757   -18.71510 1.000 36.73000 ? 91  VAL A C     1 
ATOM   714  O O     . VAL A 1 92  ? 5.16986   9.74021   -18.45475 1.000 31.51000 ? 91  VAL A O     1 
ATOM   715  C CB    . VAL A 1 92  ? 7.64730   9.78449   -20.28458 1.000 44.29000 ? 91  VAL A CB    1 
ATOM   716  C CG1   . VAL A 1 92  ? 8.78068   9.55105   -19.29007 1.000 43.53000 ? 91  VAL A CG1   1 
ATOM   717  C CG2   . VAL A 1 92  ? 8.16029   9.77710   -21.71311 1.000 46.18000 ? 91  VAL A CG2   1 
ATOM   718  N N     . CYS A 1 93  ? 6.31465   7.89885   -17.83399 1.000 32.60000 ? 92  CYS A N     1 
ATOM   719  C CA    . CYS A 1 93  ? 5.77110   7.87303   -16.48092 1.000 30.54000 ? 92  CYS A CA    1 
ATOM   720  C C     . CYS A 1 93  ? 6.76745   8.51650   -15.52616 1.000 26.56000 ? 92  CYS A C     1 
ATOM   721  O O     . CYS A 1 93  ? 7.88304   8.01260   -15.36560 1.000 26.54000 ? 92  CYS A O     1 
ATOM   722  C CB    . CYS A 1 93  ? 5.47589   6.44749   -16.03740 1.000 27.15000 ? 92  CYS A CB    1 
ATOM   723  S SG    . CYS A 1 93  ? 4.90089   6.40034   -14.31480 1.000 27.06000 ? 92  CYS A SG    1 
ATOM   724  N N     . ILE A 1 94  ? 6.35113   9.60702   -14.87651 1.000 23.37000 ? 93  ILE A N     1 
ATOM   725  C CA    . ILE A 1 94  ? 7.21010   10.33041  -13.94708 1.000 24.03000 ? 93  ILE A CA    1 
ATOM   726  C C     . ILE A 1 94  ? 6.86997   10.06130  -12.47840 1.000 23.67000 ? 93  ILE A C     1 
ATOM   727  O O     . ILE A 1 94  ? 7.52493   10.61858  -11.59334 1.000 24.20000 ? 93  ILE A O     1 
ATOM   728  C CB    . ILE A 1 94  ? 7.17364   11.84760  -14.21621 1.000 29.24000 ? 93  ILE A CB    1 
ATOM   729  C CG1   . ILE A 1 94  ? 5.76395   12.38604  -14.10943 1.000 28.77000 ? 93  ILE A CG1   1 
ATOM   730  C CG2   . ILE A 1 94  ? 7.70301   12.17684  -15.60745 1.000 32.63000 ? 93  ILE A CG2   1 
ATOM   731  C CD1   . ILE A 1 94  ? 5.74506   13.88918  -14.02487 1.000 31.34000 ? 93  ILE A CD1   1 
ATOM   732  N N     . GLY A 1 95  ? 5.86993   9.23782   -12.19461 1.000 25.34000 ? 94  GLY A N     1 
ATOM   733  C CA    . GLY A 1 95  ? 5.47815   9.03403   -10.81265 1.000 23.05000 ? 94  GLY A CA    1 
ATOM   734  C C     . GLY A 1 95  ? 4.17344   8.27103   -10.74458 1.000 20.13000 ? 94  GLY A C     1 
ATOM   735  O O     . GLY A 1 95  ? 3.63648   7.82544   -11.76608 1.000 21.94000 ? 94  GLY A O     1 
ATOM   736  N N     . GLN A 1 96  ? 3.66119   8.14174   -9.52132  1.000 21.47000 ? 95  GLN A N     1 
ATOM   737  C CA    . GLN A 1 96  ? 2.38754   7.48057   -9.31375  1.000 21.61000 ? 95  GLN A CA    1 
ATOM   738  C C     . GLN A 1 96  ? 1.41311   8.42493   -8.62765  1.000 20.70000 ? 95  GLN A C     1 
ATOM   739  O O     . GLN A 1 96  ? 1.79475   9.28365   -7.81506  1.000 22.41000 ? 95  GLN A O     1 
ATOM   740  C CB    . GLN A 1 96  ? 2.52470   6.21174   -8.48491  1.000 22.21000 ? 95  GLN A CB    1 
ATOM   741  C CG    . GLN A 1 96  ? 3.38843   5.16194   -9.14404  1.000 25.46000 ? 95  GLN A CG    1 
ATOM   742  C CD    . GLN A 1 96  ? 3.33165   3.86289   -8.40145  1.000 30.14000 ? 95  GLN A CD    1 
ATOM   743  O OE1   . GLN A 1 96  ? 2.50848   3.69619   -7.46995  1.000 27.51000 ? 95  GLN A OE1   1 
ATOM   744  N NE2   . GLN A 1 96  ? 4.19358   2.92464   -8.78292  1.000 30.29000 ? 95  GLN A NE2   1 
ATOM   745  N N     . LYS A 1 97  ? 0.14643   8.28162   -8.97809  1.000 18.52000 ? 96  LYS A N     1 
ATOM   746  C CA    . LYS A 1 97  ? -0.92010  8.91384   -8.22369  1.000 21.79000 ? 96  LYS A CA    1 
ATOM   747  C C     . LYS A 1 97  ? -1.67533  7.79835   -7.51798  1.000 19.48000 ? 96  LYS A C     1 
ATOM   748  O O     . LYS A 1 97  ? -2.04121  6.80748   -8.15637  1.000 20.18000 ? 96  LYS A O     1 
ATOM   749  C CB    . LYS A 1 97  ? -1.83064  9.76007   -9.12226  1.000 22.28000 ? 96  LYS A CB    1 
ATOM   750  C CG    . LYS A 1 97  ? -2.53816  9.06378   -10.23614 1.000 21.71000 ? 96  LYS A CG    1 
ATOM   751  C CD    . LYS A 1 97  ? -3.31591  10.11586  -11.06310 1.000 24.95000 ? 96  LYS A CD    1 
ATOM   752  C CE    . LYS A 1 97  ? -4.33078  9.49035   -11.94729 1.000 28.46000 ? 96  LYS A CE    1 
ATOM   753  N NZ    . LYS A 1 97  ? -4.95993  10.54902  -12.80177 1.000 32.59000 ? 96  LYS A NZ    1 
ATOM   754  N N     . GLN A 1 98  ? -1.86060  7.92954   -6.20834  1.000 20.74000 ? 97  GLN A N     1 
ATOM   755  C CA    . GLN A 1 98  ? -2.33227  6.81077   -5.38947  1.000 18.68000 ? 97  GLN A CA    1 
ATOM   756  C C     . GLN A 1 98  ? -3.60837  7.12570   -4.63593  1.000 21.14000 ? 97  GLN A C     1 
ATOM   757  O O     . GLN A 1 98  ? -3.79027  8.23815   -4.12922  1.000 21.13000 ? 97  GLN A O     1 
ATOM   758  C CB    . GLN A 1 98  ? -1.27943  6.39756   -4.36124  1.000 17.93000 ? 97  GLN A CB    1 
ATOM   759  C CG    . GLN A 1 98  ? -0.02517  5.88072   -4.99979  1.000 18.91000 ? 97  GLN A CG    1 
ATOM   760  C CD    . GLN A 1 98  ? 0.99581   5.43767   -3.98610  1.000 20.68000 ? 97  GLN A CD    1 
ATOM   761  O OE1   . GLN A 1 98  ? 1.28483   6.14974   -3.02288  1.000 17.92000 ? 97  GLN A OE1   1 
ATOM   762  N NE2   . GLN A 1 98  ? 1.58002   4.26355   -4.21946  1.000 20.57000 ? 97  GLN A NE2   1 
ATOM   763  N N     . LYS A 1 99  ? -4.45575  6.10849   -4.53726  1.000 17.12000 ? 98  LYS A N     1 
ATOM   764  C CA    . LYS A 1 99  ? -5.59581  6.07940   -3.63216  1.000 18.22000 ? 98  LYS A CA    1 
ATOM   765  C C     . LYS A 1 99  ? -5.28883  5.04678   -2.56714  1.000 19.71000 ? 98  LYS A C     1 
ATOM   766  O O     . LYS A 1 99  ? -4.85531  3.94057   -2.89879  1.000 17.34000 ? 98  LYS A O     1 
ATOM   767  C CB    . LYS A 1 99  ? -6.87388  5.72749   -4.36481  1.000 19.67000 ? 98  LYS A CB    1 
ATOM   768  C CG    . LYS A 1 99  ? -7.54562  6.97253   -4.97055  1.000 27.34000 ? 98  LYS A CG    1 
ATOM   769  C CD    . LYS A 1 99  ? -8.53622  6.59126   -6.06564  1.000 31.19000 ? 98  LYS A CD    1 
ATOM   770  C CE    . LYS A 1 99  ? -9.43679  7.77064   -6.49032  1.000 38.67000 ? 98  LYS A CE    1 
ATOM   771  N NZ    . LYS A 1 99  ? -8.76654  9.07640   -6.27274  1.000 36.56000 ? 98  LYS A NZ    1 
ATOM   772  N N     . TRP A 1 100 ? -5.48532  5.41111   -1.29755  1.000 19.46000 ? 99  TRP A N     1 
ATOM   773  C CA    . TRP A 1 100 ? -5.04685  4.58993   -0.18285  1.000 18.30000 ? 99  TRP A CA    1 
ATOM   774  C C     . TRP A 1 100 ? -6.25653  4.08777   0.59604   1.000 19.22000 ? 99  TRP A C     1 
ATOM   775  O O     . TRP A 1 100 ? -7.28823  4.76322   0.67506   1.000 19.13000 ? 99  TRP A O     1 
ATOM   776  C CB    . TRP A 1 100 ? -4.10872  5.36059   0.74092   1.000 16.14000 ? 99  TRP A CB    1 
ATOM   777  C CG    . TRP A 1 100 ? -2.72198  5.40966   0.19552   1.000 18.32000 ? 99  TRP A CG    1 
ATOM   778  C CD1   . TRP A 1 100 ? -2.24142  6.29194   -0.73416  1.000 17.89000 ? 99  TRP A CD1   1 
ATOM   779  C CD2   . TRP A 1 100 ? -1.63787  4.52518   0.51870   1.000 15.62000 ? 99  TRP A CD2   1 
ATOM   780  N NE1   . TRP A 1 100 ? -0.92750  6.01493   -1.00652  1.000 16.40000 ? 99  TRP A NE1   1 
ATOM   781  C CE2   . TRP A 1 100 ? -0.53195  4.92797   -0.26070  1.000 15.19000 ? 99  TRP A CE2   1 
ATOM   782  C CE3   . TRP A 1 100 ? -1.50379  3.42710   1.38017   1.000 13.86000 ? 99  TRP A CE3   1 
ATOM   783  C CZ2   . TRP A 1 100 ? 0.69714   4.26680   -0.20494  1.000 15.63000 ? 99  TRP A CZ2   1 
ATOM   784  C CZ3   . TRP A 1 100 ? -0.30285  2.78222   1.45492   1.000 16.05000 ? 99  TRP A CZ3   1 
ATOM   785  C CH2   . TRP A 1 100 ? 0.79649   3.19060   0.65221   1.000 13.53000 ? 99  TRP A CH2   1 
ATOM   786  N N     . PHE A 1 101 ? -6.13081  2.86075   1.09547   1.000 15.48000 ? 100 PHE A N     1 
ATOM   787  C CA    . PHE A 1 101 ? -7.18356  2.18124   1.84785   1.000 16.17000 ? 100 PHE A CA    1 
ATOM   788  C C     . PHE A 1 101 ? -6.62994  1.74374   3.18599   1.000 17.02000 ? 100 PHE A C     1 
ATOM   789  O O     . PHE A 1 101 ? -5.51314  1.22948   3.25692   1.000 15.39000 ? 100 PHE A O     1 
ATOM   790  C CB    . PHE A 1 101 ? -7.69753  0.93933   1.09156   1.000 15.93000 ? 100 PHE A CB    1 
ATOM   791  C CG    . PHE A 1 101 ? -8.34946  1.27898   -0.21141  1.000 16.67000 ? 100 PHE A CG    1 
ATOM   792  C CD1   . PHE A 1 101 ? -7.57034  1.57221   -1.34544  1.000 19.14000 ? 100 PHE A CD1   1 
ATOM   793  C CD2   . PHE A 1 101 ? -9.73084  1.37232   -0.27822  1.000 18.77000 ? 100 PHE A CD2   1 
ATOM   794  C CE1   . PHE A 1 101 ? -8.16704  1.91833   -2.54512  1.000 18.50000 ? 100 PHE A CE1   1 
ATOM   795  C CE2   . PHE A 1 101 ? -10.34705 1.71509   -1.47470  1.000 20.73000 ? 100 PHE A CE2   1 
ATOM   796  C CZ    . PHE A 1 101 ? -9.55732  1.99457   -2.60816  1.000 19.07000 ? 100 PHE A CZ    1 
ATOM   797  N N     . LEU A 1 102 ? -7.42294  1.92035   4.24259   1.000 16.70000 ? 101 LEU A N     1 
ATOM   798  C CA    . LEU A 1 102 ? -7.10743  1.39360   5.56443   1.000 20.74000 ? 101 LEU A CA    1 
ATOM   799  C C     . LEU A 1 102 ? -7.96346  0.15444   5.78251   1.000 18.58000 ? 101 LEU A C     1 
ATOM   800  O O     . LEU A 1 102 ? -9.19277  0.24025   5.72720   1.000 17.28000 ? 101 LEU A O     1 
ATOM   801  C CB    . LEU A 1 102 ? -7.39707  2.42508   6.65762   1.000 19.96000 ? 101 LEU A CB    1 
ATOM   802  C CG    . LEU A 1 102 ? -7.19370  1.95371   8.09084   1.000 19.77000 ? 101 LEU A CG    1 
ATOM   803  C CD1   . LEU A 1 102 ? -5.71635  1.58154   8.34794   1.000 17.90000 ? 101 LEU A CD1   1 
ATOM   804  C CD2   . LEU A 1 102 ? -7.69537  3.02811   9.07215   1.000 21.52000 ? 101 LEU A CD2   1 
ATOM   805  N N     . LEU A 1 103 ? -7.32071  -0.99384  5.98399   1.000 16.41000 ? 102 LEU A N     1 
ATOM   806  C CA    . LEU A 1 103 ? -8.00204  -2.26091  6.22381   1.000 19.04000 ? 102 LEU A CA    1 
ATOM   807  C C     . LEU A 1 103 ? -7.68183  -2.76016  7.61901   1.000 16.55000 ? 102 LEU A C     1 
ATOM   808  O O     . LEU A 1 103 ? -6.52566  -2.71134  8.02404   1.000 16.40000 ? 102 LEU A O     1 
ATOM   809  C CB    . LEU A 1 103 ? -7.52454  -3.32750  5.22083   1.000 17.73000 ? 102 LEU A CB    1 
ATOM   810  C CG    . LEU A 1 103 ? -7.58646  -3.04785  3.70522   1.000 19.88000 ? 102 LEU A CG    1 
ATOM   811  C CD1   . LEU A 1 103 ? -7.28812  -4.32954  2.94941   1.000 16.03000 ? 102 LEU A CD1   1 
ATOM   812  C CD2   . LEU A 1 103 ? -8.92670  -2.45937  3.29893   1.000 20.77000 ? 102 LEU A CD2   1 
ATOM   813  N N     . GLN A 1 104 ? -8.68779  -3.28964  8.34350   1.000 16.42000 ? 103 GLN A N     1 
ATOM   814  C CA    . GLN A 1 104 ? -8.41052  -4.06690  9.53915   1.000 14.58000 ? 103 GLN A CA    1 
ATOM   815  C C     . GLN A 1 104 ? -8.30630  -5.53035  9.15933   1.000 14.90000 ? 103 GLN A C     1 
ATOM   816  O O     . GLN A 1 104 ? -9.21504  -6.06080  8.51493   1.000 16.01000 ? 103 GLN A O     1 
ATOM   817  C CB    . GLN A 1 104 ? -9.51498  -3.87794  10.57843  1.000 15.41000 ? 103 GLN A CB    1 
ATOM   818  C CG    . GLN A 1 104 ? -9.21234  -4.55653  11.87309  1.000 17.22000 ? 103 GLN A CG    1 
ATOM   819  C CD    . GLN A 1 104 ? -10.33484 -4.31915  12.86483  1.000 17.72000 ? 103 GLN A CD    1 
ATOM   820  O OE1   . GLN A 1 104 ? -11.30872 -3.60265  12.55839  1.000 19.72000 ? 103 GLN A OE1   1 
ATOM   821  N NE2   . GLN A 1 104 ? -10.23298 -4.94399  14.03982  1.000 18.58000 ? 103 GLN A NE2   1 
ATOM   822  N N     . LEU A 1 105 ? -7.20380  -6.18692  9.54566   1.000 14.96000 ? 104 LEU A N     1 
ATOM   823  C CA    . LEU A 1 105 ? -7.16675  -7.64336  9.40125   1.000 15.18000 ? 104 LEU A CA    1 
ATOM   824  C C     . LEU A 1 105 ? -8.09471  -8.28941  10.43646  1.000 16.90000 ? 104 LEU A C     1 
ATOM   825  O O     . LEU A 1 105 ? -7.89786  -8.09754  11.63572  1.000 19.17000 ? 104 LEU A O     1 
ATOM   826  C CB    . LEU A 1 105 ? -5.74793  -8.16106  9.59269   1.000 14.34000 ? 104 LEU A CB    1 
ATOM   827  C CG    . LEU A 1 105 ? -5.54095  -9.66163  9.40341   1.000 17.94000 ? 104 LEU A CG    1 
ATOM   828  C CD1   . LEU A 1 105 ? -5.83155  -10.12540 7.94823   1.000 19.38000 ? 104 LEU A CD1   1 
ATOM   829  C CD2   . LEU A 1 105 ? -4.08644  -10.00515 9.76439   1.000 18.62000 ? 104 LEU A CD2   1 
ATOM   830  N N     . VAL A 1 106 ? -9.08295  -9.07297  9.98897   1.000 16.66000 ? 105 VAL A N     1 
ATOM   831  C CA    . VAL A 1 106 ? -9.91427  -9.81916  10.93041  1.000 15.79000 ? 105 VAL A CA    1 
ATOM   832  C C     . VAL A 1 106 ? -9.65489  -11.32261 10.90038  1.000 17.60000 ? 105 VAL A C     1 
ATOM   833  O O     . VAL A 1 106 ? -9.88995  -11.98973 11.91722  1.000 20.08000 ? 105 VAL A O     1 
ATOM   834  C CB    . VAL A 1 106 ? -11.41390 -9.51374  10.71570  1.000 17.37000 ? 105 VAL A CB    1 
ATOM   835  C CG1   . VAL A 1 106 ? -11.67057 -8.02122  10.89873  1.000 18.70000 ? 105 VAL A CG1   1 
ATOM   836  C CG2   . VAL A 1 106 ? -11.85825 -9.94975  9.35712   1.000 18.76000 ? 105 VAL A CG2   1 
ATOM   837  N N     . SER A 1 107 ? -9.06587  -11.86890 9.83235   1.000 16.42000 ? 106 SER A N     1 
ATOM   838  C CA    . SER A 1 107 ? -8.67578  -13.27128 9.87628   1.000 14.01000 ? 106 SER A CA    1 
ATOM   839  C C     . SER A 1 107 ? -7.34222  -13.41504 10.60458  1.000 16.11000 ? 106 SER A C     1 
ATOM   840  O O     . SER A 1 107 ? -6.72635  -12.43410 11.02125  1.000 17.14000 ? 106 SER A O     1 
ATOM   841  C CB    . SER A 1 107 ? -8.61056  -13.84869 8.45372   1.000 17.42000 ? 106 SER A CB    1 
ATOM   842  O OG    . SER A 1 107 ? -9.91741  -13.92525 7.90915   1.000 20.02000 ? 106 SER A OG    1 
ATOM   843  N N     . GLY A 1 108 ? -6.86691  -14.64932 10.77331  1.000 16.94000 ? 107 GLY A N     1 
ATOM   844  C CA    . GLY A 1 108 ? -5.61820  -14.84464 11.48125  1.000 17.36000 ? 107 GLY A CA    1 
ATOM   845  C C     . GLY A 1 108 ? -4.41699  -14.42366 10.64650  1.000 18.17000 ? 107 GLY A C     1 
ATOM   846  O O     . GLY A 1 108 ? -4.49662  -14.33727 9.43115   1.000 17.85000 ? 107 GLY A O     1 
ATOM   847  N N     . ASP A 1 109 ? -3.30657  -14.10621 11.33687  1.000 19.24000 ? 108 ASP A N     1 
ATOM   848  C CA    . ASP A 1 109 ? -2.04711  -13.73986 10.66363  1.000 16.96000 ? 108 ASP A CA    1 
ATOM   849  C C     . ASP A 1 109 ? -1.62277  -14.78277 9.64593   1.000 19.59000 ? 108 ASP A C     1 
ATOM   850  O O     . ASP A 1 109 ? -1.03651  -14.45576 8.59423   1.000 20.12000 ? 108 ASP A O     1 
ATOM   851  C CB    . ASP A 1 109 ? -0.91329  -13.60900 11.68922  1.000 18.10000 ? 108 ASP A CB    1 
ATOM   852  C CG    . ASP A 1 109 ? -0.97954  -12.36481 12.52396  1.000 20.34000 ? 108 ASP A CG    1 
ATOM   853  O OD1   . ASP A 1 109 ? -1.86097  -11.50216 12.33776  1.000 20.09000 ? 108 ASP A OD1   1 
ATOM   854  O OD2   . ASP A 1 109 ? -0.09322  -12.24945 13.39710  1.000 23.39000 ? 108 ASP A OD2   1 
ATOM   855  N N     . ALA A 1 110 ? -1.83903  -16.05513 9.96385   1.000 19.78000 ? 109 ALA A N     1 
ATOM   856  C CA    . ALA A 1 110 ? -1.43740  -17.13217 9.07579   1.000 21.42000 ? 109 ALA A CA    1 
ATOM   857  C C     . ALA A 1 110 ? -2.20004  -17.14388 7.74943   1.000 21.13000 ? 109 ALA A C     1 
ATOM   858  O O     . ALA A 1 110 ? -1.79727  -17.87532 6.83965   1.000 21.05000 ? 109 ALA A O     1 
ATOM   859  C CB    . ALA A 1 110 ? -1.60146  -18.47799 9.80296   1.000 25.08000 ? 109 ALA A CB    1 
ATOM   860  N N     . GLU A 1 111 ? -3.28488  -16.36200 7.59196   1.000 18.53000 ? 110 GLU A N     1 
ATOM   861  C CA    . GLU A 1 111 ? -3.90753  -16.30667 6.27989   1.000 19.30000 ? 110 GLU A CA    1 
ATOM   862  C C     . GLU A 1 111 ? -3.05201  -15.54370 5.27429   1.000 17.18000 ? 110 GLU A C     1 
ATOM   863  O O     . GLU A 1 111 ? -3.28079  -15.69844 4.08096   1.000 17.12000 ? 110 GLU A O     1 
ATOM   864  C CB    . GLU A 1 111 ? -5.28388  -15.65450 6.32782   1.000 18.19000 ? 110 GLU A CB    1 
ATOM   865  C CG    . GLU A 1 111 ? -6.28441  -16.44248 7.16260   1.000 23.72000 ? 110 GLU A CG    1 
ATOM   866  C CD    . GLU A 1 111 ? -6.66304  -17.73977 6.50988   1.000 25.32000 ? 110 GLU A CD    1 
ATOM   867  O OE1   . GLU A 1 111 ? -6.75412  -17.75420 5.27200   1.000 28.38000 ? 110 GLU A OE1   1 
ATOM   868  O OE2   . GLU A 1 111 ? -6.83102  -18.75377 7.21964   1.000 38.64000 ? 110 GLU A OE2   1 
ATOM   869  N N     . ILE A 1 112 ? -2.11993  -14.69828 5.73162   1.000 15.22000 ? 111 ILE A N     1 
ATOM   870  C CA    . ILE A 1 112 ? -1.30135  -13.89712 4.81518   1.000 17.82000 ? 111 ILE A CA    1 
ATOM   871  C C     . ILE A 1 112 ? -0.30148  -14.80558 4.10875   1.000 17.73000 ? 111 ILE A C     1 
ATOM   872  O O     . ILE A 1 112 ? 0.41265   -15.61568 4.74227   1.000 16.95000 ? 111 ILE A O     1 
ATOM   873  C CB    . ILE A 1 112 ? -0.61042  -12.74208 5.57446   1.000 18.51000 ? 111 ILE A CB    1 
ATOM   874  C CG1   . ILE A 1 112 ? -1.64912  -11.73486 6.11132   1.000 18.22000 ? 111 ILE A CG1   1 
ATOM   875  C CG2   . ILE A 1 112 ? 0.44161   -11.99422 4.68378   1.000 17.74000 ? 111 ILE A CG2   1 
ATOM   876  C CD1   . ILE A 1 112 ? -1.03278  -10.71634 7.11885   1.000 20.34000 ? 111 ILE A CD1   1 
ATOM   877  N N     . ASN A 1 113 ? -0.23072  -14.66736 2.78273   1.000 16.23000 ? 112 ASN A N     1 
ATOM   878  C CA    . ASN A 1 113 ? 0.68688   -15.44473 1.97231   1.000 16.14000 ? 112 ASN A CA    1 
ATOM   879  C C     . ASN A 1 113 ? 1.22956   -14.49398 0.92022   1.000 16.70000 ? 112 ASN A C     1 
ATOM   880  O O     . ASN A 1 113 ? 0.47483   -14.05850 0.04278   1.000 15.84000 ? 112 ASN A O     1 
ATOM   881  C CB    . ASN A 1 113 ? -0.00204  -16.64628 1.32378   1.000 17.25000 ? 112 ASN A CB    1 
ATOM   882  C CG    . ASN A 1 113 ? 0.97269   -17.51561 0.51218   1.000 19.42000 ? 112 ASN A CG    1 
ATOM   883  O OD1   . ASN A 1 113 ? 2.07303   -17.08660 0.17627   1.000 17.31000 ? 112 ASN A OD1   1 
ATOM   884  N ND2   . ASN A 1 113 ? 0.54971   -18.72763 0.18412   1.000 20.26000 ? 112 ASN A ND2   1 
ATOM   885  N N     . MET A 1 114 ? 2.50464   -14.14754 1.04259   1.000 15.20000 ? 113 MET A N     1 
ATOM   886  C CA    . MET A 1 114 ? 3.12817   -13.19727 0.13169   1.000 18.52000 ? 113 MET A CA    1 
ATOM   887  C C     . MET A 1 114 ? 3.97684   -13.86230 -0.93649  1.000 16.53000 ? 113 MET A C     1 
ATOM   888  O O     . MET A 1 114 ? 4.65074   -13.15373 -1.69728  1.000 15.35000 ? 113 MET A O     1 
ATOM   889  C CB    . MET A 1 114 ? 3.96428   -12.18225 0.92128   1.000 16.10000 ? 113 MET A CB    1 
ATOM   890  C CG    . MET A 1 114 ? 3.12550   -11.24536 1.76710   1.000 16.03000 ? 113 MET A CG    1 
ATOM   891  S SD    . MET A 1 114 ? 4.10723   -9.91777  2.47547   1.000 15.17000 ? 113 MET A SD    1 
ATOM   892  C CE    . MET A 1 114 ? 2.76160   -8.86312  3.00944   1.000 18.62000 ? 113 MET A CE    1 
ATOM   893  N N     . GLN A 1 115 ? 3.99272   -15.19919 -0.99085  1.000 17.47000 ? 114 GLN A N     1 
ATOM   894  C CA    . GLN A 1 115 ? 4.89136   -15.95224 -1.86777  1.000 16.60000 ? 114 GLN A CA    1 
ATOM   895  C C     . GLN A 1 115 ? 4.18034   -16.56552 -3.07004  1.000 20.07000 ? 114 GLN A C     1 
ATOM   896  O O     . GLN A 1 115 ? 4.74630   -17.44179 -3.72540  1.000 19.98000 ? 114 GLN A O     1 
ATOM   897  C CB    . GLN A 1 115 ? 5.58935   -17.06379 -1.05752  1.000 17.59000 ? 114 GLN A CB    1 
ATOM   898  C CG    . GLN A 1 115 ? 6.60834   -16.50727 -0.07209  1.000 15.17000 ? 114 GLN A CG    1 
ATOM   899  C CD    . GLN A 1 115 ? 7.87928   -16.10462 -0.77872  1.000 18.55000 ? 114 GLN A CD    1 
ATOM   900  O OE1   . GLN A 1 115 ? 8.17866   -16.60881 -1.85953  1.000 16.72000 ? 114 GLN A OE1   1 
ATOM   901  N NE2   . GLN A 1 115 ? 8.63869   -15.19026 -0.17449  1.000 15.92000 ? 114 GLN A NE2   1 
ATOM   902  N N     . THR A 1 116 ? 2.97762   -16.10613 -3.41655  1.000 21.75000 ? 115 THR A N     1 
ATOM   903  C CA    . THR A 1 116 ? 2.25191   -16.88533 -4.40942  1.000 19.18000 ? 115 THR A CA    1 
ATOM   904  C C     . THR A 1 116 ? 2.63064   -16.50832 -5.83369  1.000 22.44000 ? 115 THR A C     1 
ATOM   905  O O     . THR A 1 116 ? 2.30706   -17.26176 -6.75603  1.000 22.22000 ? 115 THR A O     1 
ATOM   906  C CB    . THR A 1 116 ? 0.71758   -16.77064 -4.25770  1.000 22.79000 ? 115 THR A CB    1 
ATOM   907  O OG1   . THR A 1 116 ? 0.29404   -15.41109 -4.39938  1.000 21.49000 ? 115 THR A OG1   1 
ATOM   908  C CG2   . THR A 1 116 ? 0.20366   -17.36247 -2.90664  1.000 19.26000 ? 115 THR A CG2   1 
ATOM   909  N N     . SER A 1 117 ? 3.28072   -15.37631 -6.03865  1.000 20.86000 ? 116 SER A N     1 
ATOM   910  C CA    . SER A 1 117 ? 3.61419   -14.94718 -7.39191  1.000 21.64000 ? 116 SER A CA    1 
ATOM   911  C C     . SER A 1 117 ? 4.96831   -15.50291 -7.81202  1.000 24.61000 ? 116 SER A C     1 
ATOM   912  O O     . SER A 1 117 ? 5.83010   -15.80651 -6.97881  1.000 26.08000 ? 116 SER A O     1 
ATOM   913  C CB    . SER A 1 117 ? 3.60112   -13.42445 -7.50414  1.000 24.29000 ? 116 SER A CB    1 
ATOM   914  O OG    . SER A 1 117 ? 4.10230   -13.04070 -8.78546  1.000 30.61000 ? 116 SER A OG    1 
ATOM   915  N N     . SER A 1 118 ? 5.14870   -15.64659 -9.13045  1.000 26.93000 ? 117 SER A N     1 
ATOM   916  C CA    . SER A 1 118 ? 6.44023   -16.11556 -9.61988  1.000 28.19000 ? 117 SER A CA    1 
ATOM   917  C C     . SER A 1 118 ? 7.53511   -15.09237 -9.35395  1.000 27.73000 ? 117 SER A C     1 
ATOM   918  O O     . SER A 1 118 ? 8.70092   -15.45908 -9.20324  1.000 28.08000 ? 117 SER A O     1 
ATOM   919  C CB    . SER A 1 118 ? 6.35070   -16.42505 -11.11525 1.000 32.62000 ? 117 SER A CB    1 
ATOM   920  O OG    . SER A 1 118 ? 5.96572   -15.25883 -11.80820 1.000 37.28000 ? 117 SER A OG    1 
ATOM   921  N N     . THR A 1 119 ? 7.18670   -13.81173 -9.30899  1.000 28.54000 ? 118 THR A N     1 
ATOM   922  C CA    . THR A 1 119 ? 8.09735   -12.77688 -8.82686  1.000 31.24000 ? 118 THR A CA    1 
ATOM   923  C C     . THR A 1 119 ? 7.31464   -11.96921 -7.80084  1.000 24.98000 ? 118 THR A C     1 
ATOM   924  O O     . THR A 1 119 ? 6.61890   -11.00634 -8.14662  1.000 26.07000 ? 118 THR A O     1 
ATOM   925  C CB    . THR A 1 119 ? 8.62488   -11.91066 -9.97083  1.000 34.54000 ? 118 THR A CB    1 
ATOM   926  O OG1   . THR A 1 119 ? 7.52381   -11.47129 -10.77342 1.000 39.24000 ? 118 THR A OG1   1 
ATOM   927  C CG2   . THR A 1 119 ? 9.58268   -12.71118 -10.83795 1.000 31.63000 ? 118 THR A CG2   1 
ATOM   928  N N     . PRO A 1 120 ? 7.39722   -12.34963 -6.52006  1.000 22.38000 ? 119 PRO A N     1 
ATOM   929  C CA    . PRO A 1 120 ? 6.59859   -11.68062 -5.48262  1.000 22.72000 ? 119 PRO A CA    1 
ATOM   930  C C     . PRO A 1 120 ? 6.95436   -10.20663 -5.35167  1.000 18.47000 ? 119 PRO A C     1 
ATOM   931  O O     . PRO A 1 120 ? 8.07858   -9.79362  -5.62768  1.000 20.68000 ? 119 PRO A O     1 
ATOM   932  C CB    . PRO A 1 120 ? 6.96523   -12.44260 -4.19820  1.000 22.38000 ? 119 PRO A CB    1 
ATOM   933  C CG    . PRO A 1 120 ? 7.68037   -13.67090 -4.63201  1.000 23.53000 ? 119 PRO A CG    1 
ATOM   934  C CD    . PRO A 1 120 ? 8.23500   -13.43324 -5.99177  1.000 19.64000 ? 119 PRO A CD    1 
ATOM   935  N N     . GLU A 1 121 ? 5.96671   -9.40821  -4.92458  1.000 18.24000 ? 120 GLU A N     1 
ATOM   936  C CA    . GLU A 1 121 ? 6.27250   -8.03043  -4.55742  1.000 16.56000 ? 120 GLU A CA    1 
ATOM   937  C C     . GLU A 1 121 ? 7.12385   -8.00286  -3.29956  1.000 17.66000 ? 120 GLU A C     1 
ATOM   938  O O     . GLU A 1 121 ? 7.98420   -7.12084  -3.14430  1.000 17.57000 ? 120 GLU A O     1 
ATOM   939  C CB    . GLU A 1 121 ? 4.97427   -7.22550  -4.38782  1.000 17.92000 ? 120 GLU A CB    1 
ATOM   940  C CG    . GLU A 1 121 ? 5.14007   -5.76409  -3.83983  1.000 19.56000 ? 120 GLU A CG    1 
ATOM   941  C CD    . GLU A 1 121 ? 3.79996   -5.04715  -3.61921  1.000 24.89000 ? 120 GLU A CD    1 
ATOM   942  O OE1   . GLU A 1 121 ? 2.76554   -5.71927  -3.80406  1.000 24.52000 ? 120 GLU A OE1   1 
ATOM   943  O OE2   . GLU A 1 121 ? 3.77899   -3.84029  -3.23480  1.000 21.03000 ? 120 GLU A OE2   1 
ATOM   944  N N     . PHE A 1 122 ? 6.93934   -8.99439  -2.42159  1.000 16.94000 ? 121 PHE A N     1 
ATOM   945  C CA    . PHE A 1 122 ? 7.53162   -8.95710  -1.08864  1.000 15.87000 ? 121 PHE A CA    1 
ATOM   946  C C     . PHE A 1 122 ? 8.15080   -10.28929 -0.72633  1.000 16.21000 ? 121 PHE A C     1 
ATOM   947  O O     . PHE A 1 122 ? 7.67654   -11.34342 -1.14484  1.000 16.54000 ? 121 PHE A O     1 
ATOM   948  C CB    . PHE A 1 122 ? 6.50311   -8.62715  -0.01812  1.000 15.79000 ? 121 PHE A CB    1 
ATOM   949  C CG    . PHE A 1 122 ? 5.88120   -7.26867  -0.16075  1.000 14.32000 ? 121 PHE A CG    1 
ATOM   950  C CD1   . PHE A 1 122 ? 6.64461   -6.12820  -0.01184  1.000 16.13000 ? 121 PHE A CD1   1 
ATOM   951  C CD2   . PHE A 1 122 ? 4.52062   -7.13987  -0.41164  1.000 19.87000 ? 121 PHE A CD2   1 
ATOM   952  C CE1   . PHE A 1 122 ? 6.06932   -4.84905  -0.11084  1.000 19.38000 ? 121 PHE A CE1   1 
ATOM   953  C CE2   . PHE A 1 122 ? 3.92251   -5.87095  -0.50267  1.000 20.13000 ? 121 PHE A CE2   1 
ATOM   954  C CZ    . PHE A 1 122 ? 4.69132   -4.72734  -0.35199  1.000 20.87000 ? 121 PHE A CZ    1 
ATOM   955  N N     . ASP A 1 123 ? 9.18506   -10.22887 0.12997   1.000 14.51000 ? 122 ASP A N     1 
ATOM   956  C CA    . ASP A 1 123 ? 9.68435   -11.46098 0.74462   1.000 15.01000 ? 122 ASP A CA    1 
ATOM   957  C C     . ASP A 1 123 ? 8.76684   -11.94771 1.85042   1.000 14.18000 ? 122 ASP A C     1 
ATOM   958  O O     . ASP A 1 123 ? 8.63593   -13.15778 2.06256   1.000 15.35000 ? 122 ASP A O     1 
ATOM   959  C CB    . ASP A 1 123 ? 11.08202  -11.23235 1.33579   1.000 13.86000 ? 122 ASP A CB    1 
ATOM   960  C CG    . ASP A 1 123 ? 12.13155  -11.06542 0.26330   1.000 16.41000 ? 122 ASP A CG    1 
ATOM   961  O OD1   . ASP A 1 123 ? 12.14700  -11.88043 -0.68313  1.000 15.82000 ? 122 ASP A OD1   1 
ATOM   962  O OD2   . ASP A 1 123 ? 12.95802  -10.14553 0.41896   1.000 15.80000 ? 122 ASP A OD2   1 
ATOM   963  N N     . GLY A 1 124 ? 8.15999   -11.02565 2.58326   1.000 14.96000 ? 123 GLY A N     1 
ATOM   964  C CA    . GLY A 1 124 ? 7.44950   -11.36530 3.79670   1.000 13.59000 ? 123 GLY A CA    1 
ATOM   965  C C     . GLY A 1 124 ? 7.15178   -10.08817 4.54283   1.000 14.62000 ? 123 GLY A C     1 
ATOM   966  O O     . GLY A 1 124 ? 7.44383   -9.00177  4.04309   1.000 15.82000 ? 123 GLY A O     1 
ATOM   967  N N     . TRP A 1 125 ? 6.59720   -10.22114 5.75112   1.000 14.67000 ? 124 TRP A N     1 
ATOM   968  C CA    . TRP A 1 125 ? 6.09328   -9.05550  6.46273   1.000 16.43000 ? 124 TRP A CA    1 
ATOM   969  C C     . TRP A 1 125 ? 6.33018   -9.18371  7.96453   1.000 17.03000 ? 124 TRP A C     1 
ATOM   970  O O     . TRP A 1 125 ? 6.74362   -10.23558 8.47286   1.000 17.21000 ? 124 TRP A O     1 
ATOM   971  C CB    . TRP A 1 125 ? 4.57254   -8.84955  6.20378   1.000 15.51000 ? 124 TRP A CB    1 
ATOM   972  C CG    . TRP A 1 125 ? 3.76883   -9.97820  6.76064   1.000 14.35000 ? 124 TRP A CG    1 
ATOM   973  C CD1   . TRP A 1 125 ? 3.57503   -11.19676 6.17765   1.000 17.00000 ? 124 TRP A CD1   1 
ATOM   974  C CD2   . TRP A 1 125 ? 3.06704   -10.01106 8.01482   1.000 16.34000 ? 124 TRP A CD2   1 
ATOM   975  N NE1   . TRP A 1 125 ? 2.79405   -11.98120 6.98344   1.000 16.64000 ? 124 TRP A NE1   1 
ATOM   976  C CE2   . TRP A 1 125 ? 2.48264   -11.28492 8.12474   1.000 18.43000 ? 124 TRP A CE2   1 
ATOM   977  C CE3   . TRP A 1 125 ? 2.86649   -9.07941  9.04190   1.000 16.19000 ? 124 TRP A CE3   1 
ATOM   978  C CZ2   . TRP A 1 125 ? 1.70132   -11.66109 9.21582   1.000 18.74000 ? 124 TRP A CZ2   1 
ATOM   979  C CZ3   . TRP A 1 125 ? 2.08402   -9.46502  10.16068  1.000 19.46000 ? 124 TRP A CZ3   1 
ATOM   980  C CH2   . TRP A 1 125 ? 1.51307   -10.74343 10.22168  1.000 19.71000 ? 124 TRP A CH2   1 
ATOM   981  N N     . ARG A 1 126 ? 6.12708   -8.07203  8.66622   1.000 15.32000 ? 125 ARG A N     1 
ATOM   982  C CA    . ARG A 1 126 ? 6.03551   -8.11854  10.12961  1.000 18.20000 ? 125 ARG A CA    1 
ATOM   983  C C     . ARG A 1 126 ? 5.13319   -6.98957  10.61251  1.000 17.31000 ? 125 ARG A C     1 
ATOM   984  O O     . ARG A 1 126 ? 4.86703   -6.03687  9.88220   1.000 17.40000 ? 125 ARG A O     1 
ATOM   985  C CB    . ARG A 1 126 ? 7.43804   -8.03957  10.76261  1.000 20.10000 ? 125 ARG A CB    1 
ATOM   986  C CG    . ARG A 1 126 ? 8.08183   -6.69396  10.63380  1.000 22.15000 ? 125 ARG A CG    1 
ATOM   987  C CD    . ARG A 1 126 ? 9.49335   -6.77155  11.24192  1.000 26.01000 ? 125 ARG A CD    1 
ATOM   988  N NE    . ARG A 1 126 ? 9.92056   -5.49731  11.82233  1.000 27.87000 ? 125 ARG A NE    1 
ATOM   989  C CZ    . ARG A 1 126 ? 10.50055  -4.54169  11.12127  1.000 25.10000 ? 125 ARG A CZ    1 
ATOM   990  N NH1   . ARG A 1 126 ? 10.71982  -4.72054  9.80790   1.000 23.67000 ? 125 ARG A NH1   1 
ATOM   991  N NH2   . ARG A 1 126 ? 10.86529  -3.42332  11.72098  1.000 25.54000 ? 125 ARG A NH2   1 
ATOM   992  N N     . TRP A 1 127 ? 4.63938   -7.09943  11.85766  1.000 18.37000 ? 126 TRP A N     1 
ATOM   993  C CA    . TRP A 1 127 ? 3.90410   -5.99746  12.47825  1.000 19.32000 ? 126 TRP A CA    1 
ATOM   994  C C     . TRP A 1 127 ? 4.89076   -4.94821  12.98942  1.000 19.13000 ? 126 TRP A C     1 
ATOM   995  O O     . TRP A 1 127 ? 5.89488   -5.28472  13.63054  1.000 18.96000 ? 126 TRP A O     1 
ATOM   996  C CB    . TRP A 1 127 ? 3.03639   -6.49412  13.66395  1.000 18.57000 ? 126 TRP A CB    1 
ATOM   997  C CG    . TRP A 1 127 ? 1.85377   -7.38569  13.29621  1.000 18.55000 ? 126 TRP A CG    1 
ATOM   998  C CD1   . TRP A 1 127 ? 1.69053   -8.71952  13.60184  1.000 18.77000 ? 126 TRP A CD1   1 
ATOM   999  C CD2   . TRP A 1 127 ? 0.70370   -7.00741  12.54008  1.000 16.22000 ? 126 TRP A CD2   1 
ATOM   1000 N NE1   . TRP A 1 127 ? 0.49549   -9.17349  13.08935  1.000 17.42000 ? 126 TRP A NE1   1 
ATOM   1001 C CE2   . TRP A 1 127 ? -0.11537  -8.14820  12.41661  1.000 18.72000 ? 126 TRP A CE2   1 
ATOM   1002 C CE3   . TRP A 1 127 ? 0.29467   -5.81158  11.93312  1.000 17.04000 ? 126 TRP A CE3   1 
ATOM   1003 C CZ2   . TRP A 1 127 ? -1.34712  -8.12445  11.73156  1.000 18.34000 ? 126 TRP A CZ2   1 
ATOM   1004 C CZ3   . TRP A 1 127 ? -0.92260  -5.78300  11.25479  1.000 17.09000 ? 126 TRP A CZ3   1 
ATOM   1005 C CH2   . TRP A 1 127 ? -1.72324  -6.94032  11.14754  1.000 17.36000 ? 126 TRP A CH2   1 
ATOM   1006 N N     . VAL A 1 128 ? 4.59494   -3.67631  12.73089  1.000 17.79000 ? 127 VAL A N     1 
ATOM   1007 C CA    . VAL A 1 128 ? 5.39078   -2.56598  13.23152  1.000 18.52000 ? 127 VAL A CA    1 
ATOM   1008 C C     . VAL A 1 128 ? 4.47773   -1.54895  13.90122  1.000 21.58000 ? 127 VAL A C     1 
ATOM   1009 O O     . VAL A 1 128 ? 3.27085   -1.49763  13.66008  1.000 18.64000 ? 127 VAL A O     1 
ATOM   1010 C CB    . VAL A 1 128 ? 6.22069   -1.88095  12.11909  1.000 19.71000 ? 127 VAL A CB    1 
ATOM   1011 C CG1   . VAL A 1 128 ? 7.13525   -2.89878  11.49953  1.000 19.01000 ? 127 VAL A CG1   1 
ATOM   1012 C CG2   . VAL A 1 128 ? 5.27890   -1.25001  11.06818  1.000 18.01000 ? 127 VAL A CG2   1 
ATOM   1013 N N     . SER A 1 129 ? 5.08215   -0.72726  14.75743  1.000 22.85000 ? 128 SER A N     1 
ATOM   1014 C CA    . SER A 1 129 ? 4.34927   0.35437   15.38477  1.000 22.99000 ? 128 SER A CA    1 
ATOM   1015 C C     . SER A 1 129 ? 3.82254   1.34621   14.35615  1.000 22.24000 ? 128 SER A C     1 
ATOM   1016 O O     . SER A 1 129 ? 4.45289   1.60462   13.32364  1.000 20.56000 ? 128 SER A O     1 
ATOM   1017 C CB    . SER A 1 129 ? 5.23920   1.09767   16.38377  1.000 27.62000 ? 128 SER A CB    1 
ATOM   1018 O OG    . SER A 1 129 ? 4.43082   2.08021   17.00714  1.000 33.00000 ? 128 SER A OG    1 
ATOM   1019 N N     . TYR A 1 130 ? 2.67807   1.95900   14.69011  1.000 22.19000 ? 129 TYR A N     1 
ATOM   1020 C CA    . TYR A 1 130 ? 1.90044   2.71747   13.70556  1.000 22.68000 ? 129 TYR A CA    1 
ATOM   1021 C C     . TYR A 1 130 ? 2.72110   3.71863   12.90133  1.000 24.32000 ? 129 TYR A C     1 
ATOM   1022 O O     . TYR A 1 130 ? 2.57029   3.80645   11.68263  1.000 22.91000 ? 129 TYR A O     1 
ATOM   1023 C CB    . TYR A 1 130 ? 0.76437   3.46183   14.39050  1.000 25.92000 ? 129 TYR A CB    1 
ATOM   1024 C CG    . TYR A 1 130 ? -0.08142  4.16185   13.38599  1.000 20.36000 ? 129 TYR A CG    1 
ATOM   1025 C CD1   . TYR A 1 130 ? -1.01348  3.45224   12.61745  1.000 21.78000 ? 129 TYR A CD1   1 
ATOM   1026 C CD2   . TYR A 1 130 ? 0.05009   5.51811   13.15385  1.000 24.22000 ? 129 TYR A CD2   1 
ATOM   1027 C CE1   . TYR A 1 130 ? -1.80445  4.09016   11.68304  1.000 22.42000 ? 129 TYR A CE1   1 
ATOM   1028 C CE2   . TYR A 1 130 ? -0.73710  6.16083   12.19255  1.000 21.83000 ? 129 TYR A CE2   1 
ATOM   1029 C CZ    . TYR A 1 130 ? -1.66903  5.44299   11.47797  1.000 24.24000 ? 129 TYR A CZ    1 
ATOM   1030 O OH    . TYR A 1 130 ? -2.45531  6.08048   10.54077  1.000 25.15000 ? 129 TYR A OH    1 
ATOM   1031 N N     . TRP A 1 131 ? 3.52065   4.55135   13.56688  1.000 24.01000 ? 130 TRP A N     1 
ATOM   1032 C CA    . TRP A 1 131 ? 4.21696   5.60857   12.85061  1.000 24.75000 ? 130 TRP A CA    1 
ATOM   1033 C C     . TRP A 1 131 ? 5.54494   5.16343   12.26289  1.000 24.02000 ? 130 TRP A C     1 
ATOM   1034 O O     . TRP A 1 131 ? 6.15257   5.93146   11.50002  1.000 24.88000 ? 130 TRP A O     1 
ATOM   1035 C CB    . TRP A 1 131 ? 4.45612   6.82036   13.76595  1.000 26.65000 ? 130 TRP A CB    1 
ATOM   1036 C CG    . TRP A 1 131 ? 3.20272   7.51634   14.10886  1.000 26.22000 ? 130 TRP A CG    1 
ATOM   1037 C CD1   . TRP A 1 131 ? 2.49983   7.39587   15.27229  1.000 26.80000 ? 130 TRP A CD1   1 
ATOM   1038 C CD2   . TRP A 1 131 ? 2.44540   8.39172   13.26529  1.000 29.13000 ? 130 TRP A CD2   1 
ATOM   1039 N NE1   . TRP A 1 131 ? 1.36065   8.15979   15.21082  1.000 29.22000 ? 130 TRP A NE1   1 
ATOM   1040 C CE2   . TRP A 1 131 ? 1.30114   8.78145   13.99259  1.000 29.26000 ? 130 TRP A CE2   1 
ATOM   1041 C CE3   . TRP A 1 131 ? 2.62642   8.88617   11.96725  1.000 29.24000 ? 130 TRP A CE3   1 
ATOM   1042 C CZ2   . TRP A 1 131 ? 0.32950   9.65480   13.46513  1.000 29.07000 ? 130 TRP A CZ2   1 
ATOM   1043 C CZ3   . TRP A 1 131 ? 1.66179   9.75814   11.43388  1.000 30.78000 ? 130 TRP A CZ3   1 
ATOM   1044 C CH2   . TRP A 1 131 ? 0.52865   10.12861  12.18305  1.000 30.86000 ? 130 TRP A CH2   1 
ATOM   1045 N N     . TYR A 1 132 ? 6.00352   3.94863   12.56211  1.000 20.45000 ? 131 TYR A N     1 
ATOM   1046 C CA    . TYR A 1 132 ? 7.30732   3.50014   12.05371  1.000 21.43000 ? 131 TYR A CA    1 
ATOM   1047 C C     . TYR A 1 132 ? 7.45361   3.63054   10.53854  1.000 21.08000 ? 131 TYR A C     1 
ATOM   1048 O O     . TYR A 1 132 ? 8.53896   4.03527   10.07442  1.000 21.49000 ? 131 TYR A O     1 
ATOM   1049 C CB    . TYR A 1 132 ? 7.52957   2.04976   12.49708  1.000 19.84000 ? 131 TYR A CB    1 
ATOM   1050 C CG    . TYR A 1 132 ? 8.84608   1.36046   12.13488  1.000 22.41000 ? 131 TYR A CG    1 
ATOM   1051 C CD1   . TYR A 1 132 ? 9.97890   1.47746   12.95731  1.000 23.35000 ? 131 TYR A CD1   1 
ATOM   1052 C CD2   . TYR A 1 132 ? 8.92580   0.51007   11.02891  1.000 19.62000 ? 131 TYR A CD2   1 
ATOM   1053 C CE1   . TYR A 1 132 ? 11.14682  0.80064   12.65659  1.000 24.31000 ? 131 TYR A CE1   1 
ATOM   1054 C CE2   . TYR A 1 132 ? 10.08553  -0.16260  10.70671  1.000 20.64000 ? 131 TYR A CE2   1 
ATOM   1055 C CZ    . TYR A 1 132 ? 11.20783  -0.01610  11.54563  1.000 23.70000 ? 131 TYR A CZ    1 
ATOM   1056 O OH    . TYR A 1 132 ? 12.33685  -0.71311  11.21317  1.000 23.09000 ? 131 TYR A OH    1 
ATOM   1057 N N     . PRO A 1 133 ? 6.43638   3.33428   9.72746   1.000 19.36000 ? 132 PRO A N     1 
ATOM   1058 C CA    . PRO A 1 133 ? 6.60945   3.46206   8.26897   1.000 19.13000 ? 132 PRO A CA    1 
ATOM   1059 C C     . PRO A 1 133 ? 7.01580   4.83774   7.79124   1.000 21.70000 ? 132 PRO A C     1 
ATOM   1060 O O     . PRO A 1 133 ? 7.66381   4.94795   6.73388   1.000 22.02000 ? 132 PRO A O     1 
ATOM   1061 C CB    . PRO A 1 133 ? 5.21325   3.10889   7.73120   1.000 18.89000 ? 132 PRO A CB    1 
ATOM   1062 C CG    . PRO A 1 133 ? 4.66234   2.15580   8.74451   1.000 17.14000 ? 132 PRO A CG    1 
ATOM   1063 C CD    . PRO A 1 133 ? 5.14691   2.69430   10.08747  1.000 18.92000 ? 132 PRO A CD    1 
ATOM   1064 N N     . VAL A 1 134 ? 6.60295   5.90732   8.47555   1.000 22.68000 ? 133 VAL A N     1 
ATOM   1065 C CA    . VAL A 1 134 ? 6.77035   7.23184   7.87935   1.000 24.52000 ? 133 VAL A CA    1 
ATOM   1066 C C     . VAL A 1 134 ? 8.24897   7.54840   7.72206   1.000 26.62000 ? 133 VAL A C     1 
ATOM   1067 O O     . VAL A 1 134 ? 8.69199   8.05965   6.68698   1.000 25.48000 ? 133 VAL A O     1 
ATOM   1068 C CB    . VAL A 1 134 ? 6.03771   8.30771   8.70118   1.000 25.97000 ? 133 VAL A CB    1 
ATOM   1069 C CG1   . VAL A 1 134 ? 6.34013   9.67388   8.12977   1.000 26.76000 ? 133 VAL A CG1   1 
ATOM   1070 C CG2   . VAL A 1 134 ? 4.53277   8.09178   8.65528   1.000 28.19000 ? 133 VAL A CG2   1 
ATOM   1071 N N     . ARG A 1 135 ? 9.04824   7.19347   8.71189   1.000 27.45000 ? 134 ARG A N     1 
ATOM   1072 C CA    . ARG A 1 135 ? 10.46960  7.47215   8.58266   1.000 28.22000 ? 134 ARG A CA    1 
ATOM   1073 C C     . ARG A 1 135 ? 11.24937  6.35312   7.90412   1.000 25.99000 ? 134 ARG A C     1 
ATOM   1074 O O     . ARG A 1 135 ? 12.43174  6.54312   7.59345   1.000 27.99000 ? 134 ARG A O     1 
ATOM   1075 C CB    . ARG A 1 135 ? 11.04603  7.75005   9.96095   1.000 30.15000 ? 134 ARG A CB    1 
ATOM   1076 C CG    . ARG A 1 135 ? 10.33835  8.88101   10.68947  1.000 34.44000 ? 134 ARG A CG    1 
ATOM   1077 N N     . GLN A 1 136 ? 10.63043  5.19846   7.65141   1.000 25.56000 ? 135 GLN A N     1 
ATOM   1078 C CA    . GLN A 1 136 ? 11.35432  4.05144   7.10676   1.000 22.38000 ? 135 GLN A CA    1 
ATOM   1079 C C     . GLN A 1 136 ? 11.17976  3.89023   5.60660   1.000 22.02000 ? 135 GLN A C     1 
ATOM   1080 O O     . GLN A 1 136 ? 12.04977  3.31529   4.94129   1.000 20.70000 ? 135 GLN A O     1 
ATOM   1081 C CB    . GLN A 1 136 ? 10.88755  2.77934   7.81841   1.000 21.15000 ? 135 GLN A CB    1 
ATOM   1082 C CG    . GLN A 1 136 ? 11.30442  2.77422   9.26618   1.000 21.62000 ? 135 GLN A CG    1 
ATOM   1083 C CD    . GLN A 1 136 ? 12.71599  2.27381   9.43538   1.000 23.99000 ? 135 GLN A CD    1 
ATOM   1084 O OE1   . GLN A 1 136 ? 13.17300  1.40589   8.68741   1.000 22.85000 ? 135 GLN A OE1   1 
ATOM   1085 N NE2   . GLN A 1 136 ? 13.41118  2.79721   10.43651  1.000 27.62000 ? 135 GLN A NE2   1 
ATOM   1086 N N     . VAL A 1 137 ? 10.07710  4.38079   5.04901   1.000 21.12000 ? 136 VAL A N     1 
ATOM   1087 C CA    . VAL A 1 137 ? 9.89746   4.21349   3.60984   1.000 17.93000 ? 136 VAL A CA    1 
ATOM   1088 C C     . VAL A 1 137 ? 10.95451  5.02103   2.86246   1.000 21.39000 ? 136 VAL A C     1 
ATOM   1089 O O     . VAL A 1 137 ? 11.54282  5.97174   3.39113   1.000 22.25000 ? 136 VAL A O     1 
ATOM   1090 C CB    . VAL A 1 137 ? 8.47372   4.63764   3.22392   1.000 18.78000 ? 136 VAL A CB    1 
ATOM   1091 C CG1   . VAL A 1 137 ? 8.31038   6.13425   3.41223   1.000 20.72000 ? 136 VAL A CG1   1 
ATOM   1092 C CG2   . VAL A 1 137 ? 8.09435   4.15284   1.79900   1.000 17.73000 ? 136 VAL A CG2   1 
ATOM   1093 N N     . VAL A 1 138 ? 11.18859  4.62403   1.60649   1.000 19.59000 ? 137 VAL A N     1 
ATOM   1094 C CA    . VAL A 1 138 ? 12.11510  5.34881   0.73730   1.000 23.71000 ? 137 VAL A CA    1 
ATOM   1095 C C     . VAL A 1 138 ? 11.73371  6.83245   0.69675   1.000 25.07000 ? 137 VAL A C     1 
ATOM   1096 O O     . VAL A 1 138 ? 10.55390  7.19829   0.72202   1.000 21.51000 ? 137 VAL A O     1 
ATOM   1097 C CB    . VAL A 1 138 ? 12.14459  4.70333   -0.66015  1.000 21.38000 ? 137 VAL A CB    1 
ATOM   1098 C CG1   . VAL A 1 138 ? 10.83346  4.88718   -1.40589  1.000 20.13000 ? 137 VAL A CG1   1 
ATOM   1099 C CG2   . VAL A 1 138 ? 13.34818  5.24989   -1.51881  1.000 23.91000 ? 137 VAL A CG2   1 
ATOM   1100 N N     . SER A 1 139 ? 12.75831  7.69686   0.63433   1.000 23.67000 ? 138 SER A N     1 
ATOM   1101 C CA    . SER A 1 139 ? 12.55202  9.11082   0.92643   1.000 22.60000 ? 138 SER A CA    1 
ATOM   1102 C C     . SER A 1 139 ? 11.56664  9.75955   -0.03657  1.000 22.12000 ? 138 SER A C     1 
ATOM   1103 O O     . SER A 1 139 ? 10.82065  10.65999  0.36189   1.000 24.12000 ? 138 SER A O     1 
ATOM   1104 C CB    . SER A 1 139 ? 13.89469  9.84476   0.89167   1.000 27.99000 ? 138 SER A CB    1 
ATOM   1105 O OG    . SER A 1 139 ? 14.36439  9.85747   -0.43918  1.000 32.37000 ? 138 SER A OG    1 
ATOM   1106 N N     . PHE A 1 140 ? 11.52938  9.32004   -1.30298  1.000 21.63000 ? 139 PHE A N     1 
ATOM   1107 C CA    . PHE A 1 140 ? 10.62777  10.02198  -2.22767  1.000 23.07000 ? 139 PHE A CA    1 
ATOM   1108 C C     . PHE A 1 140 ? 9.15578   9.68378   -2.02030  1.000 21.01000 ? 139 PHE A C     1 
ATOM   1109 O O     . PHE A 1 140 ? 8.29268   10.33223  -2.64063  1.000 20.94000 ? 139 PHE A O     1 
ATOM   1110 C CB    . PHE A 1 140 ? 11.02461  9.79742   -3.70682  1.000 22.61000 ? 139 PHE A CB    1 
ATOM   1111 C CG    . PHE A 1 140 ? 10.97204  8.34546   -4.19913  1.000 20.13000 ? 139 PHE A CG    1 
ATOM   1112 C CD1   . PHE A 1 140 ? 9.79310   7.81474   -4.73130  1.000 21.80000 ? 139 PHE A CD1   1 
ATOM   1113 C CD2   . PHE A 1 140 ? 12.10067  7.53528   -4.16085  1.000 21.32000 ? 139 PHE A CD2   1 
ATOM   1114 C CE1   . PHE A 1 140 ? 9.73768   6.49821   -5.18383  1.000 23.25000 ? 139 PHE A CE1   1 
ATOM   1115 C CE2   . PHE A 1 140 ? 12.04082  6.20820   -4.62243  1.000 22.07000 ? 139 PHE A CE2   1 
ATOM   1116 C CZ    . PHE A 1 140 ? 10.85455  5.69530   -5.14241  1.000 21.36000 ? 139 PHE A CZ    1 
ATOM   1117 N N     . LYS A 1 141 ? 8.83793   8.70506   -1.16716  1.000 20.96000 ? 140 LYS A N     1 
ATOM   1118 C CA    . LYS A 1 141 ? 7.45582   8.42905   -0.79902  1.000 21.56000 ? 140 LYS A CA    1 
ATOM   1119 C C     . LYS A 1 141 ? 7.09199   8.99811   0.56694   1.000 21.17000 ? 140 LYS A C     1 
ATOM   1120 O O     . LYS A 1 141 ? 5.94465   8.85639   0.99541   1.000 23.00000 ? 140 LYS A O     1 
ATOM   1121 C CB    . LYS A 1 141 ? 7.18989   6.91136   -0.80222  1.000 20.01000 ? 140 LYS A CB    1 
ATOM   1122 C CG    . LYS A 1 141 ? 7.36198   6.21599   -2.15016  1.000 21.11000 ? 140 LYS A CG    1 
ATOM   1123 C CD    . LYS A 1 141 ? 6.86274   4.76646   -2.06932  1.000 20.52000 ? 140 LYS A CD    1 
ATOM   1124 C CE    . LYS A 1 141 ? 7.18286   4.00135   -3.33706  1.000 18.59000 ? 140 LYS A CE    1 
ATOM   1125 N NZ    . LYS A 1 141 ? 6.72639   2.58503   -3.29749  1.000 20.42000 ? 140 LYS A NZ    1 
ATOM   1126 N N     . ARG A 1 142 ? 8.01724   9.68427   1.24262   1.000 23.20000 ? 141 ARG A N     1 
ATOM   1127 C CA    . ARG A 1 142 ? 7.77116   10.03637  2.63565   1.000 25.08000 ? 141 ARG A CA    1 
ATOM   1128 C C     . ARG A 1 142 ? 6.62950   11.02466  2.77437   1.000 22.82000 ? 141 ARG A C     1 
ATOM   1129 O O     . ARG A 1 142 ? 5.87838   10.98356  3.75434   1.000 24.10000 ? 141 ARG A O     1 
ATOM   1130 C CB    . ARG A 1 142 ? 9.04070   10.60477  3.26346   1.000 27.24000 ? 141 ARG A CB    1 
ATOM   1131 C CG    . ARG A 1 142 ? 10.11497  9.58131   3.40758   1.000 32.28000 ? 141 ARG A CG    1 
ATOM   1132 C CD    . ARG A 1 142 ? 11.06441  9.95899   4.55145   1.000 34.46000 ? 141 ARG A CD    1 
ATOM   1133 N NE    . ARG A 1 142 ? 11.91153  8.83344   4.91600   1.000 39.08000 ? 141 ARG A NE    1 
ATOM   1134 C CZ    . ARG A 1 142 ? 13.24063  8.84241   4.87016   1.000 39.88000 ? 141 ARG A CZ    1 
ATOM   1135 N NH1   . ARG A 1 142 ? 13.89240  9.93473   4.48224   1.000 45.23000 ? 141 ARG A NH1   1 
ATOM   1136 N NH2   . ARG A 1 142 ? 13.92080  7.75441   5.22091   1.000 44.80000 ? 141 ARG A NH2   1 
ATOM   1137 N N     . ASP A 1 143 ? 6.49070   11.93916  1.81809   1.000 22.84000 ? 142 ASP A N     1 
ATOM   1138 C CA    . ASP A 1 143 ? 5.44046   12.93673  1.93598   1.000 25.57000 ? 142 ASP A CA    1 
ATOM   1139 C C     . ASP A 1 143 ? 4.06928   12.30433  1.74765   1.000 27.81000 ? 142 ASP A C     1 
ATOM   1140 O O     . ASP A 1 143 ? 3.12914   12.62484  2.47862   1.000 29.23000 ? 142 ASP A O     1 
ATOM   1141 C CB    . ASP A 1 143 ? 5.65548   14.06729  0.93665   1.000 28.74000 ? 142 ASP A CB    1 
ATOM   1142 C CG    . ASP A 1 143 ? 6.79170   14.98125  1.32975   1.000 36.89000 ? 142 ASP A CG    1 
ATOM   1143 O OD1   . ASP A 1 143 ? 7.16569   14.96544  2.51913   1.000 41.08000 ? 142 ASP A OD1   1 
ATOM   1144 O OD2   . ASP A 1 143 ? 7.31995   15.71416  0.45568   1.000 41.94000 ? 142 ASP A OD2   1 
ATOM   1145 N N     . VAL A 1 144 ? 3.94663   11.37518  0.80151   1.000 21.88000 ? 143 VAL A N     1 
ATOM   1146 C CA    . VAL A 1 144 ? 2.70182   10.62138  0.68027   1.000 19.89000 ? 143 VAL A CA    1 
ATOM   1147 C C     . VAL A 1 144 ? 2.41791   9.85281   1.96530   1.000 21.43000 ? 143 VAL A C     1 
ATOM   1148 O O     . VAL A 1 144 ? 1.31561   9.93077   2.51779   1.000 23.03000 ? 143 VAL A O     1 
ATOM   1149 C CB    . VAL A 1 144 ? 2.74219   9.68664   -0.54206  1.000 19.86000 ? 143 VAL A CB    1 
ATOM   1150 C CG1   . VAL A 1 144 ? 1.47732   8.77280   -0.53416  1.000 20.56000 ? 143 VAL A CG1   1 
ATOM   1151 C CG2   . VAL A 1 144 ? 2.77159   10.50887  -1.80957  1.000 23.08000 ? 143 VAL A CG2   1 
ATOM   1152 N N     . TYR A 1 145 ? 3.41332   9.10537   2.46927   1.000 22.56000 ? 144 TYR A N     1 
ATOM   1153 C CA    . TYR A 1 145 ? 3.18193   8.26749   3.64519   1.000 20.36000 ? 144 TYR A CA    1 
ATOM   1154 C C     . TYR A 1 145 ? 2.77342   9.10040   4.85076   1.000 23.20000 ? 144 TYR A C     1 
ATOM   1155 O O     . TYR A 1 145 ? 1.94203   8.66883   5.65457   1.000 22.86000 ? 144 TYR A O     1 
ATOM   1156 C CB    . TYR A 1 145 ? 4.42974   7.45423   4.00030   1.000 20.47000 ? 144 TYR A CB    1 
ATOM   1157 C CG    . TYR A 1 145 ? 4.46795   6.08704   3.37111   1.000 19.08000 ? 144 TYR A CG    1 
ATOM   1158 C CD1   . TYR A 1 145 ? 4.16578   5.91958   2.02823   1.000 18.54000 ? 144 TYR A CD1   1 
ATOM   1159 C CD2   . TYR A 1 145 ? 4.87381   4.97740   4.09689   1.000 18.22000 ? 144 TYR A CD2   1 
ATOM   1160 C CE1   . TYR A 1 145 ? 4.21083   4.66954   1.43495   1.000 17.06000 ? 144 TYR A CE1   1 
ATOM   1161 C CE2   . TYR A 1 145 ? 4.92112   3.72491   3.49706   1.000 17.21000 ? 144 TYR A CE2   1 
ATOM   1162 C CZ    . TYR A 1 145 ? 4.59116   3.58531   2.18272   1.000 15.96000 ? 144 TYR A CZ    1 
ATOM   1163 O OH    . TYR A 1 145 ? 4.63463   2.34242   1.58607   1.000 18.20000 ? 144 TYR A OH    1 
ATOM   1164 N N     . ARG A 1 146 ? 3.36617   10.28373  5.01101   1.000 25.61000 ? 145 ARG A N     1 
ATOM   1165 C CA    . ARG A 1 146 ? 3.00510   11.13017  6.14503   1.000 27.32000 ? 145 ARG A CA    1 
ATOM   1166 C C     . ARG A 1 146 ? 1.52680   11.49541  6.08702   1.000 26.93000 ? 145 ARG A C     1 
ATOM   1167 O O     . ARG A 1 146 ? 0.78491   11.33270  7.06366   1.000 27.94000 ? 145 ARG A O     1 
ATOM   1168 C CB    . ARG A 1 146 ? 3.87621   12.38643  6.15500   1.000 29.73000 ? 145 ARG A CB    1 
ATOM   1169 C CG    . ARG A 1 146 ? 3.62233   13.28601  7.35120   1.000 38.60000 ? 145 ARG A CG    1 
ATOM   1170 C CD    . ARG A 1 146 ? 4.39346   14.60632  7.25943   1.000 44.88000 ? 145 ARG A CD    1 
ATOM   1171 N NE    . ARG A 1 146 ? 5.84584   14.44679  7.33261   1.000 47.40000 ? 145 ARG A NE    1 
ATOM   1172 C CZ    . ARG A 1 146 ? 6.68612   14.71631  6.33353   1.000 46.94000 ? 145 ARG A CZ    1 
ATOM   1173 N NH1   . ARG A 1 146 ? 7.98953   14.55114  6.50170   1.000 46.68000 ? 145 ARG A NH1   1 
ATOM   1174 N NH2   . ARG A 1 146 ? 6.22391   15.16249  5.16857   1.000 45.75000 ? 145 ARG A NH2   1 
ATOM   1175 N N     . ARG A 1 147 ? 1.07109   11.96413  4.92384   1.000 26.53000 ? 146 ARG A N     1 
ATOM   1176 C CA    . ARG A 1 147 ? -0.33080  12.36896  4.79886   1.000 27.11000 ? 146 ARG A CA    1 
ATOM   1177 C C     . ARG A 1 147 ? -1.27728  11.19141  4.97438   1.000 25.28000 ? 146 ARG A C     1 
ATOM   1178 O O     . ARG A 1 147 ? -2.35048  11.33024  5.58248   1.000 26.38000 ? 146 ARG A O     1 
ATOM   1179 C CB    . ARG A 1 147 ? -0.58384  13.02340  3.44839   1.000 28.87000 ? 146 ARG A CB    1 
ATOM   1180 C CG    . ARG A 1 147 ? 0.55342   13.85989  3.01241   1.000 33.92000 ? 146 ARG A CG    1 
ATOM   1181 C CD    . ARG A 1 147 ? 0.17668   15.05156  2.15475   1.000 42.25000 ? 146 ARG A CD    1 
ATOM   1182 N NE    . ARG A 1 147 ? 1.22717   15.38550  1.18578   1.000 45.90000 ? 146 ARG A NE    1 
ATOM   1183 C CZ    . ARG A 1 147 ? 2.48189   15.74329  1.47951   1.000 51.36000 ? 146 ARG A CZ    1 
ATOM   1184 N NH1   . ARG A 1 147 ? 2.90681   15.82393  2.74138   1.000 57.99000 ? 146 ARG A NH1   1 
ATOM   1185 N NH2   . ARG A 1 147 ? 3.32685   16.01737  0.49148   1.000 51.48000 ? 146 ARG A NH2   1 
ATOM   1186 N N     . VAL A 1 148 ? -0.91737  10.02984  4.41495   1.000 25.33000 ? 147 VAL A N     1 
ATOM   1187 C CA    . VAL A 1 148 ? -1.74266  8.83649   4.58793   1.000 23.33000 ? 147 VAL A CA    1 
ATOM   1188 C C     . VAL A 1 148 ? -1.84996  8.47090   6.06818   1.000 24.71000 ? 147 VAL A C     1 
ATOM   1189 O O     . VAL A 1 148 ? -2.95038  8.21971   6.58568   1.000 23.13000 ? 147 VAL A O     1 
ATOM   1190 C CB    . VAL A 1 148 ? -1.18162  7.66243   3.76609   1.000 23.84000 ? 147 VAL A CB    1 
ATOM   1191 C CG1   . VAL A 1 148 ? -1.88470  6.35652   4.17108   1.000 22.02000 ? 147 VAL A CG1   1 
ATOM   1192 C CG2   . VAL A 1 148 ? -1.28407  7.95277   2.24528   1.000 21.31000 ? 147 VAL A CG2   1 
ATOM   1193 N N     . MET A 1 149 ? -0.71207  8.41350   6.77330   1.000 23.56000 ? 148 MET A N     1 
ATOM   1194 C CA    . MET A 1 149 ? -0.77282  7.95898   8.16527   1.000 24.45000 ? 148 MET A CA    1 
ATOM   1195 C C     . MET A 1 149 ? -1.44311  8.99602   9.06595   1.000 23.47000 ? 148 MET A C     1 
ATOM   1196 O O     . MET A 1 149 ? -2.10203  8.63774   10.05392  1.000 23.60000 ? 148 MET A O     1 
ATOM   1197 C CB    . MET A 1 149 ? 0.61796   7.62545   8.70554   1.000 24.34000 ? 148 MET A CB    1 
ATOM   1198 C CG    . MET A 1 149 ? 1.36588   6.50304   7.97096   1.000 21.62000 ? 148 MET A CG    1 
ATOM   1199 S SD    . MET A 1 149 ? 0.35569   5.01815   7.70300   1.000 25.79000 ? 148 MET A SD    1 
ATOM   1200 C CE    . MET A 1 149 ? 0.59649   4.13815   9.24704   1.000 26.30000 ? 148 MET A CE    1 
ATOM   1201 N N     . LYS A 1 150 ? -1.27103  10.27323  8.75474   1.000 26.43000 ? 149 LYS A N     1 
ATOM   1202 C CA    . LYS A 1 150 ? -1.98740  11.30902  9.48416   1.000 27.10000 ? 149 LYS A CA    1 
ATOM   1203 C C     . LYS A 1 150 ? -3.48519  11.20151  9.26527   1.000 27.38000 ? 149 LYS A C     1 
ATOM   1204 O O     . LYS A 1 150 ? -4.26258  11.43104  10.20429  1.000 30.25000 ? 149 LYS A O     1 
ATOM   1205 C CB    . LYS A 1 150 ? -1.46307  12.67384  9.05775   1.000 27.21000 ? 149 LYS A CB    1 
ATOM   1206 C CG    . LYS A 1 150 ? -0.07906  12.89821  9.64777   1.000 34.20000 ? 149 LYS A CG    1 
ATOM   1207 C CD    . LYS A 1 150 ? 0.61430   14.08353  9.06973   1.000 40.20000 ? 149 LYS A CD    1 
ATOM   1208 C CE    . LYS A 1 150 ? -0.22152  15.31716  9.25422   1.000 45.92000 ? 149 LYS A CE    1 
ATOM   1209 N NZ    . LYS A 1 150 ? 0.43099   16.48114  8.59456   1.000 47.98000 ? 149 LYS A NZ    1 
ATOM   1210 N N     . GLU A 1 151 ? -3.90814  10.82000  8.06248   1.000 27.83000 ? 150 GLU A N     1 
ATOM   1211 C CA    . GLU A 1 151 ? -5.33338  10.66594  7.79889   1.000 24.78000 ? 150 GLU A CA    1 
ATOM   1212 C C     . GLU A 1 151 ? -5.92305  9.42487   8.46221   1.000 27.83000 ? 150 GLU A C     1 
ATOM   1213 O O     . GLU A 1 151 ? -7.07741  9.46926   8.90795   1.000 26.53000 ? 150 GLU A O     1 
ATOM   1214 C CB    . GLU A 1 151 ? -5.61659  10.62052  6.30433   1.000 28.80000 ? 150 GLU A CB    1 
ATOM   1215 C CG    . GLU A 1 151 ? -7.02591  11.05766  5.96238   1.000 32.74000 ? 150 GLU A CG    1 
ATOM   1216 C CD    . GLU A 1 151 ? -7.20914  11.27978  4.48839   1.000 35.61000 ? 150 GLU A CD    1 
ATOM   1217 O OE1   . GLU A 1 151 ? -6.28889  11.83629  3.84844   1.000 39.84000 ? 150 GLU A OE1   1 
ATOM   1218 O OE2   . GLU A 1 151 ? -8.26863  10.88441  3.95866   1.000 41.37000 ? 150 GLU A OE2   1 
ATOM   1219 N N     . PHE A 1 152 ? -5.17100  8.32445   8.56089   1.000 24.47000 ? 151 PHE A N     1 
ATOM   1220 C CA    . PHE A 1 152 ? -5.70096  7.10651   9.16784   1.000 22.99000 ? 151 PHE A CA    1 
ATOM   1221 C C     . PHE A 1 152 ? -5.47246  6.99973   10.68378  1.000 24.20000 ? 151 PHE A C     1 
ATOM   1222 O O     . PHE A 1 152 ? -5.90336  6.01065   11.29167  1.000 24.43000 ? 151 PHE A O     1 
ATOM   1223 C CB    . PHE A 1 152 ? -5.09077  5.86155   8.50188   1.000 22.06000 ? 151 PHE A CB    1 
ATOM   1224 C CG    . PHE A 1 152 ? -5.46858  5.68251   7.03696   1.000 22.21000 ? 151 PHE A CG    1 
ATOM   1225 C CD1   . PHE A 1 152 ? -6.60286  6.26023   6.51894   1.000 23.75000 ? 151 PHE A CD1   1 
ATOM   1226 C CD2   . PHE A 1 152 ? -4.63756  4.93644   6.18075   1.000 20.29000 ? 151 PHE A CD2   1 
ATOM   1227 C CE1   . PHE A 1 152 ? -6.95149  6.09524   5.16898   1.000 21.92000 ? 151 PHE A CE1   1 
ATOM   1228 C CE2   . PHE A 1 152 ? -4.98244  4.75691   4.83675   1.000 18.63000 ? 151 PHE A CE2   1 
ATOM   1229 C CZ    . PHE A 1 152 ? -6.14051  5.34655   4.32819   1.000 19.61000 ? 151 PHE A CZ    1 
ATOM   1230 N N     . ALA A 1 153 ? -4.80587  7.96797   11.31410  1.000 25.25000 ? 152 ALA A N     1 
ATOM   1231 C CA    . ALA A 1 153 ? -4.26835  7.73144   12.64922  1.000 26.44000 ? 152 ALA A CA    1 
ATOM   1232 C C     . ALA A 1 153 ? -5.37884  7.55765   13.67461  1.000 27.02000 ? 152 ALA A C     1 
ATOM   1233 O O     . ALA A 1 153 ? -5.31037  6.67834   14.54210  1.000 28.94000 ? 152 ALA A O     1 
ATOM   1234 C CB    . ALA A 1 153 ? -3.35102  8.88135   13.06765  1.000 24.62000 ? 152 ALA A CB    1 
ATOM   1235 N N     . SER A 1 154 ? -6.40070  8.40267   13.59342  1.000 26.15000 ? 153 SER A N     1 
ATOM   1236 C CA    . SER A 1 154 ? -7.43719  8.40189   14.62337  1.000 29.88000 ? 153 SER A CA    1 
ATOM   1237 C C     . SER A 1 154 ? -8.20740  7.07956   14.64841  1.000 32.65000 ? 153 SER A C     1 
ATOM   1238 O O     . SER A 1 154 ? -8.54071  6.57173   15.73456  1.000 30.25000 ? 153 SER A O     1 
ATOM   1239 C CB    . SER A 1 154 ? -8.36733  9.59679   14.40041  1.000 31.87000 ? 153 SER A CB    1 
ATOM   1240 O OG    . SER A 1 154 ? -9.18991  9.42478   13.25577  1.000 36.05000 ? 153 SER A OG    1 
ATOM   1241 N N     . VAL A 1 155 ? -8.44215  6.48223   13.47087  1.000 28.79000 ? 154 VAL A N     1 
ATOM   1242 C CA    . VAL A 1 155 ? -9.16600  5.21629   13.39502  1.000 24.19000 ? 154 VAL A CA    1 
ATOM   1243 C C     . VAL A 1 155 ? -8.35710  4.09068   14.03024  1.000 27.62000 ? 154 VAL A C     1 
ATOM   1244 O O     . VAL A 1 155 ? -8.89001  3.26461   14.78949  1.000 28.14000 ? 154 VAL A O     1 
ATOM   1245 C CB    . VAL A 1 155 ? -9.51042  4.88066   11.93109  1.000 28.48000 ? 154 VAL A CB    1 
ATOM   1246 C CG1   . VAL A 1 155 ? -10.01516 3.45795   11.83402  1.000 28.68000 ? 154 VAL A CG1   1 
ATOM   1247 C CG2   . VAL A 1 155 ? -10.54588 5.83303   11.38196  1.000 30.77000 ? 154 VAL A CG2   1 
ATOM   1248 N N     . VAL A 1 156 ? -7.06583  4.01127   13.69583  1.000 22.17000 ? 155 VAL A N     1 
ATOM   1249 C CA    . VAL A 1 156 ? -6.25514  2.89685   14.17234  1.000 23.26000 ? 155 VAL A CA    1 
ATOM   1250 C C     . VAL A 1 156 ? -6.05342  2.99569   15.67845  1.000 25.34000 ? 155 VAL A C     1 
ATOM   1251 O O     . VAL A 1 156 ? -6.01716  1.98270   16.38327  1.000 26.99000 ? 155 VAL A O     1 
ATOM   1252 C CB    . VAL A 1 156 ? -4.90693  2.85657   13.43698  1.000 24.01000 ? 155 VAL A CB    1 
ATOM   1253 C CG1   . VAL A 1 156 ? -4.00644  1.80703   14.08621  1.000 23.32000 ? 155 VAL A CG1   1 
ATOM   1254 C CG2   . VAL A 1 156 ? -5.12425  2.57330   11.94117  1.000 23.56000 ? 155 VAL A CG2   1 
ATOM   1255 N N     . MET A 1 157 ? -5.89296  4.21633   16.18208  1.000 25.37000 ? 156 MET A N     1 
ATOM   1256 C CA    . MET A 1 157 ? -5.65806  4.40405   17.60603  1.000 27.64000 ? 156 MET A CA    1 
ATOM   1257 C C     . MET A 1 157 ? -6.89178  4.04493   18.42200  1.000 28.73000 ? 156 MET A C     1 
ATOM   1258 O O     . MET A 1 157 ? -6.76569  3.49633   19.52102  1.000 29.56000 ? 156 MET A O     1 
ATOM   1259 C CB    . MET A 1 157 ? -5.22449  5.84594   17.86890  1.000 31.94000 ? 156 MET A CB    1 
ATOM   1260 C CG    . MET A 1 157 ? -3.83172  6.17490   17.30632  1.000 33.05000 ? 156 MET A CG    1 
ATOM   1261 S SD    . MET A 1 157 ? -2.48854  5.10065   17.88304  1.000 43.73000 ? 156 MET A SD    1 
ATOM   1262 C CE    . MET A 1 157 ? -2.29215  3.94416   16.54188  1.000 31.78000 ? 156 MET A CE    1 
ATOM   1263 N N     . SER A 1 158 ? -8.07675  4.34217   17.88684  1.000 27.40000 ? 157 SER A N     1 
ATOM   1264 C CA    . SER A 1 158 ? -9.33565  3.93890   18.49480  1.000 30.25000 ? 157 SER A CA    1 
ATOM   1265 C C     . SER A 1 158 ? -9.41700  2.42837   18.67424  1.000 31.04000 ? 157 SER A C     1 
ATOM   1266 O O     . SER A 1 158 ? -9.94147  1.94001   19.68661  1.000 29.65000 ? 157 SER A O     1 
ATOM   1267 C CB    . SER A 1 158 ? -10.49190 4.44059   17.63075  1.000 32.37000 ? 157 SER A CB    1 
ATOM   1268 O OG    . SER A 1 158 ? -11.67696 3.75557   17.95776  1.000 41.16000 ? 157 SER A OG    1 
ATOM   1269 N N     . LEU A 1 159 ? -8.92832  1.66822   17.69084  1.000 25.92000 ? 158 LEU A N     1 
ATOM   1270 C CA    . LEU A 1 159 ? -8.95234  0.21755   17.79831  1.000 27.21000 ? 158 LEU A CA    1 
ATOM   1271 C C     . LEU A 1 159 ? -8.01217  -0.26720  18.87119  1.000 30.35000 ? 158 LEU A C     1 
ATOM   1272 O O     . LEU A 1 159 ? -8.24463  -1.32995  19.46321  1.000 29.58000 ? 158 LEU A O     1 
ATOM   1273 C CB    . LEU A 1 159 ? -8.54262  -0.44400  16.48460  1.000 25.70000 ? 158 LEU A CB    1 
ATOM   1274 C CG    . LEU A 1 159 ? -9.50639  -0.36860  15.32973  1.000 26.00000 ? 158 LEU A CG    1 
ATOM   1275 C CD1   . LEU A 1 159 ? -8.85075  -1.13156  14.18133  1.000 25.19000 ? 158 LEU A CD1   1 
ATOM   1276 C CD2   . LEU A 1 159 ? -10.88633 -0.91675  15.69439  1.000 23.41000 ? 158 LEU A CD2   1 
ATOM   1277 N N     . ALA A 1 160 ? -6.92894  0.47708   19.10618  1.000 27.36000 ? 159 ALA A N     1 
ATOM   1278 C CA    . ALA A 1 160 ? -5.88863  0.04808   20.02725  1.000 29.43000 ? 159 ALA A CA    1 
ATOM   1279 C C     . ALA A 1 160 ? -6.22746  0.32238   21.49067  1.000 30.26000 ? 159 ALA A C     1 
ATOM   1280 O O     . ALA A 1 160 ? -5.56527  -0.23924  22.35718  1.000 30.19000 ? 159 ALA A O     1 
ATOM   1281 C CB    . ALA A 1 160 ? -4.55115  0.72264   19.66026  1.000 25.96000 ? 159 ALA A CB    1 
ATOM   1282 N N     . ALA A 1 161 ? -7.24070  1.13959   21.78383  1.000 32.27000 ? 160 ALA A N     1 
ATOM   1283 C CA    . ALA A 1 161 ? -7.53283  1.57364   23.16882  1.000 31.75000 ? 160 ALA A CA    1 
ATOM   1284 C C     . ALA A 1 161 ? -8.06158  0.44454   24.08187  1.000 30.36000 ? 160 ALA A C     1 
ATOM   1285 O O     . ALA A 1 161 ? -8.83490  -0.41276  23.61538  1.000 29.43000 ? 160 ALA A O     1 
ATOM   1286 C CB    . ALA A 1 161 ? -8.53200  2.72570   23.14639  1.000 30.43000 ? 160 ALA A CB    1 
HETATM 1287 P PA    . UTP B 2 .   ? 7.76002   2.15904   -7.03680  1.000 23.53000 ? 201 UTP A PA    1 
HETATM 1288 O O1A   . UTP B 2 .   ? 7.50035   1.66324   -5.65310  1.000 22.56000 ? 201 UTP A O1A   1 
HETATM 1289 O O2A   . UTP B 2 .   ? 7.18224   3.54099   -7.32837  1.000 22.91000 ? 201 UTP A O2A   1 
HETATM 1290 O O3A   . UTP B 2 .   ? 7.19980   1.09594   -8.15577  1.000 25.37000 ? 201 UTP A O3A   1 
HETATM 1291 O "O5'" . UTP B 2 .   ? 9.34304   2.19403   -7.16997  1.000 25.24000 ? 201 UTP A "O5'" 1 
HETATM 1292 P PB    . UTP B 2 .   ? 7.61044   -0.45259  -8.49073  1.000 31.19000 ? 201 UTP A PB    1 
HETATM 1293 O O1B   . UTP B 2 .   ? 8.71955   -0.42267  -9.57956  1.000 33.98000 ? 201 UTP A O1B   1 
HETATM 1294 O O2B   . UTP B 2 .   ? 8.22466   -1.10607  -7.28386  1.000 31.31000 ? 201 UTP A O2B   1 
HETATM 1295 O O3B   . UTP B 2 .   ? 6.29138   -1.31236  -8.97744  1.000 39.16000 ? 201 UTP A O3B   1 
HETATM 1296 P PG    . UTP B 2 .   ? 4.75043   -0.91623  -9.14289  1.000 63.17000 ? 201 UTP A PG    1 
HETATM 1297 O O1G   . UTP B 2 .   ? 4.15803   -0.48070  -7.80594  1.000 55.37000 ? 201 UTP A O1G   1 
HETATM 1298 O O2G   . UTP B 2 .   ? 3.97602   -2.12222  -9.67140  1.000 63.10000 ? 201 UTP A O2G   1 
HETATM 1299 O O3G   . UTP B 2 .   ? 4.74215   0.22745   -10.14168 1.000 66.54000 ? 201 UTP A O3G   1 
HETATM 1300 C "C5'" . UTP B 2 .   ? 9.93416   2.73451   -8.34899  1.000 24.87000 ? 201 UTP A "C5'" 1 
HETATM 1301 C "C4'" . UTP B 2 .   ? 11.42786  2.35226   -8.29870  1.000 28.13000 ? 201 UTP A "C4'" 1 
HETATM 1302 O "O4'" . UTP B 2 .   ? 12.03805  2.95090   -7.15412  1.000 26.28000 ? 201 UTP A "O4'" 1 
HETATM 1303 C "C1'" . UTP B 2 .   ? 13.07533  2.10873   -6.67467  1.000 27.54000 ? 201 UTP A "C1'" 1 
HETATM 1304 C "C2'" . UTP B 2 .   ? 13.01716  0.78356   -7.43981  1.000 30.99000 ? 201 UTP A "C2'" 1 
HETATM 1305 O "O2'" . UTP B 2 .   ? 14.03407  0.80504   -8.44961  1.000 37.47000 ? 201 UTP A "O2'" 1 
HETATM 1306 C "C3'" . UTP B 2 .   ? 11.63722  0.85169   -8.09470  1.000 31.59000 ? 201 UTP A "C3'" 1 
HETATM 1307 O "O3'" . UTP B 2 .   ? 11.59044  0.12496   -9.32759  1.000 37.38000 ? 201 UTP A "O3'" 1 
HETATM 1308 N N1    . UTP B 2 .   ? 12.86450  1.88508   -5.22385  1.000 29.89000 ? 201 UTP A N1    1 
HETATM 1309 C C6    . UTP B 2 .   ? 11.44476  1.80315   -4.84697  1.000 26.91000 ? 201 UTP A C6    1 
HETATM 1310 C C2    . UTP B 2 .   ? 13.94266  1.84074   -4.40930  1.000 33.14000 ? 201 UTP A C2    1 
HETATM 1311 O O2    . UTP B 2 .   ? 15.10268  1.93369   -4.80952  1.000 37.80000 ? 201 UTP A O2    1 
HETATM 1312 N N3    . UTP B 2 .   ? 13.71690  1.65293   -3.09354  1.000 31.06000 ? 201 UTP A N3    1 
HETATM 1313 C C4    . UTP B 2 .   ? 12.50298  1.53664   -2.46826  1.000 30.16000 ? 201 UTP A C4    1 
HETATM 1314 O O4    . UTP B 2 .   ? 12.41977  1.37118   -1.24969  1.000 31.84000 ? 201 UTP A O4    1 
HETATM 1315 C C5    . UTP B 2 .   ? 11.29029  1.59771   -3.34954  1.000 25.11000 ? 201 UTP A C5    1 
HETATM 1316 P PA    . UTP C 2 .   ? 15.52884  0.05967   12.44884  1.000 33.53000 ? 202 UTP A PA    1 
HETATM 1317 O O1A   . UTP C 2 .   ? 14.12240  -0.45425  12.76146  1.000 32.37000 ? 202 UTP A O1A   1 
HETATM 1318 O O2A   . UTP C 2 .   ? 15.57647  1.42448   11.84744  1.000 35.67000 ? 202 UTP A O2A   1 
HETATM 1319 O O3A   . UTP C 2 .   ? 16.25834  0.13917   13.94411  1.000 38.14000 ? 202 UTP A O3A   1 
HETATM 1320 O "O5'" . UTP C 2 .   ? 16.29868  -0.97061  11.51491  1.000 29.77000 ? 202 UTP A "O5'" 1 
HETATM 1321 P PB    . UTP C 2 .   ? 17.60185  0.94078   14.47842  1.000 37.65000 ? 202 UTP A PB    1 
HETATM 1322 O O1B   . UTP C 2 .   ? 18.66157  0.66889   13.40818  1.000 43.71000 ? 202 UTP A O1B   1 
HETATM 1323 O O2B   . UTP C 2 .   ? 18.06079  0.38716   15.79200  1.000 38.75000 ? 202 UTP A O2B   1 
HETATM 1324 O O3B   . UTP C 2 .   ? 17.34471  2.57271   14.54388  1.000 82.32000 ? 202 UTP A O3B   1 
HETATM 1325 P PG    . UTP C 2 .   ? 16.42780  3.47442   15.49381  1.000 84.96000 ? 202 UTP A PG    1 
HETATM 1326 O O1G   . UTP C 2 .   ? 17.19509  4.74786   15.85129  1.000 84.48000 ? 202 UTP A O1G   1 
HETATM 1327 O O2G   . UTP C 2 .   ? 16.14807  2.64166   16.73233  1.000 84.90000 ? 202 UTP A O2G   1 
HETATM 1328 O O3G   . UTP C 2 .   ? 15.13752  3.78045   14.76849  1.000 85.49000 ? 202 UTP A O3G   1 
HETATM 1329 C "C5'" . UTP C 2 .   ? 17.31800  -0.50393  10.64761  1.000 26.61000 ? 202 UTP A "C5'" 1 
HETATM 1330 C "C4'" . UTP C 2 .   ? 17.07593  -1.23140  9.32997   1.000 30.60000 ? 202 UTP A "C4'" 1 
HETATM 1331 O "O4'" . UTP C 2 .   ? 17.09722  -2.64452  9.54691   1.000 30.35000 ? 202 UTP A "O4'" 1 
HETATM 1332 C "C1'" . UTP C 2 .   ? 16.22510  -3.25942  8.60908   1.000 31.65000 ? 202 UTP A "C1'" 1 
HETATM 1333 C "C2'" . UTP C 2 .   ? 15.44756  -2.14809  7.89888   1.000 27.15000 ? 202 UTP A "C2'" 1 
HETATM 1334 O "O2'" . UTP C 2 .   ? 16.10804  -1.87596  6.65225   1.000 31.16000 ? 202 UTP A "O2'" 1 
HETATM 1335 C "C3'" . UTP C 2 .   ? 15.65237  -0.96180  8.84269   1.000 29.14000 ? 202 UTP A "C3'" 1 
HETATM 1336 O "O3'" . UTP C 2 .   ? 15.55627  0.30475   8.18116   1.000 30.29000 ? 202 UTP A "O3'" 1 
HETATM 1337 N N1    . UTP C 2 .   ? 15.37900  -4.19665  9.37605   1.000 28.80000 ? 202 UTP A N1    1 
HETATM 1338 C C6    . UTP C 2 .   ? 15.07990  -3.76538  10.75157  1.000 28.43000 ? 202 UTP A C6    1 
HETATM 1339 C C2    . UTP C 2 .   ? 14.99656  -5.33619  8.75811   1.000 24.90000 ? 202 UTP A C2    1 
HETATM 1340 O O2    . UTP C 2 .   ? 15.28900  -5.60386  7.59318   1.000 29.11000 ? 202 UTP A O2    1 
HETATM 1341 N N3    . UTP C 2 .   ? 14.25372  -6.21645  9.48689   1.000 24.05000 ? 202 UTP A N3    1 
HETATM 1342 C C4    . UTP C 2 .   ? 13.82350  -6.05834  10.77802  1.000 25.16000 ? 202 UTP A C4    1 
HETATM 1343 O O4    . UTP C 2 .   ? 13.14619  -6.91382  11.35028  1.000 25.45000 ? 202 UTP A O4    1 
HETATM 1344 C C5    . UTP C 2 .   ? 14.24180  -4.80058  11.48137  1.000 28.61000 ? 202 UTP A C5    1 
HETATM 1345 O O     . HOH D 3 .   ? -14.05545 1.89099   -1.70403  1.000 34.02000 ? 301 HOH A O     1 
HETATM 1346 O O     . HOH D 3 .   ? 8.20156   5.82446   -18.68832 1.000 41.80000 ? 302 HOH A O     1 
HETATM 1347 O O     . HOH D 3 .   ? -2.09887  13.52437  -12.82938 1.000 34.97000 ? 303 HOH A O     1 
HETATM 1348 O O     . HOH D 3 .   ? 9.32192   6.13517   -15.90129 1.000 37.83000 ? 304 HOH A O     1 
HETATM 1349 O O     . HOH D 3 .   ? 8.59879   1.81952   -1.40118  1.000 23.93000 ? 305 HOH A O     1 
HETATM 1350 O O     . HOH D 3 .   ? -8.66097  8.37925   11.11393  1.000 33.31000 ? 306 HOH A O     1 
HETATM 1351 O O     . HOH D 3 .   ? -11.68510 1.88397   21.51410  1.000 29.20000 ? 307 HOH A O     1 
HETATM 1352 O O     . HOH D 3 .   ? 3.72585   1.39882   -0.57855  1.000 19.82000 ? 308 HOH A O     1 
HETATM 1353 O O     . HOH D 3 .   ? 19.20141  -6.70704  -3.69199  1.000 38.14000 ? 309 HOH A O     1 
HETATM 1354 O O     . HOH D 3 .   ? -0.45268  -7.94799  -8.24924  1.000 27.54000 ? 310 HOH A O     1 
HETATM 1355 O O     . HOH D 3 .   ? 3.84703   -3.00851  -6.51876  1.000 30.84000 ? 311 HOH A O     1 
HETATM 1356 O O     . HOH D 3 .   ? -16.75408 -17.78062 1.34495   1.000 31.64000 ? 312 HOH A O     1 
HETATM 1357 O O     . HOH D 3 .   ? 11.92578  -0.51055  7.51412   1.000 21.52000 ? 313 HOH A O     1 
HETATM 1358 O O     . HOH D 3 .   ? 1.26679   -13.85180 -2.60065  1.000 20.04000 ? 314 HOH A O     1 
HETATM 1359 O O     . HOH D 3 .   ? -9.75660  1.92214   -14.42565 1.000 30.56000 ? 315 HOH A O     1 
HETATM 1360 O O     . HOH D 3 .   ? -3.07634  13.74200  6.17675   1.000 35.75000 ? 316 HOH A O     1 
HETATM 1361 O O     . HOH D 3 .   ? -3.52900  -9.94911  -12.59188 1.000 24.94000 ? 317 HOH A O     1 
HETATM 1362 O O     . HOH D 3 .   ? 15.54926  0.18929   5.18068   1.000 32.12000 ? 318 HOH A O     1 
HETATM 1363 O O     . HOH D 3 .   ? -11.37260 8.40846   14.23342  1.000 38.90000 ? 319 HOH A O     1 
HETATM 1364 O O     . HOH D 3 .   ? -5.07270  9.26279   -2.09878  1.000 32.54000 ? 320 HOH A O     1 
HETATM 1365 O O     . HOH D 3 .   ? -4.81459  -0.79459  16.48175  1.000 25.97000 ? 321 HOH A O     1 
HETATM 1366 O O     . HOH D 3 .   ? -15.03961 -8.61007  6.37619   1.000 32.54000 ? 322 HOH A O     1 
HETATM 1367 O O     . HOH D 3 .   ? -1.56224  -2.84012  -13.27560 1.000 33.86000 ? 323 HOH A O     1 
HETATM 1368 O O     . HOH D 3 .   ? 4.27010   4.64842   16.49260  1.000 33.54000 ? 324 HOH A O     1 
HETATM 1369 O O     . HOH D 3 .   ? 16.30592  -6.78681  5.47920   1.000 28.59000 ? 325 HOH A O     1 
HETATM 1370 O O     . HOH D 3 .   ? -1.40741  -5.22418  -7.78749  1.000 23.94000 ? 326 HOH A O     1 
HETATM 1371 O O     . HOH D 3 .   ? 3.22491   -15.10921 -10.84226 1.000 31.97000 ? 327 HOH A O     1 
HETATM 1372 O O     . HOH D 3 .   ? 9.15711   -7.95290  -7.17659  1.000 28.65000 ? 328 HOH A O     1 
HETATM 1373 O O     . HOH D 3 .   ? -12.06202 -14.87962 9.11050   1.000 29.46000 ? 329 HOH A O     1 
HETATM 1374 O O     . HOH D 3 .   ? -4.95481  4.28657   21.26791  1.000 32.57000 ? 330 HOH A O     1 
HETATM 1375 O O     . HOH D 3 .   ? 8.60040   -5.72249  14.09766  1.000 29.04000 ? 331 HOH A O     1 
HETATM 1376 O O     . HOH D 3 .   ? -7.50558  -15.78810 2.42951   1.000 19.75000 ? 332 HOH A O     1 
HETATM 1377 O O     . HOH D 3 .   ? 13.16476  -1.39448  15.06504  1.000 36.68000 ? 333 HOH A O     1 
HETATM 1378 O O     . HOH D 3 .   ? 10.01563  12.07866  -11.92082 1.000 31.00000 ? 334 HOH A O     1 
HETATM 1379 O O     . HOH D 3 .   ? 10.54033  1.84925   0.79043   1.000 21.87000 ? 335 HOH A O     1 
HETATM 1380 O O     . HOH D 3 .   ? 11.49217  -14.46362 -0.86840  1.000 15.97000 ? 336 HOH A O     1 
HETATM 1381 O O     . HOH D 3 .   ? -15.79985 -4.04483  0.07022   1.000 30.56000 ? 337 HOH A O     1 
HETATM 1382 O O     . HOH D 3 .   ? 2.40637   -13.17950 13.09052  1.000 30.93000 ? 338 HOH A O     1 
HETATM 1383 O O     . HOH D 3 .   ? 4.35274   -10.53964 -2.28182  1.000 17.05000 ? 339 HOH A O     1 
HETATM 1384 O O     . HOH D 3 .   ? 4.65942   -2.73184  17.88176  1.000 34.84000 ? 340 HOH A O     1 
HETATM 1385 O O     . HOH D 3 .   ? 4.78733   -19.44890 -5.54255  1.000 21.86000 ? 341 HOH A O     1 
HETATM 1386 O O     . HOH D 3 .   ? 1.26259   15.91281  6.08100   1.000 44.66000 ? 342 HOH A O     1 
HETATM 1387 O O     . HOH D 3 .   ? -15.71874 -0.85262  -7.02674  1.000 24.78000 ? 343 HOH A O     1 
HETATM 1388 O O     . HOH D 3 .   ? 4.87750   13.45451  -2.73398  1.000 27.25000 ? 344 HOH A O     1 
HETATM 1389 O O     . HOH D 3 .   ? 12.01201  -5.65032  -4.99352  1.000 25.45000 ? 345 HOH A O     1 
HETATM 1390 O O     . HOH D 3 .   ? -17.90828 -2.61610  -3.20509  1.000 37.68000 ? 346 HOH A O     1 
HETATM 1391 O O     . HOH D 3 .   ? 1.54232   -19.87507 -6.74684  1.000 28.84000 ? 347 HOH A O     1 
HETATM 1392 O O     . HOH D 3 .   ? -13.85776 -6.33183  2.93947   1.000 20.92000 ? 348 HOH A O     1 
HETATM 1393 O O     . HOH D 3 .   ? 10.30450  -2.68579  14.28531  1.000 34.79000 ? 349 HOH A O     1 
HETATM 1394 O O     . HOH D 3 .   ? 9.03867   -5.15224  -4.72211  1.000 29.07000 ? 350 HOH A O     1 
HETATM 1395 O O     . HOH D 3 .   ? 17.13316  -1.38736  17.65753  1.000 24.84000 ? 351 HOH A O     1 
HETATM 1396 O O     . HOH D 3 .   ? -11.17374 -15.94534 3.97151   1.000 32.41000 ? 352 HOH A O     1 
HETATM 1397 O O     . HOH D 3 .   ? 17.77634  -2.11008  -0.99956  1.000 36.81000 ? 353 HOH A O     1 
HETATM 1398 O O     . HOH D 3 .   ? 7.49119   -3.60546  -6.40448  1.000 32.35000 ? 354 HOH A O     1 
HETATM 1399 O O     . HOH D 3 .   ? -0.50753  -9.12884  -11.34106 1.000 34.00000 ? 355 HOH A O     1 
HETATM 1400 O O     . HOH D 3 .   ? -9.84678  -6.65391  -9.91367  1.000 21.41000 ? 356 HOH A O     1 
HETATM 1401 O O     . HOH D 3 .   ? -2.62489  -2.49181  -16.87521 1.000 34.06000 ? 357 HOH A O     1 
HETATM 1402 O O     . HOH D 3 .   ? 2.01875   -4.89902  -6.74603  1.000 27.56000 ? 358 HOH A O     1 
HETATM 1403 O O     . HOH D 3 .   ? -0.07772  -16.23566 -7.68354  1.000 30.97000 ? 359 HOH A O     1 
HETATM 1404 O O     . HOH D 3 .   ? 0.25575   -13.96445 -6.82530  1.000 24.69000 ? 360 HOH A O     1 
HETATM 1405 O O     . HOH D 3 .   ? -8.02781  -2.56588  21.92910  1.000 23.78000 ? 361 HOH A O     1 
HETATM 1406 O O     . HOH D 3 .   ? -8.85546  -9.84504  -2.16539  1.000 15.64000 ? 362 HOH A O     1 
HETATM 1407 O O     . HOH D 3 .   ? -2.47476  -15.27182 -4.22128  1.000 20.01000 ? 363 HOH A O     1 
HETATM 1408 O O     . HOH D 3 .   ? -19.79573 -15.13787 0.84480   1.000 42.35000 ? 364 HOH A O     1 
HETATM 1409 O O     . HOH D 3 .   ? 5.82306   -12.40638 9.96972   1.000 24.00000 ? 365 HOH A O     1 
HETATM 1410 O O     . HOH D 3 .   ? -6.00113  -4.48545  21.90404  1.000 32.63000 ? 366 HOH A O     1 
HETATM 1411 O O     . HOH D 3 .   ? -5.01217  11.82553  -18.53620 1.000 46.95000 ? 367 HOH A O     1 
HETATM 1412 O O     . HOH D 3 .   ? 5.93956   -0.61003  -4.99785  1.000 22.56000 ? 368 HOH A O     1 
HETATM 1413 O O     . HOH D 3 .   ? 0.65020   -18.40961 4.61558   1.000 23.81000 ? 369 HOH A O     1 
HETATM 1414 O O     . HOH D 3 .   ? 17.01374  -0.08159  -4.38550  1.000 44.25000 ? 370 HOH A O     1 
HETATM 1415 O O     . HOH D 3 .   ? -6.42068  10.72076  11.99978  1.000 27.67000 ? 371 HOH A O     1 
HETATM 1416 O O     . HOH D 3 .   ? 6.97298   -14.70919 3.73098   1.000 18.19000 ? 372 HOH A O     1 
HETATM 1417 O O     . HOH D 3 .   ? -8.61257  -7.47521  14.29543  1.000 23.25000 ? 373 HOH A O     1 
HETATM 1418 O O     . HOH D 3 .   ? -6.21601  -12.05710 -9.52123  1.000 17.50000 ? 374 HOH A O     1 
HETATM 1419 O O     . HOH D 3 .   ? -14.44759 3.75612   10.09524  1.000 39.17000 ? 375 HOH A O     1 
HETATM 1420 O O     . HOH D 3 .   ? 1.44862   -15.01414 7.35548   1.000 23.86000 ? 376 HOH A O     1 
HETATM 1421 O O     . HOH D 3 .   ? 5.24709   -9.49064  13.25252  1.000 21.87000 ? 377 HOH A O     1 
HETATM 1422 O O     . HOH D 3 .   ? -8.21232  -17.01764 9.95567   1.000 27.60000 ? 378 HOH A O     1 
HETATM 1423 O O     . HOH D 3 .   ? -0.15941  -2.69127  5.23017   1.000 15.51000 ? 379 HOH A O     1 
HETATM 1424 O O     . HOH D 3 .   ? 9.22328   -18.09785 -10.16042 1.000 38.07000 ? 380 HOH A O     1 
HETATM 1425 O O     . HOH D 3 .   ? 12.21945  13.65473  -8.99428  1.000 35.15000 ? 381 HOH A O     1 
HETATM 1426 O O     . HOH D 3 .   ? -8.97584  5.71235   -1.71385  1.000 26.67000 ? 382 HOH A O     1 
HETATM 1427 O O     . HOH D 3 .   ? -15.15261 -4.02596  4.40595   1.000 24.33000 ? 383 HOH A O     1 
HETATM 1428 O O     . HOH D 3 .   ? 6.78313   3.49105   -10.18245 1.000 31.02000 ? 384 HOH A O     1 
HETATM 1429 O O     . HOH D 3 .   ? 16.95320  -8.99366  0.56866   1.000 28.53000 ? 385 HOH A O     1 
HETATM 1430 O O     . HOH D 3 .   ? 12.41005  -2.68153  8.65973   1.000 30.05000 ? 386 HOH A O     1 
HETATM 1431 O O     . HOH D 3 .   ? 3.43192   -12.88428 -4.39536  1.000 25.15000 ? 387 HOH A O     1 
HETATM 1432 O O     . HOH D 3 .   ? 4.50359   -15.50073 2.67419   1.000 17.83000 ? 388 HOH A O     1 
HETATM 1433 O O     . HOH D 3 .   ? 15.48998  6.78263   1.08220   1.000 29.79000 ? 389 HOH A O     1 
HETATM 1434 O O     . HOH D 3 .   ? -9.69391  -4.98748  -15.63818 1.000 25.78000 ? 390 HOH A O     1 
HETATM 1435 O O     . HOH D 3 .   ? 14.38495  5.41323   3.03163   1.000 43.25000 ? 391 HOH A O     1 
HETATM 1436 O O     . HOH D 3 .   ? 5.99273   11.52272  -1.28081  1.000 24.96000 ? 392 HOH A O     1 
HETATM 1437 O O     . HOH D 3 .   ? 12.61013  0.37961   4.75940   1.000 27.60000 ? 393 HOH A O     1 
HETATM 1438 O O     . HOH D 3 .   ? 13.03467  -3.21693  -6.50266  1.000 33.62000 ? 394 HOH A O     1 
HETATM 1439 O O     . HOH D 3 .   ? 16.75726  4.11989   11.98144  1.000 49.22000 ? 395 HOH A O     1 
HETATM 1440 O O     . HOH D 3 .   ? -11.47757 7.74102   -3.59043  1.000 42.27000 ? 396 HOH A O     1 
HETATM 1441 O O     . HOH D 3 .   ? 8.80210   12.80554  0.12858   1.000 29.37000 ? 397 HOH A O     1 
HETATM 1442 O O     . HOH D 3 .   ? -3.43855  -3.58631  -7.85519  1.000 22.22000 ? 398 HOH A O     1 
HETATM 1443 O O     . HOH D 3 .   ? 17.68383  11.00346  -9.45507  1.000 36.75000 ? 399 HOH A O     1 
HETATM 1444 O O     . HOH D 3 .   ? -0.04445  14.77301  -3.65581  1.000 34.54000 ? 400 HOH A O     1 
HETATM 1445 O O     . HOH D 3 .   ? -6.85721  2.64925   -14.35129 1.000 32.61000 ? 401 HOH A O     1 
HETATM 1446 O O     . HOH D 3 .   ? -2.94457  -7.35584  -13.71108 1.000 28.77000 ? 402 HOH A O     1 
HETATM 1447 O O     . HOH D 3 .   ? -18.00007 -7.71625  -0.39587  1.000 35.87000 ? 403 HOH A O     1 
HETATM 1448 O O     . HOH D 3 .   ? 8.05331   -0.93528  15.22465  1.000 30.59000 ? 404 HOH A O     1 
HETATM 1449 O O     . HOH D 3 .   ? -3.41757  -17.29571 1.52700   1.000 30.47000 ? 405 HOH A O     1 
HETATM 1450 O O     . HOH D 3 .   ? -18.78414 -4.95079  -4.04694  1.000 30.03000 ? 406 HOH A O     1 
HETATM 1451 O O     . HOH D 3 .   ? 11.24198  3.01566   -11.82777 1.000 40.56000 ? 407 HOH A O     1 
HETATM 1452 O O     . HOH D 3 .   ? -12.56620 7.29318   4.99967   1.000 26.70000 ? 408 HOH A O     1 
HETATM 1453 O O     . HOH D 3 .   ? 10.20977  5.56774   12.18000  1.000 34.78000 ? 409 HOH A O     1 
HETATM 1454 O O     . HOH D 3 .   ? -15.03300 -3.36218  -5.42583  1.000 27.49000 ? 410 HOH A O     1 
HETATM 1455 O O     . HOH D 3 .   ? 13.80997  -8.81659  7.84008   1.000 25.71000 ? 411 HOH A O     1 
HETATM 1456 O O     . HOH D 3 .   ? 3.53586   -14.24848 4.98579   1.000 21.77000 ? 412 HOH A O     1 
HETATM 1457 O O     . HOH D 3 .   ? 4.98513   -7.39268  17.46395  1.000 41.10000 ? 413 HOH A O     1 
HETATM 1458 O O     . HOH D 3 .   ? 19.21393  -9.78478  -3.91189  1.000 37.44000 ? 414 HOH A O     1 
HETATM 1459 O O     . HOH D 3 .   ? -5.82075  -7.91032  16.34064  1.000 19.12000 ? 415 HOH A O     1 
HETATM 1460 O O     . HOH D 3 .   ? 4.01592   15.34706  -7.12231  1.000 34.64000 ? 416 HOH A O     1 
HETATM 1461 O O     . HOH D 3 .   ? -14.13572 3.13041   1.20125   1.000 39.17000 ? 417 HOH A O     1 
HETATM 1462 O O     . HOH D 3 .   ? 19.52013  -7.80493  -0.37878  1.000 37.59000 ? 418 HOH A O     1 
HETATM 1463 O O     . HOH D 3 .   ? 17.06352  0.20754   3.36484   1.000 38.44000 ? 419 HOH A O     1 
HETATM 1464 O O     . HOH D 3 .   ? 0.52632   -4.37048  -9.49355  1.000 34.47000 ? 420 HOH A O     1 
HETATM 1465 O O     . HOH D 3 .   ? -7.05637  13.00123  0.74941   1.000 39.42000 ? 421 HOH A O     1 
HETATM 1466 O O     . HOH D 3 .   ? 1.11449   -16.89143 -9.92507  1.000 33.16000 ? 422 HOH A O     1 
HETATM 1467 O O     . HOH D 3 .   ? -8.88172  -0.73427  27.03460  1.000 32.84000 ? 423 HOH A O     1 
HETATM 1468 O O     . HOH D 3 .   ? 5.05645   14.68376  -18.11844 1.000 44.03000 ? 424 HOH A O     1 
HETATM 1469 O O     . HOH D 3 .   ? 16.50237  7.32559   -1.45543  1.000 40.62000 ? 425 HOH A O     1 
HETATM 1470 O O     . HOH D 3 .   ? -0.91923  15.82141  -5.51401  1.000 42.06000 ? 426 HOH A O     1 
HETATM 1471 O O     . HOH D 3 .   ? -6.02117  2.50333   -17.00909 1.000 36.33000 ? 427 HOH A O     1 
HETATM 1472 O O     . HOH D 3 .   ? 1.89808   4.30102   18.29617  1.000 41.63000 ? 428 HOH A O     1 
HETATM 1473 O O     . HOH D 3 .   ? 2.77531   -18.81078 -10.00420 1.000 33.98000 ? 429 HOH A O     1 
HETATM 1474 O O     . HOH D 3 .   ? 4.81680   -19.44621 -8.31979  1.000 30.32000 ? 430 HOH A O     1 
HETATM 1475 O O     . HOH D 3 .   ? -18.05957 -1.24733  -8.34322  1.000 29.61000 ? 431 HOH A O     1 
HETATM 1476 O O     . HOH D 3 .   ? 10.36581  -9.96333  9.41839   1.000 29.05000 ? 432 HOH A O     1 
HETATM 1477 O O     . HOH D 3 .   ? -16.74838 -9.75978  2.67058   1.000 37.22000 ? 433 HOH A O     1 
HETATM 1478 O O     . HOH D 3 .   ? -15.94813 1.64176   -6.17184  1.000 31.79000 ? 434 HOH A O     1 
HETATM 1479 O O     . HOH D 3 .   ? -15.94172 0.73420   1.74770   1.000 40.35000 ? 435 HOH A O     1 
HETATM 1480 O O     . HOH D 3 .   ? 8.94181   5.80998   -23.31000 1.000 55.72000 ? 436 HOH A O     1 
HETATM 1481 O O     . HOH D 3 .   ? -13.20476 3.27558   -3.36987  1.000 34.49000 ? 437 HOH A O     1 
HETATM 1482 O O     . HOH D 3 .   ? -10.89946 5.33445   -3.33606  1.000 39.23000 ? 438 HOH A O     1 
HETATM 1483 O O     . HOH D 3 .   ? 8.55978   4.01293   -14.61723 1.000 45.09000 ? 439 HOH A O     1 
HETATM 1484 O O     . HOH D 3 .   ? -16.85651 -9.51545  4.97593   1.000 34.64000 ? 440 HOH A O     1 
HETATM 1485 O O     . HOH D 3 .   ? 10.92615  14.39964  -12.58678 1.000 44.17000 ? 441 HOH A O     1 
HETATM 1486 O O     . HOH D 3 .   ? -16.76813 -7.21118  1.85362   1.000 34.52000 ? 442 HOH A O     1 
HETATM 1487 O O     . HOH D 3 .   ? 2.45152   -16.77303 -13.88287 1.000 27.25000 ? 443 HOH A O     1 
HETATM 1488 O O     . HOH D 3 .   ? -19.47361 -16.84955 -1.25558  1.000 36.64000 ? 444 HOH A O     1 
HETATM 1489 O O     . HOH D 3 .   ? -16.60545 -2.52234  2.55821   1.000 30.91000 ? 445 HOH A O     1 
HETATM 1490 O O     . HOH D 3 .   ? -16.18044 -8.12427  8.58870   1.000 34.10000 ? 446 HOH A O     1 
HETATM 1491 O O     . HOH D 3 .   ? 4.30274   -11.66499 11.86639  1.000 29.35000 ? 447 HOH A O     1 
HETATM 1492 O O     . HOH D 3 .   ? 2.68258   -15.24443 11.58163  1.000 27.20000 ? 448 HOH A O     1 
HETATM 1493 O O     . HOH D 3 .   ? 9.14748   0.94486   16.32857  1.000 42.78000 ? 449 HOH A O     1 
HETATM 1494 O O     . HOH D 3 .   ? -14.45166 5.72564   11.62922  1.000 40.18000 ? 450 HOH A O     1 
HETATM 1495 O O     . HOH D 3 .   ? -17.88081 -5.36095  8.14592   1.000 42.02000 ? 451 HOH A O     1 
# 
loop_
_pdbx_poly_seq_scheme.asym_id 
_pdbx_poly_seq_scheme.entity_id 
_pdbx_poly_seq_scheme.seq_id 
_pdbx_poly_seq_scheme.mon_id 
_pdbx_poly_seq_scheme.ndb_seq_num 
_pdbx_poly_seq_scheme.pdb_seq_num 
_pdbx_poly_seq_scheme.auth_seq_num 
_pdbx_poly_seq_scheme.pdb_mon_id 
_pdbx_poly_seq_scheme.auth_mon_id 
_pdbx_poly_seq_scheme.pdb_strand_id 
_pdbx_poly_seq_scheme.pdb_ins_code 
_pdbx_poly_seq_scheme.hetero 
A 1 1   SER 1   0   0   SER SER A . n 
A 1 2   MET 2   1   1   MET MET A . n 
A 1 3   ILE 3   2   2   ILE ILE A . n 
A 1 4   ASP 4   3   3   ASP ASP A . n 
A 1 5   ASP 5   4   4   ASP ASP A . n 
A 1 6   ASP 6   5   5   ASP ASP A . n 
A 1 7   GLY 7   6   6   GLY GLY A . n 
A 1 8   TYR 8   7   7   TYR TYR A . n 
A 1 9   ARG 9   8   8   ARG ARG A . n 
A 1 10  PRO 10  9   9   PRO PRO A . n 
A 1 11  ASN 11  10  10  ASN ASN A . n 
A 1 12  VAL 12  11  11  VAL VAL A . n 
A 1 13  GLY 13  12  12  GLY GLY A . n 
A 1 14  ILE 14  13  13  ILE ILE A . n 
A 1 15  VAL 15  14  14  VAL VAL A . n 
A 1 16  ILE 16  15  15  ILE ILE A . n 
A 1 17  CYS 17  16  16  CYS CYS A . n 
A 1 18  ASN 18  17  17  ASN ASN A . n 
A 1 19  ARG 19  18  18  ARG ARG A . n 
A 1 20  GLN 20  19  19  GLN GLN A . n 
A 1 21  GLY 21  20  20  GLY GLY A . n 
A 1 22  GLN 22  21  21  GLN GLN A . n 
A 1 23  VAL 23  22  22  VAL VAL A . n 
A 1 24  MET 24  23  23  MET MET A . n 
A 1 25  TRP 25  24  24  TRP TRP A . n 
A 1 26  ALA 26  25  25  ALA ALA A . n 
A 1 27  ARG 27  26  26  ARG ARG A . n 
A 1 28  ARG 28  27  27  ARG ARG A . n 
A 1 29  PHE 29  28  28  PHE PHE A . n 
A 1 30  GLY 30  29  29  GLY GLY A . n 
A 1 31  GLN 31  30  30  GLN GLN A . n 
A 1 32  HIS 32  31  31  HIS HIS A . n 
A 1 33  SER 33  32  32  SER SER A . n 
A 1 34  TRP 34  33  33  TRP TRP A . n 
A 1 35  GLN 35  34  34  GLN GLN A . n 
A 1 36  PHE 36  35  35  PHE PHE A . n 
A 1 37  PRO 37  36  36  PRO PRO A . n 
A 1 38  GLN 38  37  37  GLN GLN A . n 
A 1 39  GLY 39  38  38  GLY GLY A . n 
A 1 40  GLY 40  39  39  GLY GLY A . n 
A 1 41  ILE 41  40  40  ILE ILE A . n 
A 1 42  ASN 42  41  41  ASN ASN A . n 
A 1 43  PRO 43  42  42  PRO PRO A . n 
A 1 44  GLY 44  43  43  GLY GLY A . n 
A 1 45  GLU 45  44  44  GLU GLU A . n 
A 1 46  SER 46  45  45  SER SER A . n 
A 1 47  ALA 47  46  46  ALA ALA A . n 
A 1 48  GLU 48  47  47  GLU GLU A . n 
A 1 49  GLN 49  48  48  GLN GLN A . n 
A 1 50  ALA 50  49  49  ALA ALA A . n 
A 1 51  MET 51  50  50  MET MET A . n 
A 1 52  TYR 52  51  51  TYR TYR A . n 
A 1 53  ARG 53  52  52  ARG ARG A . n 
A 1 54  GLU 54  53  53  GLU GLU A . n 
A 1 55  LEU 55  54  54  LEU LEU A . n 
A 1 56  PHE 56  55  55  PHE PHE A . n 
A 1 57  GLU 57  56  56  GLU GLU A . n 
A 1 58  GLU 58  57  57  GLU GLU A . n 
A 1 59  VAL 59  58  58  VAL VAL A . n 
A 1 60  GLY 60  59  59  GLY GLY A . n 
A 1 61  LEU 61  60  60  LEU LEU A . n 
A 1 62  SER 62  61  61  SER SER A . n 
A 1 63  ARG 63  62  62  ARG ARG A . n 
A 1 64  LYS 64  63  63  LYS LYS A . n 
A 1 65  ASP 65  64  64  ASP ASP A . n 
A 1 66  VAL 66  65  65  VAL VAL A . n 
A 1 67  ARG 67  66  66  ARG ARG A . n 
A 1 68  ILE 68  67  67  ILE ILE A . n 
A 1 69  LEU 69  68  68  LEU LEU A . n 
A 1 70  ALA 70  69  69  ALA ALA A . n 
A 1 71  SER 71  70  70  SER SER A . n 
A 1 72  THR 72  71  71  THR THR A . n 
A 1 73  ARG 73  72  72  ARG ARG A . n 
A 1 74  ASN 74  73  73  ASN ASN A . n 
A 1 75  TRP 75  74  74  TRP TRP A . n 
A 1 76  LEU 76  75  75  LEU LEU A . n 
A 1 77  ARG 77  76  76  ARG ARG A . n 
A 1 78  TYR 78  77  77  TYR TYR A . n 
A 1 79  LYS 79  78  78  LYS LYS A . n 
A 1 80  LEU 80  79  79  LEU LEU A . n 
A 1 81  PRO 81  80  80  PRO PRO A . n 
A 1 82  LYS 82  81  81  LYS LYS A . n 
A 1 83  ARG 83  82  82  ARG ARG A . n 
A 1 84  LEU 84  83  83  LEU LEU A . n 
A 1 85  VAL 85  84  84  VAL VAL A . n 
A 1 86  ARG 86  85  85  ARG ARG A . n 
A 1 87  TRP 87  86  86  TRP TRP A . n 
A 1 88  ASP 88  87  ?   ?   ?   A . n 
A 1 89  THR 89  88  ?   ?   ?   A . n 
A 1 90  LYS 90  89  ?   ?   ?   A . n 
A 1 91  PRO 91  90  90  PRO PRO A . n 
A 1 92  VAL 92  91  91  VAL VAL A . n 
A 1 93  CYS 93  92  92  CYS CYS A . n 
A 1 94  ILE 94  93  93  ILE ILE A . n 
A 1 95  GLY 95  94  94  GLY GLY A . n 
A 1 96  GLN 96  95  95  GLN GLN A . n 
A 1 97  LYS 97  96  96  LYS LYS A . n 
A 1 98  GLN 98  97  97  GLN GLN A . n 
A 1 99  LYS 99  98  98  LYS LYS A . n 
A 1 100 TRP 100 99  99  TRP TRP A . n 
A 1 101 PHE 101 100 100 PHE PHE A . n 
A 1 102 LEU 102 101 101 LEU LEU A . n 
A 1 103 LEU 103 102 102 LEU LEU A . n 
A 1 104 GLN 104 103 103 GLN GLN A . n 
A 1 105 LEU 105 104 104 LEU LEU A . n 
A 1 106 VAL 106 105 105 VAL VAL A . n 
A 1 107 SER 107 106 106 SER SER A . n 
A 1 108 GLY 108 107 107 GLY GLY A . n 
A 1 109 ASP 109 108 108 ASP ASP A . n 
A 1 110 ALA 110 109 109 ALA ALA A . n 
A 1 111 GLU 111 110 110 GLU GLU A . n 
A 1 112 ILE 112 111 111 ILE ILE A . n 
A 1 113 ASN 113 112 112 ASN ASN A . n 
A 1 114 MET 114 113 113 MET MET A . n 
A 1 115 GLN 115 114 114 GLN GLN A . n 
A 1 116 THR 116 115 115 THR THR A . n 
A 1 117 SER 117 116 116 SER SER A . n 
A 1 118 SER 118 117 117 SER SER A . n 
A 1 119 THR 119 118 118 THR THR A . n 
A 1 120 PRO 120 119 119 PRO PRO A . n 
A 1 121 GLU 121 120 120 GLU GLU A . n 
A 1 122 PHE 122 121 121 PHE PHE A . n 
A 1 123 ASP 123 122 122 ASP ASP A . n 
A 1 124 GLY 124 123 123 GLY GLY A . n 
A 1 125 TRP 125 124 124 TRP TRP A . n 
A 1 126 ARG 126 125 125 ARG ARG A . n 
A 1 127 TRP 127 126 126 TRP TRP A . n 
A 1 128 VAL 128 127 127 VAL VAL A . n 
A 1 129 SER 129 128 128 SER SER A . n 
A 1 130 TYR 130 129 129 TYR TYR A . n 
A 1 131 TRP 131 130 130 TRP TRP A . n 
A 1 132 TYR 132 131 131 TYR TYR A . n 
A 1 133 PRO 133 132 132 PRO PRO A . n 
A 1 134 VAL 134 133 133 VAL VAL A . n 
A 1 135 ARG 135 134 134 ARG ARG A . n 
A 1 136 GLN 136 135 135 GLN GLN A . n 
A 1 137 VAL 137 136 136 VAL VAL A . n 
A 1 138 VAL 138 137 137 VAL VAL A . n 
A 1 139 SER 139 138 138 SER SER A . n 
A 1 140 PHE 140 139 139 PHE PHE A . n 
A 1 141 LYS 141 140 140 LYS LYS A . n 
A 1 142 ARG 142 141 141 ARG ARG A . n 
A 1 143 ASP 143 142 142 ASP ASP A . n 
A 1 144 VAL 144 143 143 VAL VAL A . n 
A 1 145 TYR 145 144 144 TYR TYR A . n 
A 1 146 ARG 146 145 145 ARG ARG A . n 
A 1 147 ARG 147 146 146 ARG ARG A . n 
A 1 148 VAL 148 147 147 VAL VAL A . n 
A 1 149 MET 149 148 148 MET MET A . n 
A 1 150 LYS 150 149 149 LYS LYS A . n 
A 1 151 GLU 151 150 150 GLU GLU A . n 
A 1 152 PHE 152 151 151 PHE PHE A . n 
A 1 153 ALA 153 152 152 ALA ALA A . n 
A 1 154 SER 154 153 153 SER SER A . n 
A 1 155 VAL 155 154 154 VAL VAL A . n 
A 1 156 VAL 156 155 155 VAL VAL A . n 
A 1 157 MET 157 156 156 MET MET A . n 
A 1 158 SER 158 157 157 SER SER A . n 
A 1 159 LEU 159 158 158 LEU LEU A . n 
A 1 160 ALA 160 159 159 ALA ALA A . n 
A 1 161 ALA 161 160 160 ALA ALA A . n 
# 
loop_
_pdbx_nonpoly_scheme.asym_id 
_pdbx_nonpoly_scheme.entity_id 
_pdbx_nonpoly_scheme.mon_id 
_pdbx_nonpoly_scheme.ndb_seq_num 
_pdbx_nonpoly_scheme.pdb_seq_num 
_pdbx_nonpoly_scheme.auth_seq_num 
_pdbx_nonpoly_scheme.pdb_mon_id 
_pdbx_nonpoly_scheme.auth_mon_id 
_pdbx_nonpoly_scheme.pdb_strand_id 
_pdbx_nonpoly_scheme.pdb_ins_code 
B 2 UTP 1   201 1   UTP UTP A . 
C 2 UTP 1   202 2   UTP UTP A . 
D 3 HOH 1   301 115 HOH HOH A . 
D 3 HOH 2   302 92  HOH HOH A . 
D 3 HOH 3   303 81  HOH HOH A . 
D 3 HOH 4   304 78  HOH HOH A . 
D 3 HOH 5   305 16  HOH HOH A . 
D 3 HOH 6   306 122 HOH HOH A . 
D 3 HOH 7   307 42  HOH HOH A . 
D 3 HOH 8   308 9   HOH HOH A . 
D 3 HOH 9   309 114 HOH HOH A . 
D 3 HOH 10  310 50  HOH HOH A . 
D 3 HOH 11  311 32  HOH HOH A . 
D 3 HOH 12  312 131 HOH HOH A . 
D 3 HOH 13  313 26  HOH HOH A . 
D 3 HOH 14  314 3   HOH HOH A . 
D 3 HOH 15  315 83  HOH HOH A . 
D 3 HOH 16  316 84  HOH HOH A . 
D 3 HOH 17  317 66  HOH HOH A . 
D 3 HOH 18  318 36  HOH HOH A . 
D 3 HOH 19  319 116 HOH HOH A . 
D 3 HOH 20  320 31  HOH HOH A . 
D 3 HOH 21  321 73  HOH HOH A . 
D 3 HOH 22  322 90  HOH HOH A . 
D 3 HOH 23  323 118 HOH HOH A . 
D 3 HOH 24  324 68  HOH HOH A . 
D 3 HOH 25  325 45  HOH HOH A . 
D 3 HOH 26  326 23  HOH HOH A . 
D 3 HOH 27  327 93  HOH HOH A . 
D 3 HOH 28  328 39  HOH HOH A . 
D 3 HOH 29  329 97  HOH HOH A . 
D 3 HOH 30  330 80  HOH HOH A . 
D 3 HOH 31  331 52  HOH HOH A . 
D 3 HOH 32  332 11  HOH HOH A . 
D 3 HOH 33  333 121 HOH HOH A . 
D 3 HOH 34  334 64  HOH HOH A . 
D 3 HOH 35  335 17  HOH HOH A . 
D 3 HOH 36  336 4   HOH HOH A . 
D 3 HOH 37  337 54  HOH HOH A . 
D 3 HOH 38  338 58  HOH HOH A . 
D 3 HOH 39  339 8   HOH HOH A . 
D 3 HOH 40  340 59  HOH HOH A . 
D 3 HOH 41  341 22  HOH HOH A . 
D 3 HOH 42  342 61  HOH HOH A . 
D 3 HOH 43  343 18  HOH HOH A . 
D 3 HOH 44  344 34  HOH HOH A . 
D 3 HOH 45  345 28  HOH HOH A . 
D 3 HOH 46  346 166 HOH HOH A . 
D 3 HOH 47  347 170 HOH HOH A . 
D 3 HOH 48  348 15  HOH HOH A . 
D 3 HOH 49  349 43  HOH HOH A . 
D 3 HOH 50  350 72  HOH HOH A . 
D 3 HOH 51  351 21  HOH HOH A . 
D 3 HOH 52  352 49  HOH HOH A . 
D 3 HOH 53  353 86  HOH HOH A . 
D 3 HOH 54  354 47  HOH HOH A . 
D 3 HOH 55  355 117 HOH HOH A . 
D 3 HOH 56  356 7   HOH HOH A . 
D 3 HOH 57  357 100 HOH HOH A . 
D 3 HOH 58  358 76  HOH HOH A . 
D 3 HOH 59  359 132 HOH HOH A . 
D 3 HOH 60  360 130 HOH HOH A . 
D 3 HOH 61  361 37  HOH HOH A . 
D 3 HOH 62  362 5   HOH HOH A . 
D 3 HOH 63  363 20  HOH HOH A . 
D 3 HOH 64  364 158 HOH HOH A . 
D 3 HOH 65  365 24  HOH HOH A . 
D 3 HOH 66  366 89  HOH HOH A . 
D 3 HOH 67  367 125 HOH HOH A . 
D 3 HOH 68  368 19  HOH HOH A . 
D 3 HOH 69  369 71  HOH HOH A . 
D 3 HOH 70  370 146 HOH HOH A . 
D 3 HOH 71  371 35  HOH HOH A . 
D 3 HOH 72  372 12  HOH HOH A . 
D 3 HOH 73  373 57  HOH HOH A . 
D 3 HOH 74  374 2   HOH HOH A . 
D 3 HOH 75  375 142 HOH HOH A . 
D 3 HOH 76  376 27  HOH HOH A . 
D 3 HOH 77  377 13  HOH HOH A . 
D 3 HOH 78  378 25  HOH HOH A . 
D 3 HOH 79  379 6   HOH HOH A . 
D 3 HOH 80  380 88  HOH HOH A . 
D 3 HOH 81  381 103 HOH HOH A . 
D 3 HOH 82  382 56  HOH HOH A . 
D 3 HOH 83  383 46  HOH HOH A . 
D 3 HOH 84  384 94  HOH HOH A . 
D 3 HOH 85  385 30  HOH HOH A . 
D 3 HOH 86  386 82  HOH HOH A . 
D 3 HOH 87  387 44  HOH HOH A . 
D 3 HOH 88  388 10  HOH HOH A . 
D 3 HOH 89  389 55  HOH HOH A . 
D 3 HOH 90  390 63  HOH HOH A . 
D 3 HOH 91  391 119 HOH HOH A . 
D 3 HOH 92  392 14  HOH HOH A . 
D 3 HOH 93  393 67  HOH HOH A . 
D 3 HOH 94  394 111 HOH HOH A . 
D 3 HOH 95  395 139 HOH HOH A . 
D 3 HOH 96  396 163 HOH HOH A . 
D 3 HOH 97  397 29  HOH HOH A . 
D 3 HOH 98  398 33  HOH HOH A . 
D 3 HOH 99  399 51  HOH HOH A . 
D 3 HOH 100 400 155 HOH HOH A . 
D 3 HOH 101 401 87  HOH HOH A . 
D 3 HOH 102 402 48  HOH HOH A . 
D 3 HOH 103 403 159 HOH HOH A . 
D 3 HOH 104 404 154 HOH HOH A . 
D 3 HOH 105 405 85  HOH HOH A . 
D 3 HOH 106 406 62  HOH HOH A . 
D 3 HOH 107 407 126 HOH HOH A . 
D 3 HOH 108 408 60  HOH HOH A . 
D 3 HOH 109 409 162 HOH HOH A . 
D 3 HOH 110 410 74  HOH HOH A . 
D 3 HOH 111 411 70  HOH HOH A . 
D 3 HOH 112 412 53  HOH HOH A . 
D 3 HOH 113 413 124 HOH HOH A . 
D 3 HOH 114 414 79  HOH HOH A . 
D 3 HOH 115 415 1   HOH HOH A . 
D 3 HOH 116 416 149 HOH HOH A . 
D 3 HOH 117 417 157 HOH HOH A . 
D 3 HOH 118 418 105 HOH HOH A . 
D 3 HOH 119 419 161 HOH HOH A . 
D 3 HOH 120 420 106 HOH HOH A . 
D 3 HOH 121 421 172 HOH HOH A . 
D 3 HOH 122 422 134 HOH HOH A . 
D 3 HOH 123 423 75  HOH HOH A . 
D 3 HOH 124 424 133 HOH HOH A . 
D 3 HOH 125 425 136 HOH HOH A . 
D 3 HOH 126 426 151 HOH HOH A . 
D 3 HOH 127 427 69  HOH HOH A . 
D 3 HOH 128 428 153 HOH HOH A . 
D 3 HOH 129 429 156 HOH HOH A . 
D 3 HOH 130 430 65  HOH HOH A . 
D 3 HOH 131 431 171 HOH HOH A . 
D 3 HOH 132 432 129 HOH HOH A . 
D 3 HOH 133 433 104 HOH HOH A . 
D 3 HOH 134 434 41  HOH HOH A . 
D 3 HOH 135 435 123 HOH HOH A . 
D 3 HOH 136 436 147 HOH HOH A . 
D 3 HOH 137 437 110 HOH HOH A . 
D 3 HOH 138 438 144 HOH HOH A . 
D 3 HOH 139 439 127 HOH HOH A . 
D 3 HOH 140 440 109 HOH HOH A . 
D 3 HOH 141 441 91  HOH HOH A . 
D 3 HOH 142 442 99  HOH HOH A . 
D 3 HOH 143 443 38  HOH HOH A . 
D 3 HOH 144 444 107 HOH HOH A . 
D 3 HOH 145 445 98  HOH HOH A . 
D 3 HOH 146 446 120 HOH HOH A . 
D 3 HOH 147 447 138 HOH HOH A . 
D 3 HOH 148 448 40  HOH HOH A . 
D 3 HOH 149 449 164 HOH HOH A . 
D 3 HOH 150 450 160 HOH HOH A . 
D 3 HOH 151 451 145 HOH HOH A . 
# 
_pdbx_struct_assembly.id                   1 
_pdbx_struct_assembly.details              author_and_software_defined_assembly 
_pdbx_struct_assembly.method_details       PISA 
_pdbx_struct_assembly.oligomeric_details   monomeric 
_pdbx_struct_assembly.oligomeric_count     1 
# 
_pdbx_struct_assembly_gen.assembly_id       1 
_pdbx_struct_assembly_gen.oper_expression   1 
_pdbx_struct_assembly_gen.asym_id_list      A,B,C,D 
# 
_pdbx_struct_oper_list.id                   1 
_pdbx_struct_oper_list.type                 'identity operation' 
_pdbx_struct_oper_list.name                 1_555 
_pdbx_struct_oper_list.symmetry_operation   x,y,z 
_pdbx_struct_oper_list.matrix[1][1]         1.0000000000 
_pdbx_struct_oper_list.matrix[1][2]         0.0000000000 
_pdbx_struct_oper_list.matrix[1][3]         0.0000000000 
_pdbx_struct_oper_list.vector[1]            0.0000000000 
_pdbx_struct_oper_list.matrix[2][1]         0.0000000000 
_pdbx_struct_oper_list.matrix[2][2]         1.0000000000 
_pdbx_struct_oper_list.matrix[2][3]         0.0000000000 
_pdbx_struct_oper_list.vector[2]            0.0000000000 
_pdbx_struct_oper_list.matrix[3][1]         0.0000000000 
_pdbx_struct_oper_list.matrix[3][2]         0.0000000000 
_pdbx_struct_oper_list.matrix[3][3]         1.0000000000 
_pdbx_struct_oper_list.vector[3]            0.0000000000 
# 
loop_
_pdbx_audit_revision_history.ordinal 
_pdbx_audit_revision_history.data_content_type 
_pdbx_audit_revision_history.major_revision 
_pdbx_audit_revision_history.minor_revision 
_pdbx_audit_revision_history.revision_date 
1 'Structure model' 1 0 2020-02-05 
2 'Structure model' 1 1 2020-04-22 
3 'Structure model' 1 2 2023-10-11 
# 
_pdbx_audit_revision_details.ordinal             1 
_pdbx_audit_revision_details.revision_ordinal    1 
_pdbx_audit_revision_details.data_content_type   'Structure model' 
_pdbx_audit_revision_details.provider            repository 
_pdbx_audit_revision_details.type                'Initial release' 
_pdbx_audit_revision_details.description         ? 
_pdbx_audit_revision_details.details             ? 
# 
loop_
_pdbx_audit_revision_group.ordinal 
_pdbx_audit_revision_group.revision_ordinal 
_pdbx_audit_revision_group.data_content_type 
_pdbx_audit_revision_group.group 
1 2 'Structure model' 'Database references'    
2 3 'Structure model' 'Data collection'        
3 3 'Structure model' 'Database references'    
4 3 'Structure model' 'Refinement description' 
# 
loop_
_pdbx_audit_revision_category.ordinal 
_pdbx_audit_revision_category.revision_ordinal 
_pdbx_audit_revision_category.data_content_type 
_pdbx_audit_revision_category.category 
1 2 'Structure model' citation                      
2 3 'Structure model' chem_comp_atom                
3 3 'Structure model' chem_comp_bond                
4 3 'Structure model' database_2                    
5 3 'Structure model' pdbx_initial_refinement_model 
# 
loop_
_pdbx_audit_revision_item.ordinal 
_pdbx_audit_revision_item.revision_ordinal 
_pdbx_audit_revision_item.data_content_type 
_pdbx_audit_revision_item.item 
1 2 'Structure model' '_citation.journal_volume'            
2 2 'Structure model' '_citation.page_first'                
3 2 'Structure model' '_citation.page_last'                 
4 3 'Structure model' '_database_2.pdbx_DOI'                
5 3 'Structure model' '_database_2.pdbx_database_accession' 
# 
loop_
_space_group_symop.id 
_space_group_symop.operation_xyz 
1 x,y,z           
2 -x,y,-z         
3 x+1/2,y+1/2,z   
4 -x+1/2,y+1/2,-z 
# 
loop_
_software.citation_id 
_software.classification 
_software.compiler_name 
_software.compiler_version 
_software.contact_author 
_software.contact_author_email 
_software.date 
_software.description 
_software.dependencies 
_software.hardware 
_software.language 
_software.location 
_software.mods 
_software.name 
_software.os 
_software.os_version 
_software.type 
_software.version 
_software.pdbx_ordinal 
? refinement       ? ? ? ? ? ? ? ? ? ? ? PHENIX ? ? ? 1.16_3546 1 
? 'data reduction' ? ? ? ? ? ? ? ? ? ? ? XDS    ? ? ? .         2 
? 'data scaling'   ? ? ? ? ? ? ? ? ? ? ? XDS    ? ? ? .         3 
? 'model building' ? ? ? ? ? ? ? ? ? ? ? Coot   ? ? ? .         4 
? phasing          ? ? ? ? ? ? ? ? ? ? ? PHENIX ? ? ? .         5 
# 
_pdbx_entry_details.entry_id                 6VCP 
_pdbx_entry_details.has_ligand_of_interest   Y 
_pdbx_entry_details.compound_details         ? 
_pdbx_entry_details.source_details           ? 
_pdbx_entry_details.nonpolymer_details       ? 
_pdbx_entry_details.sequence_details         ? 
# 
_pdbx_validate_torsion.id              1 
_pdbx_validate_torsion.PDB_model_num   1 
_pdbx_validate_torsion.auth_comp_id    ASN 
_pdbx_validate_torsion.auth_asym_id    A 
_pdbx_validate_torsion.auth_seq_id     17 
_pdbx_validate_torsion.PDB_ins_code    ? 
_pdbx_validate_torsion.label_alt_id    ? 
_pdbx_validate_torsion.phi             -113.17 
_pdbx_validate_torsion.psi             -165.34 
# 
loop_
_pdbx_unobs_or_zero_occ_atoms.id 
_pdbx_unobs_or_zero_occ_atoms.PDB_model_num 
_pdbx_unobs_or_zero_occ_atoms.polymer_flag 
_pdbx_unobs_or_zero_occ_atoms.occupancy_flag 
_pdbx_unobs_or_zero_occ_atoms.auth_asym_id 
_pdbx_unobs_or_zero_occ_atoms.auth_comp_id 
_pdbx_unobs_or_zero_occ_atoms.auth_seq_id 
_pdbx_unobs_or_zero_occ_atoms.PDB_ins_code 
_pdbx_unobs_or_zero_occ_atoms.auth_atom_id 
_pdbx_unobs_or_zero_occ_atoms.label_alt_id 
_pdbx_unobs_or_zero_occ_atoms.label_asym_id 
_pdbx_unobs_or_zero_occ_atoms.label_comp_id 
_pdbx_unobs_or_zero_occ_atoms.label_seq_id 
_pdbx_unobs_or_zero_occ_atoms.label_atom_id 
1  1 Y 1 A ARG 72  ? CG  ? A ARG 73  CG  
2  1 Y 1 A ARG 72  ? CD  ? A ARG 73  CD  
3  1 Y 1 A ARG 72  ? NE  ? A ARG 73  NE  
4  1 Y 1 A ARG 72  ? CZ  ? A ARG 73  CZ  
5  1 Y 1 A ARG 72  ? NH1 ? A ARG 73  NH1 
6  1 Y 1 A ARG 72  ? NH2 ? A ARG 73  NH2 
7  1 Y 1 A LYS 81  ? CD  ? A LYS 82  CD  
8  1 Y 1 A LYS 81  ? CE  ? A LYS 82  CE  
9  1 Y 1 A LYS 81  ? NZ  ? A LYS 82  NZ  
10 1 Y 1 A ARG 82  ? CD  ? A ARG 83  CD  
11 1 Y 1 A ARG 82  ? NE  ? A ARG 83  NE  
12 1 Y 1 A ARG 82  ? CZ  ? A ARG 83  CZ  
13 1 Y 1 A ARG 82  ? NH1 ? A ARG 83  NH1 
14 1 Y 1 A ARG 82  ? NH2 ? A ARG 83  NH2 
15 1 Y 1 A ARG 85  ? CG  ? A ARG 86  CG  
16 1 Y 1 A ARG 85  ? CD  ? A ARG 86  CD  
17 1 Y 1 A ARG 85  ? NE  ? A ARG 86  NE  
18 1 Y 1 A ARG 85  ? CZ  ? A ARG 86  CZ  
19 1 Y 1 A ARG 85  ? NH1 ? A ARG 86  NH1 
20 1 Y 1 A ARG 85  ? NH2 ? A ARG 86  NH2 
21 1 Y 1 A ARG 134 ? CD  ? A ARG 135 CD  
22 1 Y 1 A ARG 134 ? NE  ? A ARG 135 NE  
23 1 Y 1 A ARG 134 ? CZ  ? A ARG 135 CZ  
24 1 Y 1 A ARG 134 ? NH1 ? A ARG 135 NH1 
25 1 Y 1 A ARG 134 ? NH2 ? A ARG 135 NH2 
# 
loop_
_pdbx_unobs_or_zero_occ_residues.id 
_pdbx_unobs_or_zero_occ_residues.PDB_model_num 
_pdbx_unobs_or_zero_occ_residues.polymer_flag 
_pdbx_unobs_or_zero_occ_residues.occupancy_flag 
_pdbx_unobs_or_zero_occ_residues.auth_asym_id 
_pdbx_unobs_or_zero_occ_residues.auth_comp_id 
_pdbx_unobs_or_zero_occ_residues.auth_seq_id 
_pdbx_unobs_or_zero_occ_residues.PDB_ins_code 
_pdbx_unobs_or_zero_occ_residues.label_asym_id 
_pdbx_unobs_or_zero_occ_residues.label_comp_id 
_pdbx_unobs_or_zero_occ_residues.label_seq_id 
1 1 Y 1 A ASP 87 ? A ASP 88 
2 1 Y 1 A THR 88 ? A THR 89 
3 1 Y 1 A LYS 89 ? A LYS 90 
# 
loop_
_chem_comp_atom.comp_id 
_chem_comp_atom.atom_id 
_chem_comp_atom.type_symbol 
_chem_comp_atom.pdbx_aromatic_flag 
_chem_comp_atom.pdbx_stereo_config 
_chem_comp_atom.pdbx_ordinal 
ALA N      N N N 1   
ALA CA     C N S 2   
ALA C      C N N 3   
ALA O      O N N 4   
ALA CB     C N N 5   
ALA OXT    O N N 6   
ALA H      H N N 7   
ALA H2     H N N 8   
ALA HA     H N N 9   
ALA HB1    H N N 10  
ALA HB2    H N N 11  
ALA HB3    H N N 12  
ALA HXT    H N N 13  
ARG N      N N N 14  
ARG CA     C N S 15  
ARG C      C N N 16  
ARG O      O N N 17  
ARG CB     C N N 18  
ARG CG     C N N 19  
ARG CD     C N N 20  
ARG NE     N N N 21  
ARG CZ     C N N 22  
ARG NH1    N N N 23  
ARG NH2    N N N 24  
ARG OXT    O N N 25  
ARG H      H N N 26  
ARG H2     H N N 27  
ARG HA     H N N 28  
ARG HB2    H N N 29  
ARG HB3    H N N 30  
ARG HG2    H N N 31  
ARG HG3    H N N 32  
ARG HD2    H N N 33  
ARG HD3    H N N 34  
ARG HE     H N N 35  
ARG HH11   H N N 36  
ARG HH12   H N N 37  
ARG HH21   H N N 38  
ARG HH22   H N N 39  
ARG HXT    H N N 40  
ASN N      N N N 41  
ASN CA     C N S 42  
ASN C      C N N 43  
ASN O      O N N 44  
ASN CB     C N N 45  
ASN CG     C N N 46  
ASN OD1    O N N 47  
ASN ND2    N N N 48  
ASN OXT    O N N 49  
ASN H      H N N 50  
ASN H2     H N N 51  
ASN HA     H N N 52  
ASN HB2    H N N 53  
ASN HB3    H N N 54  
ASN HD21   H N N 55  
ASN HD22   H N N 56  
ASN HXT    H N N 57  
ASP N      N N N 58  
ASP CA     C N S 59  
ASP C      C N N 60  
ASP O      O N N 61  
ASP CB     C N N 62  
ASP CG     C N N 63  
ASP OD1    O N N 64  
ASP OD2    O N N 65  
ASP OXT    O N N 66  
ASP H      H N N 67  
ASP H2     H N N 68  
ASP HA     H N N 69  
ASP HB2    H N N 70  
ASP HB3    H N N 71  
ASP HD2    H N N 72  
ASP HXT    H N N 73  
CYS N      N N N 74  
CYS CA     C N R 75  
CYS C      C N N 76  
CYS O      O N N 77  
CYS CB     C N N 78  
CYS SG     S N N 79  
CYS OXT    O N N 80  
CYS H      H N N 81  
CYS H2     H N N 82  
CYS HA     H N N 83  
CYS HB2    H N N 84  
CYS HB3    H N N 85  
CYS HG     H N N 86  
CYS HXT    H N N 87  
GLN N      N N N 88  
GLN CA     C N S 89  
GLN C      C N N 90  
GLN O      O N N 91  
GLN CB     C N N 92  
GLN CG     C N N 93  
GLN CD     C N N 94  
GLN OE1    O N N 95  
GLN NE2    N N N 96  
GLN OXT    O N N 97  
GLN H      H N N 98  
GLN H2     H N N 99  
GLN HA     H N N 100 
GLN HB2    H N N 101 
GLN HB3    H N N 102 
GLN HG2    H N N 103 
GLN HG3    H N N 104 
GLN HE21   H N N 105 
GLN HE22   H N N 106 
GLN HXT    H N N 107 
GLU N      N N N 108 
GLU CA     C N S 109 
GLU C      C N N 110 
GLU O      O N N 111 
GLU CB     C N N 112 
GLU CG     C N N 113 
GLU CD     C N N 114 
GLU OE1    O N N 115 
GLU OE2    O N N 116 
GLU OXT    O N N 117 
GLU H      H N N 118 
GLU H2     H N N 119 
GLU HA     H N N 120 
GLU HB2    H N N 121 
GLU HB3    H N N 122 
GLU HG2    H N N 123 
GLU HG3    H N N 124 
GLU HE2    H N N 125 
GLU HXT    H N N 126 
GLY N      N N N 127 
GLY CA     C N N 128 
GLY C      C N N 129 
GLY O      O N N 130 
GLY OXT    O N N 131 
GLY H      H N N 132 
GLY H2     H N N 133 
GLY HA2    H N N 134 
GLY HA3    H N N 135 
GLY HXT    H N N 136 
HIS N      N N N 137 
HIS CA     C N S 138 
HIS C      C N N 139 
HIS O      O N N 140 
HIS CB     C N N 141 
HIS CG     C Y N 142 
HIS ND1    N Y N 143 
HIS CD2    C Y N 144 
HIS CE1    C Y N 145 
HIS NE2    N Y N 146 
HIS OXT    O N N 147 
HIS H      H N N 148 
HIS H2     H N N 149 
HIS HA     H N N 150 
HIS HB2    H N N 151 
HIS HB3    H N N 152 
HIS HD1    H N N 153 
HIS HD2    H N N 154 
HIS HE1    H N N 155 
HIS HE2    H N N 156 
HIS HXT    H N N 157 
HOH O      O N N 158 
HOH H1     H N N 159 
HOH H2     H N N 160 
ILE N      N N N 161 
ILE CA     C N S 162 
ILE C      C N N 163 
ILE O      O N N 164 
ILE CB     C N S 165 
ILE CG1    C N N 166 
ILE CG2    C N N 167 
ILE CD1    C N N 168 
ILE OXT    O N N 169 
ILE H      H N N 170 
ILE H2     H N N 171 
ILE HA     H N N 172 
ILE HB     H N N 173 
ILE HG12   H N N 174 
ILE HG13   H N N 175 
ILE HG21   H N N 176 
ILE HG22   H N N 177 
ILE HG23   H N N 178 
ILE HD11   H N N 179 
ILE HD12   H N N 180 
ILE HD13   H N N 181 
ILE HXT    H N N 182 
LEU N      N N N 183 
LEU CA     C N S 184 
LEU C      C N N 185 
LEU O      O N N 186 
LEU CB     C N N 187 
LEU CG     C N N 188 
LEU CD1    C N N 189 
LEU CD2    C N N 190 
LEU OXT    O N N 191 
LEU H      H N N 192 
LEU H2     H N N 193 
LEU HA     H N N 194 
LEU HB2    H N N 195 
LEU HB3    H N N 196 
LEU HG     H N N 197 
LEU HD11   H N N 198 
LEU HD12   H N N 199 
LEU HD13   H N N 200 
LEU HD21   H N N 201 
LEU HD22   H N N 202 
LEU HD23   H N N 203 
LEU HXT    H N N 204 
LYS N      N N N 205 
LYS CA     C N S 206 
LYS C      C N N 207 
LYS O      O N N 208 
LYS CB     C N N 209 
LYS CG     C N N 210 
LYS CD     C N N 211 
LYS CE     C N N 212 
LYS NZ     N N N 213 
LYS OXT    O N N 214 
LYS H      H N N 215 
LYS H2     H N N 216 
LYS HA     H N N 217 
LYS HB2    H N N 218 
LYS HB3    H N N 219 
LYS HG2    H N N 220 
LYS HG3    H N N 221 
LYS HD2    H N N 222 
LYS HD3    H N N 223 
LYS HE2    H N N 224 
LYS HE3    H N N 225 
LYS HZ1    H N N 226 
LYS HZ2    H N N 227 
LYS HZ3    H N N 228 
LYS HXT    H N N 229 
MET N      N N N 230 
MET CA     C N S 231 
MET C      C N N 232 
MET O      O N N 233 
MET CB     C N N 234 
MET CG     C N N 235 
MET SD     S N N 236 
MET CE     C N N 237 
MET OXT    O N N 238 
MET H      H N N 239 
MET H2     H N N 240 
MET HA     H N N 241 
MET HB2    H N N 242 
MET HB3    H N N 243 
MET HG2    H N N 244 
MET HG3    H N N 245 
MET HE1    H N N 246 
MET HE2    H N N 247 
MET HE3    H N N 248 
MET HXT    H N N 249 
PHE N      N N N 250 
PHE CA     C N S 251 
PHE C      C N N 252 
PHE O      O N N 253 
PHE CB     C N N 254 
PHE CG     C Y N 255 
PHE CD1    C Y N 256 
PHE CD2    C Y N 257 
PHE CE1    C Y N 258 
PHE CE2    C Y N 259 
PHE CZ     C Y N 260 
PHE OXT    O N N 261 
PHE H      H N N 262 
PHE H2     H N N 263 
PHE HA     H N N 264 
PHE HB2    H N N 265 
PHE HB3    H N N 266 
PHE HD1    H N N 267 
PHE HD2    H N N 268 
PHE HE1    H N N 269 
PHE HE2    H N N 270 
PHE HZ     H N N 271 
PHE HXT    H N N 272 
PRO N      N N N 273 
PRO CA     C N S 274 
PRO C      C N N 275 
PRO O      O N N 276 
PRO CB     C N N 277 
PRO CG     C N N 278 
PRO CD     C N N 279 
PRO OXT    O N N 280 
PRO H      H N N 281 
PRO HA     H N N 282 
PRO HB2    H N N 283 
PRO HB3    H N N 284 
PRO HG2    H N N 285 
PRO HG3    H N N 286 
PRO HD2    H N N 287 
PRO HD3    H N N 288 
PRO HXT    H N N 289 
SER N      N N N 290 
SER CA     C N S 291 
SER C      C N N 292 
SER O      O N N 293 
SER CB     C N N 294 
SER OG     O N N 295 
SER OXT    O N N 296 
SER H      H N N 297 
SER H2     H N N 298 
SER HA     H N N 299 
SER HB2    H N N 300 
SER HB3    H N N 301 
SER HG     H N N 302 
SER HXT    H N N 303 
THR N      N N N 304 
THR CA     C N S 305 
THR C      C N N 306 
THR O      O N N 307 
THR CB     C N R 308 
THR OG1    O N N 309 
THR CG2    C N N 310 
THR OXT    O N N 311 
THR H      H N N 312 
THR H2     H N N 313 
THR HA     H N N 314 
THR HB     H N N 315 
THR HG1    H N N 316 
THR HG21   H N N 317 
THR HG22   H N N 318 
THR HG23   H N N 319 
THR HXT    H N N 320 
TRP N      N N N 321 
TRP CA     C N S 322 
TRP C      C N N 323 
TRP O      O N N 324 
TRP CB     C N N 325 
TRP CG     C Y N 326 
TRP CD1    C Y N 327 
TRP CD2    C Y N 328 
TRP NE1    N Y N 329 
TRP CE2    C Y N 330 
TRP CE3    C Y N 331 
TRP CZ2    C Y N 332 
TRP CZ3    C Y N 333 
TRP CH2    C Y N 334 
TRP OXT    O N N 335 
TRP H      H N N 336 
TRP H2     H N N 337 
TRP HA     H N N 338 
TRP HB2    H N N 339 
TRP HB3    H N N 340 
TRP HD1    H N N 341 
TRP HE1    H N N 342 
TRP HE3    H N N 343 
TRP HZ2    H N N 344 
TRP HZ3    H N N 345 
TRP HH2    H N N 346 
TRP HXT    H N N 347 
TYR N      N N N 348 
TYR CA     C N S 349 
TYR C      C N N 350 
TYR O      O N N 351 
TYR CB     C N N 352 
TYR CG     C Y N 353 
TYR CD1    C Y N 354 
TYR CD2    C Y N 355 
TYR CE1    C Y N 356 
TYR CE2    C Y N 357 
TYR CZ     C Y N 358 
TYR OH     O N N 359 
TYR OXT    O N N 360 
TYR H      H N N 361 
TYR H2     H N N 362 
TYR HA     H N N 363 
TYR HB2    H N N 364 
TYR HB3    H N N 365 
TYR HD1    H N N 366 
TYR HD2    H N N 367 
TYR HE1    H N N 368 
TYR HE2    H N N 369 
TYR HH     H N N 370 
TYR HXT    H N N 371 
UTP PA     P N R 372 
UTP O1A    O N N 373 
UTP O2A    O N N 374 
UTP O3A    O N N 375 
UTP "O5'"  O N N 376 
UTP PB     P N S 377 
UTP O1B    O N N 378 
UTP O2B    O N N 379 
UTP O3B    O N N 380 
UTP PG     P N N 381 
UTP O1G    O N N 382 
UTP O2G    O N N 383 
UTP O3G    O N N 384 
UTP "C5'"  C N N 385 
UTP "C4'"  C N R 386 
UTP "O4'"  O N N 387 
UTP "C1'"  C N R 388 
UTP "C2'"  C N R 389 
UTP "O2'"  O N N 390 
UTP "C3'"  C N S 391 
UTP "O3'"  O N N 392 
UTP N1     N Y N 393 
UTP C6     C Y N 394 
UTP C2     C Y N 395 
UTP O2     O N N 396 
UTP N3     N Y N 397 
UTP C4     C Y N 398 
UTP O4     O N N 399 
UTP C5     C Y N 400 
UTP H2A    H N N 401 
UTP H1B    H N N 402 
UTP H1G    H N N 403 
UTP H3G    H N N 404 
UTP "H5'1" H N N 405 
UTP "H5'2" H N N 406 
UTP "H4'"  H N N 407 
UTP "H1'"  H N N 408 
UTP "H2'"  H N N 409 
UTP HA     H N N 410 
UTP "H3'"  H N N 411 
UTP HB     H N N 412 
UTP H6     H N N 413 
UTP H3     H N N 414 
UTP H5     H N N 415 
VAL N      N N N 416 
VAL CA     C N S 417 
VAL C      C N N 418 
VAL O      O N N 419 
VAL CB     C N N 420 
VAL CG1    C N N 421 
VAL CG2    C N N 422 
VAL OXT    O N N 423 
VAL H      H N N 424 
VAL H2     H N N 425 
VAL HA     H N N 426 
VAL HB     H N N 427 
VAL HG11   H N N 428 
VAL HG12   H N N 429 
VAL HG13   H N N 430 
VAL HG21   H N N 431 
VAL HG22   H N N 432 
VAL HG23   H N N 433 
VAL HXT    H N N 434 
# 
loop_
_chem_comp_bond.comp_id 
_chem_comp_bond.atom_id_1 
_chem_comp_bond.atom_id_2 
_chem_comp_bond.value_order 
_chem_comp_bond.pdbx_aromatic_flag 
_chem_comp_bond.pdbx_stereo_config 
_chem_comp_bond.pdbx_ordinal 
ALA N     CA     sing N N 1   
ALA N     H      sing N N 2   
ALA N     H2     sing N N 3   
ALA CA    C      sing N N 4   
ALA CA    CB     sing N N 5   
ALA CA    HA     sing N N 6   
ALA C     O      doub N N 7   
ALA C     OXT    sing N N 8   
ALA CB    HB1    sing N N 9   
ALA CB    HB2    sing N N 10  
ALA CB    HB3    sing N N 11  
ALA OXT   HXT    sing N N 12  
ARG N     CA     sing N N 13  
ARG N     H      sing N N 14  
ARG N     H2     sing N N 15  
ARG CA    C      sing N N 16  
ARG CA    CB     sing N N 17  
ARG CA    HA     sing N N 18  
ARG C     O      doub N N 19  
ARG C     OXT    sing N N 20  
ARG CB    CG     sing N N 21  
ARG CB    HB2    sing N N 22  
ARG CB    HB3    sing N N 23  
ARG CG    CD     sing N N 24  
ARG CG    HG2    sing N N 25  
ARG CG    HG3    sing N N 26  
ARG CD    NE     sing N N 27  
ARG CD    HD2    sing N N 28  
ARG CD    HD3    sing N N 29  
ARG NE    CZ     sing N N 30  
ARG NE    HE     sing N N 31  
ARG CZ    NH1    sing N N 32  
ARG CZ    NH2    doub N N 33  
ARG NH1   HH11   sing N N 34  
ARG NH1   HH12   sing N N 35  
ARG NH2   HH21   sing N N 36  
ARG NH2   HH22   sing N N 37  
ARG OXT   HXT    sing N N 38  
ASN N     CA     sing N N 39  
ASN N     H      sing N N 40  
ASN N     H2     sing N N 41  
ASN CA    C      sing N N 42  
ASN CA    CB     sing N N 43  
ASN CA    HA     sing N N 44  
ASN C     O      doub N N 45  
ASN C     OXT    sing N N 46  
ASN CB    CG     sing N N 47  
ASN CB    HB2    sing N N 48  
ASN CB    HB3    sing N N 49  
ASN CG    OD1    doub N N 50  
ASN CG    ND2    sing N N 51  
ASN ND2   HD21   sing N N 52  
ASN ND2   HD22   sing N N 53  
ASN OXT   HXT    sing N N 54  
ASP N     CA     sing N N 55  
ASP N     H      sing N N 56  
ASP N     H2     sing N N 57  
ASP CA    C      sing N N 58  
ASP CA    CB     sing N N 59  
ASP CA    HA     sing N N 60  
ASP C     O      doub N N 61  
ASP C     OXT    sing N N 62  
ASP CB    CG     sing N N 63  
ASP CB    HB2    sing N N 64  
ASP CB    HB3    sing N N 65  
ASP CG    OD1    doub N N 66  
ASP CG    OD2    sing N N 67  
ASP OD2   HD2    sing N N 68  
ASP OXT   HXT    sing N N 69  
CYS N     CA     sing N N 70  
CYS N     H      sing N N 71  
CYS N     H2     sing N N 72  
CYS CA    C      sing N N 73  
CYS CA    CB     sing N N 74  
CYS CA    HA     sing N N 75  
CYS C     O      doub N N 76  
CYS C     OXT    sing N N 77  
CYS CB    SG     sing N N 78  
CYS CB    HB2    sing N N 79  
CYS CB    HB3    sing N N 80  
CYS SG    HG     sing N N 81  
CYS OXT   HXT    sing N N 82  
GLN N     CA     sing N N 83  
GLN N     H      sing N N 84  
GLN N     H2     sing N N 85  
GLN CA    C      sing N N 86  
GLN CA    CB     sing N N 87  
GLN CA    HA     sing N N 88  
GLN C     O      doub N N 89  
GLN C     OXT    sing N N 90  
GLN CB    CG     sing N N 91  
GLN CB    HB2    sing N N 92  
GLN CB    HB3    sing N N 93  
GLN CG    CD     sing N N 94  
GLN CG    HG2    sing N N 95  
GLN CG    HG3    sing N N 96  
GLN CD    OE1    doub N N 97  
GLN CD    NE2    sing N N 98  
GLN NE2   HE21   sing N N 99  
GLN NE2   HE22   sing N N 100 
GLN OXT   HXT    sing N N 101 
GLU N     CA     sing N N 102 
GLU N     H      sing N N 103 
GLU N     H2     sing N N 104 
GLU CA    C      sing N N 105 
GLU CA    CB     sing N N 106 
GLU CA    HA     sing N N 107 
GLU C     O      doub N N 108 
GLU C     OXT    sing N N 109 
GLU CB    CG     sing N N 110 
GLU CB    HB2    sing N N 111 
GLU CB    HB3    sing N N 112 
GLU CG    CD     sing N N 113 
GLU CG    HG2    sing N N 114 
GLU CG    HG3    sing N N 115 
GLU CD    OE1    doub N N 116 
GLU CD    OE2    sing N N 117 
GLU OE2   HE2    sing N N 118 
GLU OXT   HXT    sing N N 119 
GLY N     CA     sing N N 120 
GLY N     H      sing N N 121 
GLY N     H2     sing N N 122 
GLY CA    C      sing N N 123 
GLY CA    HA2    sing N N 124 
GLY CA    HA3    sing N N 125 
GLY C     O      doub N N 126 
GLY C     OXT    sing N N 127 
GLY OXT   HXT    sing N N 128 
HIS N     CA     sing N N 129 
HIS N     H      sing N N 130 
HIS N     H2     sing N N 131 
HIS CA    C      sing N N 132 
HIS CA    CB     sing N N 133 
HIS CA    HA     sing N N 134 
HIS C     O      doub N N 135 
HIS C     OXT    sing N N 136 
HIS CB    CG     sing N N 137 
HIS CB    HB2    sing N N 138 
HIS CB    HB3    sing N N 139 
HIS CG    ND1    sing Y N 140 
HIS CG    CD2    doub Y N 141 
HIS ND1   CE1    doub Y N 142 
HIS ND1   HD1    sing N N 143 
HIS CD2   NE2    sing Y N 144 
HIS CD2   HD2    sing N N 145 
HIS CE1   NE2    sing Y N 146 
HIS CE1   HE1    sing N N 147 
HIS NE2   HE2    sing N N 148 
HIS OXT   HXT    sing N N 149 
HOH O     H1     sing N N 150 
HOH O     H2     sing N N 151 
ILE N     CA     sing N N 152 
ILE N     H      sing N N 153 
ILE N     H2     sing N N 154 
ILE CA    C      sing N N 155 
ILE CA    CB     sing N N 156 
ILE CA    HA     sing N N 157 
ILE C     O      doub N N 158 
ILE C     OXT    sing N N 159 
ILE CB    CG1    sing N N 160 
ILE CB    CG2    sing N N 161 
ILE CB    HB     sing N N 162 
ILE CG1   CD1    sing N N 163 
ILE CG1   HG12   sing N N 164 
ILE CG1   HG13   sing N N 165 
ILE CG2   HG21   sing N N 166 
ILE CG2   HG22   sing N N 167 
ILE CG2   HG23   sing N N 168 
ILE CD1   HD11   sing N N 169 
ILE CD1   HD12   sing N N 170 
ILE CD1   HD13   sing N N 171 
ILE OXT   HXT    sing N N 172 
LEU N     CA     sing N N 173 
LEU N     H      sing N N 174 
LEU N     H2     sing N N 175 
LEU CA    C      sing N N 176 
LEU CA    CB     sing N N 177 
LEU CA    HA     sing N N 178 
LEU C     O      doub N N 179 
LEU C     OXT    sing N N 180 
LEU CB    CG     sing N N 181 
LEU CB    HB2    sing N N 182 
LEU CB    HB3    sing N N 183 
LEU CG    CD1    sing N N 184 
LEU CG    CD2    sing N N 185 
LEU CG    HG     sing N N 186 
LEU CD1   HD11   sing N N 187 
LEU CD1   HD12   sing N N 188 
LEU CD1   HD13   sing N N 189 
LEU CD2   HD21   sing N N 190 
LEU CD2   HD22   sing N N 191 
LEU CD2   HD23   sing N N 192 
LEU OXT   HXT    sing N N 193 
LYS N     CA     sing N N 194 
LYS N     H      sing N N 195 
LYS N     H2     sing N N 196 
LYS CA    C      sing N N 197 
LYS CA    CB     sing N N 198 
LYS CA    HA     sing N N 199 
LYS C     O      doub N N 200 
LYS C     OXT    sing N N 201 
LYS CB    CG     sing N N 202 
LYS CB    HB2    sing N N 203 
LYS CB    HB3    sing N N 204 
LYS CG    CD     sing N N 205 
LYS CG    HG2    sing N N 206 
LYS CG    HG3    sing N N 207 
LYS CD    CE     sing N N 208 
LYS CD    HD2    sing N N 209 
LYS CD    HD3    sing N N 210 
LYS CE    NZ     sing N N 211 
LYS CE    HE2    sing N N 212 
LYS CE    HE3    sing N N 213 
LYS NZ    HZ1    sing N N 214 
LYS NZ    HZ2    sing N N 215 
LYS NZ    HZ3    sing N N 216 
LYS OXT   HXT    sing N N 217 
MET N     CA     sing N N 218 
MET N     H      sing N N 219 
MET N     H2     sing N N 220 
MET CA    C      sing N N 221 
MET CA    CB     sing N N 222 
MET CA    HA     sing N N 223 
MET C     O      doub N N 224 
MET C     OXT    sing N N 225 
MET CB    CG     sing N N 226 
MET CB    HB2    sing N N 227 
MET CB    HB3    sing N N 228 
MET CG    SD     sing N N 229 
MET CG    HG2    sing N N 230 
MET CG    HG3    sing N N 231 
MET SD    CE     sing N N 232 
MET CE    HE1    sing N N 233 
MET CE    HE2    sing N N 234 
MET CE    HE3    sing N N 235 
MET OXT   HXT    sing N N 236 
PHE N     CA     sing N N 237 
PHE N     H      sing N N 238 
PHE N     H2     sing N N 239 
PHE CA    C      sing N N 240 
PHE CA    CB     sing N N 241 
PHE CA    HA     sing N N 242 
PHE C     O      doub N N 243 
PHE C     OXT    sing N N 244 
PHE CB    CG     sing N N 245 
PHE CB    HB2    sing N N 246 
PHE CB    HB3    sing N N 247 
PHE CG    CD1    doub Y N 248 
PHE CG    CD2    sing Y N 249 
PHE CD1   CE1    sing Y N 250 
PHE CD1   HD1    sing N N 251 
PHE CD2   CE2    doub Y N 252 
PHE CD2   HD2    sing N N 253 
PHE CE1   CZ     doub Y N 254 
PHE CE1   HE1    sing N N 255 
PHE CE2   CZ     sing Y N 256 
PHE CE2   HE2    sing N N 257 
PHE CZ    HZ     sing N N 258 
PHE OXT   HXT    sing N N 259 
PRO N     CA     sing N N 260 
PRO N     CD     sing N N 261 
PRO N     H      sing N N 262 
PRO CA    C      sing N N 263 
PRO CA    CB     sing N N 264 
PRO CA    HA     sing N N 265 
PRO C     O      doub N N 266 
PRO C     OXT    sing N N 267 
PRO CB    CG     sing N N 268 
PRO CB    HB2    sing N N 269 
PRO CB    HB3    sing N N 270 
PRO CG    CD     sing N N 271 
PRO CG    HG2    sing N N 272 
PRO CG    HG3    sing N N 273 
PRO CD    HD2    sing N N 274 
PRO CD    HD3    sing N N 275 
PRO OXT   HXT    sing N N 276 
SER N     CA     sing N N 277 
SER N     H      sing N N 278 
SER N     H2     sing N N 279 
SER CA    C      sing N N 280 
SER CA    CB     sing N N 281 
SER CA    HA     sing N N 282 
SER C     O      doub N N 283 
SER C     OXT    sing N N 284 
SER CB    OG     sing N N 285 
SER CB    HB2    sing N N 286 
SER CB    HB3    sing N N 287 
SER OG    HG     sing N N 288 
SER OXT   HXT    sing N N 289 
THR N     CA     sing N N 290 
THR N     H      sing N N 291 
THR N     H2     sing N N 292 
THR CA    C      sing N N 293 
THR CA    CB     sing N N 294 
THR CA    HA     sing N N 295 
THR C     O      doub N N 296 
THR C     OXT    sing N N 297 
THR CB    OG1    sing N N 298 
THR CB    CG2    sing N N 299 
THR CB    HB     sing N N 300 
THR OG1   HG1    sing N N 301 
THR CG2   HG21   sing N N 302 
THR CG2   HG22   sing N N 303 
THR CG2   HG23   sing N N 304 
THR OXT   HXT    sing N N 305 
TRP N     CA     sing N N 306 
TRP N     H      sing N N 307 
TRP N     H2     sing N N 308 
TRP CA    C      sing N N 309 
TRP CA    CB     sing N N 310 
TRP CA    HA     sing N N 311 
TRP C     O      doub N N 312 
TRP C     OXT    sing N N 313 
TRP CB    CG     sing N N 314 
TRP CB    HB2    sing N N 315 
TRP CB    HB3    sing N N 316 
TRP CG    CD1    doub Y N 317 
TRP CG    CD2    sing Y N 318 
TRP CD1   NE1    sing Y N 319 
TRP CD1   HD1    sing N N 320 
TRP CD2   CE2    doub Y N 321 
TRP CD2   CE3    sing Y N 322 
TRP NE1   CE2    sing Y N 323 
TRP NE1   HE1    sing N N 324 
TRP CE2   CZ2    sing Y N 325 
TRP CE3   CZ3    doub Y N 326 
TRP CE3   HE3    sing N N 327 
TRP CZ2   CH2    doub Y N 328 
TRP CZ2   HZ2    sing N N 329 
TRP CZ3   CH2    sing Y N 330 
TRP CZ3   HZ3    sing N N 331 
TRP CH2   HH2    sing N N 332 
TRP OXT   HXT    sing N N 333 
TYR N     CA     sing N N 334 
TYR N     H      sing N N 335 
TYR N     H2     sing N N 336 
TYR CA    C      sing N N 337 
TYR CA    CB     sing N N 338 
TYR CA    HA     sing N N 339 
TYR C     O      doub N N 340 
TYR C     OXT    sing N N 341 
TYR CB    CG     sing N N 342 
TYR CB    HB2    sing N N 343 
TYR CB    HB3    sing N N 344 
TYR CG    CD1    doub Y N 345 
TYR CG    CD2    sing Y N 346 
TYR CD1   CE1    sing Y N 347 
TYR CD1   HD1    sing N N 348 
TYR CD2   CE2    doub Y N 349 
TYR CD2   HD2    sing N N 350 
TYR CE1   CZ     doub Y N 351 
TYR CE1   HE1    sing N N 352 
TYR CE2   CZ     sing Y N 353 
TYR CE2   HE2    sing N N 354 
TYR CZ    OH     sing N N 355 
TYR OH    HH     sing N N 356 
TYR OXT   HXT    sing N N 357 
UTP PA    O1A    doub N N 358 
UTP PA    O2A    sing N N 359 
UTP PA    O3A    sing N N 360 
UTP PA    "O5'"  sing N N 361 
UTP O2A   H2A    sing N N 362 
UTP O3A   PB     sing N N 363 
UTP "O5'" "C5'"  sing N N 364 
UTP PB    O1B    sing N N 365 
UTP PB    O2B    doub N N 366 
UTP PB    O3B    sing N N 367 
UTP O1B   H1B    sing N N 368 
UTP O3B   PG     sing N N 369 
UTP PG    O1G    sing N N 370 
UTP PG    O2G    doub N N 371 
UTP PG    O3G    sing N N 372 
UTP O1G   H1G    sing N N 373 
UTP O3G   H3G    sing N N 374 
UTP "C5'" "C4'"  sing N N 375 
UTP "C5'" "H5'1" sing N N 376 
UTP "C5'" "H5'2" sing N N 377 
UTP "C4'" "O4'"  sing N N 378 
UTP "C4'" "C3'"  sing N N 379 
UTP "C4'" "H4'"  sing N N 380 
UTP "O4'" "C1'"  sing N N 381 
UTP "C1'" "C2'"  sing N N 382 
UTP "C1'" N1     sing N N 383 
UTP "C1'" "H1'"  sing N N 384 
UTP "C2'" "O2'"  sing N N 385 
UTP "C2'" "C3'"  sing N N 386 
UTP "C2'" "H2'"  sing N N 387 
UTP "O2'" HA     sing N N 388 
UTP "C3'" "O3'"  sing N N 389 
UTP "C3'" "H3'"  sing N N 390 
UTP "O3'" HB     sing N N 391 
UTP N1    C6     sing Y N 392 
UTP N1    C2     sing Y N 393 
UTP C6    C5     doub Y N 394 
UTP C6    H6     sing N N 395 
UTP C2    O2     doub N N 396 
UTP C2    N3     sing Y N 397 
UTP N3    C4     sing Y N 398 
UTP N3    H3     sing N N 399 
UTP C4    O4     doub N N 400 
UTP C4    C5     sing Y N 401 
UTP C5    H5     sing N N 402 
VAL N     CA     sing N N 403 
VAL N     H      sing N N 404 
VAL N     H2     sing N N 405 
VAL CA    C      sing N N 406 
VAL CA    CB     sing N N 407 
VAL CA    HA     sing N N 408 
VAL C     O      doub N N 409 
VAL C     OXT    sing N N 410 
VAL CB    CG1    sing N N 411 
VAL CB    CG2    sing N N 412 
VAL CB    HB     sing N N 413 
VAL CG1   HG11   sing N N 414 
VAL CG1   HG12   sing N N 415 
VAL CG1   HG13   sing N N 416 
VAL CG2   HG21   sing N N 417 
VAL CG2   HG22   sing N N 418 
VAL CG2   HG23   sing N N 419 
VAL OXT   HXT    sing N N 420 
# 
_pdbx_audit_support.funding_organization   'National Institutes of Health/National Human Genome Research Institute (NIH/NHGRI)' 
_pdbx_audit_support.country                'United States' 
_pdbx_audit_support.grant_number           R01GM112940 
_pdbx_audit_support.ordinal                1 
# 
_pdbx_entity_instance_feature.ordinal        1 
_pdbx_entity_instance_feature.comp_id        UTP 
_pdbx_entity_instance_feature.asym_id        ? 
_pdbx_entity_instance_feature.seq_num        ? 
_pdbx_entity_instance_feature.auth_comp_id   UTP 
_pdbx_entity_instance_feature.auth_asym_id   ? 
_pdbx_entity_instance_feature.auth_seq_num   ? 
_pdbx_entity_instance_feature.feature_type   'SUBJECT OF INVESTIGATION' 
_pdbx_entity_instance_feature.details        ? 
# 
loop_
_pdbx_entity_nonpoly.entity_id 
_pdbx_entity_nonpoly.name 
_pdbx_entity_nonpoly.comp_id 
2 
;URIDINE 5'-TRIPHOSPHATE
;
UTP 
3 water                     HOH 
# 
_pdbx_initial_refinement_model.id               1 
_pdbx_initial_refinement_model.entity_id_list   ? 
_pdbx_initial_refinement_model.type             'experimental model' 
_pdbx_initial_refinement_model.source_name      PDB 
_pdbx_initial_refinement_model.accession_code   4S2Y 
_pdbx_initial_refinement_model.details          ? 
# 
_pdbx_struct_assembly_auth_evidence.id                     1 
_pdbx_struct_assembly_auth_evidence.assembly_id            1 
_pdbx_struct_assembly_auth_evidence.experimental_support   'gel filtration' 
_pdbx_struct_assembly_auth_evidence.details                ? 
# 
_space_group.name_H-M_alt     'C 1 2 1' 
_space_group.name_Hall        'C 2y' 
_space_group.IT_number        5 
_space_group.crystal_system   monoclinic 
_space_group.id               1 
# 
